data_7OZ4
#
_entry.id   7OZ4
#
_cell.length_a   1.00
_cell.length_b   1.00
_cell.length_c   1.00
_cell.angle_alpha   90.00
_cell.angle_beta   90.00
_cell.angle_gamma   90.00
#
_symmetry.space_group_name_H-M   'P 1'
#
_entity_poly.entity_id   1
_entity_poly.type   'polypeptide(L)'
_entity_poly.pdbx_seq_one_letter_code
;MRNDTRRLFAAYKAAIAKLNGVERVDEKFSVAPSVQQKLETKVQESSDFLKSINFYGVPEQEGEKIGLGVSGPVASTTDT
TQQDRETSDISTMDGRRYRCEQTNSDTHITYQKLDAWAKFADFQTRIRDAIIKRQALDRIMIGFNGVSRAATSDRVANPM
LQDVNKGWLQNLREQAPQRVMKEGKAAAGKITVGGAGADYGNLDALVYDITNHLVEPWYAEDPDLVVVCGRNLLSDKYFP
LVNRDRDPVQQIAADLIISQKRIGNLPAIRVPYFPANGLLVTRLDNLSIYYQEGGRRRTILDNAKRDRIENYESSNDAYV
IEDLACAAMAENIALAAAA
;
_entity_poly.pdbx_strand_id   A,G,F,B,E,C,D
#
# COMPACT_ATOMS: atom_id res chain seq x y z
N VAL A 31 20.05 64.46 15.65
CA VAL A 31 19.66 64.32 17.04
C VAL A 31 18.87 63.04 17.23
N ALA A 32 18.63 62.34 16.13
CA ALA A 32 17.89 61.10 16.20
C ALA A 32 18.83 59.91 16.14
N PRO A 33 18.53 58.84 16.87
CA PRO A 33 19.43 57.67 16.86
C PRO A 33 19.53 57.07 15.47
N SER A 34 20.72 56.57 15.15
CA SER A 34 20.96 55.98 13.84
C SER A 34 20.45 54.55 13.84
N VAL A 35 19.44 54.29 13.01
CA VAL A 35 18.86 52.95 12.95
C VAL A 35 19.88 52.01 12.32
N GLN A 36 20.39 51.08 13.11
CA GLN A 36 21.37 50.14 12.58
C GLN A 36 20.69 49.14 11.65
N GLN A 37 21.30 48.90 10.49
CA GLN A 37 20.69 48.12 9.43
C GLN A 37 21.61 46.99 8.99
N LYS A 38 21.07 45.79 8.92
CA LYS A 38 21.75 44.63 8.37
C LYS A 38 21.02 44.18 7.12
N LEU A 39 21.78 43.58 6.20
CA LEU A 39 21.23 43.21 4.90
C LEU A 39 21.15 41.69 4.81
N GLU A 40 19.96 41.19 4.52
CA GLU A 40 19.73 39.77 4.30
C GLU A 40 18.85 39.62 3.07
N THR A 41 19.17 38.65 2.22
CA THR A 41 18.38 38.46 1.01
C THR A 41 17.00 37.90 1.33
N LYS A 42 15.99 38.43 0.66
CA LYS A 42 14.67 37.81 0.69
C LYS A 42 14.74 36.52 -0.13
N VAL A 43 14.86 35.39 0.55
CA VAL A 43 15.09 34.13 -0.12
C VAL A 43 13.87 33.76 -0.96
N GLN A 44 14.11 33.21 -2.14
CA GLN A 44 13.07 32.82 -3.06
C GLN A 44 13.05 31.30 -3.22
N GLU A 45 11.98 30.80 -3.84
CA GLU A 45 11.81 29.37 -3.99
C GLU A 45 13.02 28.75 -4.69
N SER A 46 13.50 27.65 -4.13
CA SER A 46 14.61 26.94 -4.73
C SER A 46 14.20 26.34 -6.08
N SER A 47 15.12 26.40 -7.04
CA SER A 47 14.86 25.98 -8.41
C SER A 47 15.74 24.80 -8.81
N ASP A 48 15.94 23.85 -7.89
CA ASP A 48 16.69 22.66 -8.24
C ASP A 48 15.93 21.77 -9.21
N PHE A 49 14.62 22.01 -9.37
CA PHE A 49 13.86 21.31 -10.40
C PHE A 49 14.54 21.50 -11.76
N LEU A 50 15.10 22.68 -12.01
CA LEU A 50 15.89 22.86 -13.22
C LEU A 50 17.10 21.95 -13.23
N LYS A 51 17.73 21.72 -12.08
CA LYS A 51 18.85 20.78 -12.05
C LYS A 51 18.40 19.40 -12.50
N SER A 52 17.16 19.05 -12.21
CA SER A 52 16.62 17.79 -12.74
C SER A 52 16.41 17.87 -14.25
N ILE A 53 15.92 19.01 -14.74
CA ILE A 53 15.65 19.16 -16.17
C ILE A 53 16.93 19.03 -16.98
N ASN A 54 16.78 18.65 -18.25
CA ASN A 54 17.91 18.65 -19.16
C ASN A 54 18.01 20.00 -19.87
N PHE A 55 19.23 20.42 -20.17
CA PHE A 55 19.48 21.60 -20.97
C PHE A 55 20.25 21.18 -22.22
N TYR A 56 19.85 21.69 -23.38
CA TYR A 56 20.61 21.45 -24.59
C TYR A 56 20.78 22.75 -25.35
N GLY A 57 22.00 23.01 -25.79
CA GLY A 57 22.29 24.19 -26.59
C GLY A 57 22.15 23.94 -28.07
N VAL A 58 20.92 23.79 -28.54
CA VAL A 58 20.73 23.52 -29.97
C VAL A 58 21.36 24.66 -30.77
N PRO A 59 22.03 24.38 -31.88
CA PRO A 59 22.62 25.46 -32.68
C PRO A 59 21.70 26.04 -33.75
N GLU A 60 20.45 25.59 -33.85
CA GLU A 60 19.55 26.06 -34.88
C GLU A 60 18.18 26.35 -34.29
N GLN A 61 17.63 27.50 -34.65
CA GLN A 61 16.30 27.88 -34.20
C GLN A 61 15.25 27.16 -35.04
N GLU A 62 14.08 26.91 -34.45
CA GLU A 62 13.03 26.10 -35.06
C GLU A 62 13.58 24.74 -35.49
N GLY A 63 13.93 23.93 -34.49
CA GLY A 63 14.26 22.54 -34.71
C GLY A 63 13.03 21.67 -34.81
N GLU A 64 13.25 20.38 -35.01
CA GLU A 64 12.16 19.43 -35.15
C GLU A 64 12.70 18.04 -34.93
N LYS A 65 11.91 17.21 -34.25
CA LYS A 65 12.28 15.83 -33.95
C LYS A 65 11.51 14.91 -34.88
N ILE A 66 12.25 14.07 -35.61
CA ILE A 66 11.63 13.09 -36.49
C ILE A 66 11.42 11.81 -35.69
N GLY A 67 10.16 11.49 -35.42
CA GLY A 67 9.82 10.26 -34.74
C GLY A 67 9.73 9.10 -35.70
N LEU A 68 10.78 8.29 -35.72
CA LEU A 68 10.79 7.07 -36.52
C LEU A 68 9.85 6.04 -35.93
N GLY A 69 9.20 5.28 -36.81
CA GLY A 69 8.27 4.28 -36.34
C GLY A 69 8.01 3.21 -37.37
N VAL A 70 7.70 2.01 -36.88
CA VAL A 70 7.43 0.86 -37.71
C VAL A 70 6.01 0.38 -37.44
N SER A 71 5.11 1.32 -37.16
CA SER A 71 3.73 0.99 -36.83
C SER A 71 3.12 -0.02 -37.79
N GLY A 72 2.78 -1.19 -37.28
CA GLY A 72 2.20 -2.24 -38.09
C GLY A 72 3.05 -3.49 -38.09
N PRO A 73 2.42 -4.64 -38.19
CA PRO A 73 3.15 -5.91 -38.28
C PRO A 73 3.75 -6.08 -39.67
N VAL A 74 4.71 -6.99 -39.75
CA VAL A 74 5.34 -7.27 -41.03
C VAL A 74 5.11 -8.73 -41.40
N ALA A 75 4.89 -9.57 -40.40
CA ALA A 75 4.81 -11.00 -40.64
C ALA A 75 3.51 -11.36 -41.36
N SER A 76 3.61 -12.34 -42.24
CA SER A 76 2.46 -12.97 -42.88
C SER A 76 2.91 -14.31 -43.43
N THR A 77 2.05 -14.99 -44.15
CA THR A 77 2.33 -16.35 -44.58
C THR A 77 1.87 -16.59 -46.02
N THR A 78 2.18 -15.66 -46.91
CA THR A 78 1.69 -15.76 -48.28
C THR A 78 2.14 -17.06 -48.93
N ASP A 79 1.22 -17.67 -49.68
CA ASP A 79 1.46 -18.97 -50.32
C ASP A 79 2.45 -18.78 -51.44
N THR A 80 3.72 -19.09 -51.16
CA THR A 80 4.79 -18.69 -52.07
C THR A 80 4.71 -19.42 -53.40
N THR A 81 4.06 -20.59 -53.44
CA THR A 81 3.97 -21.33 -54.69
C THR A 81 3.02 -20.67 -55.67
N GLN A 82 1.84 -20.27 -55.21
CA GLN A 82 0.86 -19.65 -56.10
C GLN A 82 0.95 -18.14 -56.09
N GLN A 83 1.59 -17.56 -55.08
CA GLN A 83 1.61 -16.12 -54.92
C GLN A 83 3.05 -15.67 -54.71
N ASP A 84 3.28 -14.37 -54.72
CA ASP A 84 4.58 -13.77 -54.49
C ASP A 84 4.61 -13.18 -53.09
N ARG A 85 5.80 -12.86 -52.61
CA ARG A 85 5.99 -12.26 -51.29
C ARG A 85 6.15 -10.76 -51.46
N GLU A 86 5.03 -10.07 -51.67
CA GLU A 86 5.09 -8.62 -51.87
C GLU A 86 5.52 -7.97 -50.57
N THR A 87 6.50 -7.08 -50.67
CA THR A 87 7.08 -6.46 -49.50
C THR A 87 6.24 -5.28 -49.03
N SER A 88 6.26 -5.00 -47.73
CA SER A 88 5.47 -3.92 -47.15
C SER A 88 6.39 -2.85 -46.58
N ASP A 89 6.12 -1.59 -46.92
CA ASP A 89 6.92 -0.46 -46.46
C ASP A 89 6.55 -0.19 -45.01
N ILE A 90 7.24 -0.87 -44.10
CA ILE A 90 6.94 -0.75 -42.68
C ILE A 90 7.81 0.38 -42.14
N SER A 91 7.33 1.61 -42.32
CA SER A 91 7.98 2.77 -41.71
C SER A 91 6.97 3.90 -41.64
N THR A 92 6.43 4.13 -40.44
CA THR A 92 5.58 5.28 -40.16
C THR A 92 6.41 6.24 -39.35
N MET A 93 6.80 7.36 -39.95
CA MET A 93 7.78 8.27 -39.35
C MET A 93 7.23 9.69 -39.40
N ASP A 94 7.03 10.29 -38.23
CA ASP A 94 6.45 11.62 -38.12
C ASP A 94 7.42 12.60 -37.48
N GLY A 95 6.95 13.79 -37.10
CA GLY A 95 7.85 14.77 -36.52
C GLY A 95 7.15 15.71 -35.55
N ARG A 96 7.96 16.38 -34.74
CA ARG A 96 7.47 17.36 -33.77
C ARG A 96 8.32 18.62 -33.89
N ARG A 97 7.66 19.75 -34.13
CA ARG A 97 8.33 21.02 -34.38
C ARG A 97 8.44 21.78 -33.06
N TYR A 98 9.65 22.16 -32.68
CA TYR A 98 9.88 23.04 -31.55
C TYR A 98 10.64 24.27 -32.00
N ARG A 99 10.21 25.43 -31.52
CA ARG A 99 10.72 26.71 -31.99
C ARG A 99 11.59 27.29 -30.88
N CYS A 100 12.90 27.34 -31.11
CA CYS A 100 13.80 27.89 -30.11
C CYS A 100 13.64 29.40 -30.10
N GLU A 101 12.55 29.88 -29.53
CA GLU A 101 12.18 31.28 -29.65
C GLU A 101 12.80 32.12 -28.53
N GLN A 102 12.97 33.41 -28.80
CA GLN A 102 13.67 34.33 -27.90
C GLN A 102 12.77 34.79 -26.76
N THR A 103 13.18 34.53 -25.53
CA THR A 103 12.60 35.14 -24.35
C THR A 103 13.53 36.27 -23.92
N ASN A 104 12.98 37.20 -23.15
CA ASN A 104 13.52 38.56 -23.11
C ASN A 104 13.46 39.13 -21.71
N SER A 105 14.52 38.92 -20.93
CA SER A 105 14.66 39.50 -19.61
C SER A 105 15.53 40.74 -19.66
N ASP A 106 15.39 41.59 -18.64
CA ASP A 106 16.13 42.84 -18.57
C ASP A 106 15.89 43.50 -17.24
N THR A 107 16.89 44.23 -16.76
CA THR A 107 16.80 44.88 -15.47
C THR A 107 17.73 46.09 -15.42
N HIS A 108 17.28 47.15 -14.79
CA HIS A 108 18.08 48.36 -14.71
C HIS A 108 18.18 48.82 -13.26
N ILE A 109 19.37 49.27 -12.88
CA ILE A 109 19.64 49.77 -11.55
C ILE A 109 20.07 51.22 -11.70
N THR A 110 19.25 52.14 -11.23
CA THR A 110 19.63 53.55 -11.32
C THR A 110 20.85 53.79 -10.44
N TYR A 111 21.74 54.65 -10.91
CA TYR A 111 22.93 54.96 -10.12
C TYR A 111 22.55 55.51 -8.77
N GLN A 112 21.48 56.29 -8.72
CA GLN A 112 20.98 56.82 -7.45
C GLN A 112 20.68 55.70 -6.48
N LYS A 113 19.91 54.71 -6.91
CA LYS A 113 19.54 53.60 -6.03
C LYS A 113 20.76 52.78 -5.64
N LEU A 114 21.68 52.56 -6.58
CA LEU A 114 22.85 51.76 -6.27
C LEU A 114 23.78 52.53 -5.33
N ASP A 115 23.86 53.84 -5.48
CA ASP A 115 24.69 54.63 -4.56
C ASP A 115 24.01 54.77 -3.21
N ALA A 116 22.69 54.98 -3.21
CA ALA A 116 21.98 55.26 -1.97
C ALA A 116 22.15 54.12 -0.97
N TRP A 117 22.27 52.89 -1.47
CA TRP A 117 22.50 51.74 -0.61
C TRP A 117 23.91 51.19 -0.76
N ALA A 118 24.87 52.01 -1.13
CA ALA A 118 26.25 51.54 -1.20
C ALA A 118 26.84 51.28 0.17
N LYS A 119 26.11 51.65 1.23
CA LYS A 119 26.53 51.29 2.58
C LYS A 119 26.77 49.79 2.71
N PHE A 120 26.00 48.98 1.99
CA PHE A 120 26.17 47.54 1.97
C PHE A 120 27.15 47.21 0.85
N ALA A 121 28.35 46.75 1.22
CA ALA A 121 29.34 46.44 0.20
C ALA A 121 28.85 45.36 -0.75
N ASP A 122 28.20 44.33 -0.21
CA ASP A 122 27.72 43.21 -1.00
C ASP A 122 26.34 43.43 -1.58
N PHE A 123 25.91 44.69 -1.72
CA PHE A 123 24.59 44.97 -2.26
C PHE A 123 24.47 44.52 -3.71
N GLN A 124 25.49 44.82 -4.52
CA GLN A 124 25.43 44.47 -5.93
C GLN A 124 25.43 42.96 -6.14
N THR A 125 26.25 42.23 -5.39
CA THR A 125 26.28 40.78 -5.55
C THR A 125 24.96 40.17 -5.14
N ARG A 126 24.38 40.61 -4.02
CA ARG A 126 23.12 40.03 -3.57
C ARG A 126 21.99 40.39 -4.53
N ILE A 127 21.95 41.62 -5.03
CA ILE A 127 20.86 41.98 -5.93
C ILE A 127 20.97 41.19 -7.23
N ARG A 128 22.19 40.98 -7.71
CA ARG A 128 22.34 40.22 -8.96
C ARG A 128 22.00 38.75 -8.75
N ASP A 129 22.41 38.16 -7.63
CA ASP A 129 22.09 36.76 -7.40
C ASP A 129 20.59 36.58 -7.21
N ALA A 130 19.93 37.54 -6.56
CA ALA A 130 18.47 37.47 -6.45
C ALA A 130 17.81 37.53 -7.82
N ILE A 131 18.30 38.41 -8.69
CA ILE A 131 17.75 38.49 -10.03
C ILE A 131 17.98 37.18 -10.77
N ILE A 132 19.15 36.56 -10.61
CA ILE A 132 19.44 35.32 -11.31
C ILE A 132 18.51 34.20 -10.85
N LYS A 133 18.34 34.07 -9.53
CA LYS A 133 17.46 33.02 -9.02
C LYS A 133 16.03 33.23 -9.50
N ARG A 134 15.56 34.48 -9.53
CA ARG A 134 14.22 34.73 -10.01
C ARG A 134 14.09 34.41 -11.50
N GLN A 135 15.17 34.57 -12.27
CA GLN A 135 15.12 34.16 -13.67
C GLN A 135 14.95 32.66 -13.80
N ALA A 136 15.64 31.89 -12.95
CA ALA A 136 15.45 30.45 -12.99
C ALA A 136 14.02 30.09 -12.65
N LEU A 137 13.48 30.71 -11.59
CA LEU A 137 12.07 30.50 -11.27
C LEU A 137 11.18 30.88 -12.43
N ASP A 138 11.55 31.92 -13.19
CA ASP A 138 10.73 32.33 -14.31
C ASP A 138 10.82 31.33 -15.45
N ARG A 139 11.98 30.71 -15.64
CA ARG A 139 12.07 29.60 -16.59
C ARG A 139 11.05 28.53 -16.23
N ILE A 140 11.00 28.15 -14.95
CA ILE A 140 10.04 27.14 -14.52
C ILE A 140 8.62 27.62 -14.79
N MET A 141 8.36 28.88 -14.47
CA MET A 141 7.01 29.43 -14.56
C MET A 141 6.53 29.43 -16.00
N ILE A 142 7.42 29.75 -16.94
CA ILE A 142 7.08 29.67 -18.36
C ILE A 142 6.86 28.22 -18.76
N GLY A 143 7.72 27.32 -18.30
CA GLY A 143 7.59 25.94 -18.70
C GLY A 143 6.28 25.31 -18.30
N PHE A 144 5.69 25.80 -17.22
CA PHE A 144 4.43 25.23 -16.78
C PHE A 144 3.22 26.13 -17.00
N ASN A 145 3.41 27.43 -17.20
CA ASN A 145 2.29 28.35 -17.39
C ASN A 145 2.14 28.82 -18.82
N GLY A 146 3.23 29.16 -19.48
CA GLY A 146 3.16 29.80 -20.78
C GLY A 146 2.33 29.04 -21.78
N VAL A 147 1.41 29.73 -22.45
CA VAL A 147 0.50 29.05 -23.35
C VAL A 147 0.57 29.64 -24.75
N SER A 148 0.94 30.91 -24.86
CA SER A 148 0.82 31.59 -26.16
C SER A 148 1.75 32.79 -26.16
N ARG A 149 2.81 32.73 -26.95
CA ARG A 149 3.67 33.89 -27.07
C ARG A 149 3.04 34.98 -27.93
N ALA A 150 2.48 35.99 -27.28
CA ALA A 150 2.13 37.19 -28.03
C ALA A 150 3.40 37.97 -28.35
N ALA A 151 3.34 38.74 -29.44
CA ALA A 151 4.49 39.56 -29.81
C ALA A 151 4.82 40.57 -28.72
N THR A 152 3.87 40.86 -27.84
CA THR A 152 4.09 41.70 -26.68
C THR A 152 3.53 40.98 -25.46
N SER A 153 4.30 40.96 -24.38
CA SER A 153 3.85 40.35 -23.13
C SER A 153 3.44 41.46 -22.18
N ASP A 154 2.17 41.46 -21.78
CA ASP A 154 1.63 42.47 -20.89
C ASP A 154 1.77 41.97 -19.47
N ARG A 155 2.63 42.64 -18.68
CA ARG A 155 2.87 42.21 -17.31
C ARG A 155 1.62 42.35 -16.46
N VAL A 156 0.87 43.43 -16.66
CA VAL A 156 -0.30 43.68 -15.83
C VAL A 156 -1.40 42.66 -16.13
N ALA A 157 -1.69 42.45 -17.41
CA ALA A 157 -2.79 41.55 -17.77
C ALA A 157 -2.47 40.12 -17.38
N ASN A 158 -1.24 39.66 -17.60
CA ASN A 158 -0.85 38.27 -17.34
C ASN A 158 0.49 38.23 -16.63
N PRO A 159 0.52 38.55 -15.34
CA PRO A 159 1.78 38.52 -14.59
C PRO A 159 2.28 37.11 -14.26
N MET A 160 1.48 36.08 -14.53
CA MET A 160 1.96 34.72 -14.42
C MET A 160 2.78 34.28 -15.63
N LEU A 161 3.05 35.22 -16.55
CA LEU A 161 3.90 34.98 -17.71
C LEU A 161 3.29 33.98 -18.68
N GLN A 162 1.99 34.04 -18.86
CA GLN A 162 1.34 33.29 -19.93
C GLN A 162 1.22 34.12 -21.19
N ASP A 163 2.32 34.76 -21.58
CA ASP A 163 2.41 35.41 -22.88
C ASP A 163 3.79 35.29 -23.51
N VAL A 164 4.71 34.54 -22.93
CA VAL A 164 6.08 34.58 -23.39
C VAL A 164 6.40 33.42 -24.33
N ASN A 165 5.87 32.24 -24.06
CA ASN A 165 6.27 31.07 -24.82
C ASN A 165 5.17 30.02 -24.68
N LYS A 166 5.46 28.82 -25.16
CA LYS A 166 4.57 27.67 -24.99
C LYS A 166 5.34 26.68 -24.12
N GLY A 167 4.95 26.59 -22.85
CA GLY A 167 5.65 25.74 -21.93
C GLY A 167 5.43 24.27 -22.24
N TRP A 168 6.00 23.44 -21.36
CA TRP A 168 5.87 22.00 -21.53
C TRP A 168 4.41 21.58 -21.54
N LEU A 169 3.64 22.09 -20.59
CA LEU A 169 2.24 21.71 -20.48
C LEU A 169 1.42 22.20 -21.66
N GLN A 170 1.71 23.39 -22.18
CA GLN A 170 0.98 23.82 -23.37
C GLN A 170 1.28 22.92 -24.55
N ASN A 171 2.53 22.48 -24.69
CA ASN A 171 2.88 21.59 -25.78
C ASN A 171 2.04 20.32 -25.73
N LEU A 172 1.91 19.72 -24.54
CA LEU A 172 1.01 18.57 -24.42
C LEU A 172 -0.41 18.95 -24.81
N ARG A 173 -0.84 20.16 -24.44
CA ARG A 173 -2.18 20.60 -24.81
C ARG A 173 -2.32 20.68 -26.33
N GLU A 174 -1.25 21.04 -27.03
CA GLU A 174 -1.30 21.09 -28.49
C GLU A 174 -0.69 19.84 -29.14
N GLN A 175 0.60 19.57 -28.89
CA GLN A 175 1.20 18.35 -29.41
C GLN A 175 0.57 17.16 -28.73
N ALA A 176 0.14 16.17 -29.52
CA ALA A 176 -0.52 14.98 -29.00
C ALA A 176 -1.64 15.36 -28.04
N PRO A 177 -2.74 15.93 -28.54
CA PRO A 177 -3.84 16.31 -27.63
C PRO A 177 -4.39 15.16 -26.82
N GLN A 178 -4.37 13.94 -27.35
CA GLN A 178 -4.92 12.81 -26.62
C GLN A 178 -4.15 12.52 -25.33
N ARG A 179 -2.92 13.02 -25.20
CA ARG A 179 -2.18 12.89 -23.96
C ARG A 179 -2.73 13.75 -22.85
N VAL A 180 -3.86 14.43 -23.05
CA VAL A 180 -4.36 15.41 -22.09
C VAL A 180 -5.79 15.09 -21.75
N MET A 181 -6.13 15.10 -20.46
CA MET A 181 -7.49 14.94 -20.00
C MET A 181 -8.12 16.32 -19.86
N LYS A 182 -8.72 16.79 -20.95
CA LYS A 182 -9.43 18.06 -20.88
C LYS A 182 -10.60 17.99 -19.90
N GLU A 183 -11.35 16.88 -19.94
CA GLU A 183 -12.52 16.72 -19.08
C GLU A 183 -12.55 15.32 -18.48
N GLY A 184 -13.66 14.97 -17.85
CA GLY A 184 -13.85 13.64 -17.30
C GLY A 184 -14.99 12.88 -17.96
N LYS A 185 -15.53 11.88 -17.26
CA LYS A 185 -16.62 11.07 -17.77
C LYS A 185 -17.94 11.75 -17.39
N ALA A 186 -18.56 12.41 -18.36
CA ALA A 186 -19.79 13.18 -18.16
C ALA A 186 -19.59 14.24 -17.06
N ALA A 187 -18.57 15.07 -17.28
CA ALA A 187 -18.25 16.17 -16.39
C ALA A 187 -18.50 17.50 -17.10
N ALA A 188 -18.69 18.55 -16.31
CA ALA A 188 -19.03 19.87 -16.83
C ALA A 188 -17.74 20.59 -17.25
N GLY A 189 -17.17 20.12 -18.36
CA GLY A 189 -15.98 20.75 -18.91
C GLY A 189 -14.76 20.66 -18.03
N LYS A 190 -14.76 19.78 -17.04
CA LYS A 190 -13.67 19.64 -16.10
C LYS A 190 -13.50 18.16 -15.81
N ILE A 191 -12.78 17.82 -14.75
CA ILE A 191 -12.66 16.46 -14.28
C ILE A 191 -13.22 16.43 -12.86
N THR A 192 -14.45 15.98 -12.72
CA THR A 192 -15.03 15.84 -11.39
C THR A 192 -14.28 14.77 -10.63
N VAL A 193 -13.49 15.16 -9.66
CA VAL A 193 -12.75 14.21 -8.85
C VAL A 193 -13.70 13.63 -7.81
N GLY A 194 -13.38 12.41 -7.34
CA GLY A 194 -14.35 11.63 -6.58
C GLY A 194 -14.80 12.26 -5.28
N GLY A 195 -14.25 13.42 -4.94
CA GLY A 195 -14.74 14.16 -3.79
C GLY A 195 -16.18 14.57 -3.98
N ALA A 196 -16.58 14.81 -5.23
CA ALA A 196 -17.95 15.16 -5.58
C ALA A 196 -18.60 13.99 -6.31
N GLY A 197 -19.80 13.62 -5.88
CA GLY A 197 -20.56 12.57 -6.52
C GLY A 197 -19.80 11.26 -6.66
N ALA A 198 -19.48 10.88 -7.88
CA ALA A 198 -18.74 9.65 -8.13
C ALA A 198 -18.04 9.78 -9.48
N ASP A 199 -16.75 10.08 -9.46
CA ASP A 199 -15.91 9.97 -10.65
C ASP A 199 -14.44 10.04 -10.27
N TYR A 200 -13.66 9.05 -10.71
CA TYR A 200 -12.23 8.94 -10.48
C TYR A 200 -11.86 8.93 -9.00
N GLY A 201 -12.81 8.71 -8.11
CA GLY A 201 -12.54 8.53 -6.69
C GLY A 201 -11.51 9.48 -6.14
N ASN A 202 -10.59 8.96 -5.32
CA ASN A 202 -9.48 9.77 -4.89
C ASN A 202 -8.57 10.11 -6.06
N LEU A 203 -7.85 11.21 -5.94
CA LEU A 203 -6.98 11.66 -7.02
C LEU A 203 -5.93 10.62 -7.39
N ASP A 204 -5.57 9.74 -6.46
CA ASP A 204 -4.65 8.67 -6.78
C ASP A 204 -5.18 7.79 -7.90
N ALA A 205 -6.50 7.61 -7.97
CA ALA A 205 -7.07 6.87 -9.08
C ALA A 205 -6.79 7.56 -10.40
N LEU A 206 -6.84 8.88 -10.42
CA LEU A 206 -6.53 9.61 -11.64
C LEU A 206 -5.09 9.38 -12.06
N VAL A 207 -4.16 9.42 -11.11
CA VAL A 207 -2.76 9.20 -11.46
C VAL A 207 -2.56 7.77 -11.97
N TYR A 208 -3.18 6.80 -11.30
CA TYR A 208 -3.08 5.42 -11.77
C TYR A 208 -3.68 5.27 -13.16
N ASP A 209 -4.84 5.87 -13.39
CA ASP A 209 -5.48 5.74 -14.69
C ASP A 209 -4.66 6.41 -15.78
N ILE A 210 -4.08 7.58 -15.49
CA ILE A 210 -3.32 8.28 -16.50
C ILE A 210 -2.01 7.54 -16.77
N THR A 211 -1.49 6.84 -15.76
CA THR A 211 -0.29 6.06 -15.96
C THR A 211 -0.54 4.89 -16.89
N ASN A 212 -1.68 4.23 -16.76
CA ASN A 212 -1.89 2.98 -17.45
C ASN A 212 -2.67 3.12 -18.76
N HIS A 213 -3.30 4.26 -19.01
CA HIS A 213 -4.14 4.36 -20.18
C HIS A 213 -3.80 5.53 -21.09
N LEU A 214 -2.95 6.46 -20.67
CA LEU A 214 -2.42 7.49 -21.55
C LEU A 214 -0.92 7.39 -21.75
N VAL A 215 -0.16 7.25 -20.67
CA VAL A 215 1.26 6.95 -20.81
C VAL A 215 1.41 5.70 -21.65
N GLU A 216 2.32 5.74 -22.63
CA GLU A 216 2.52 4.59 -23.47
C GLU A 216 2.93 3.39 -22.65
N PRO A 217 2.42 2.22 -23.03
CA PRO A 217 2.57 1.02 -22.21
C PRO A 217 4.03 0.74 -21.90
N TRP A 218 4.91 0.96 -22.85
CA TRP A 218 6.30 0.63 -22.59
C TRP A 218 6.98 1.63 -21.72
N TYR A 219 6.26 2.63 -21.19
CA TYR A 219 6.81 3.55 -20.22
C TYR A 219 6.07 3.57 -18.89
N ALA A 220 4.84 3.06 -18.83
CA ALA A 220 4.09 3.09 -17.57
C ALA A 220 4.80 2.34 -16.45
N GLU A 221 5.61 1.35 -16.78
CA GLU A 221 6.38 0.63 -15.78
C GLU A 221 7.72 1.26 -15.47
N ASP A 222 8.06 2.37 -16.11
CA ASP A 222 9.36 2.99 -15.88
C ASP A 222 9.42 3.45 -14.43
N PRO A 223 10.54 3.25 -13.73
CA PRO A 223 10.56 3.52 -12.29
C PRO A 223 10.62 4.99 -11.93
N ASP A 224 10.78 5.90 -12.90
CA ASP A 224 10.97 7.31 -12.61
C ASP A 224 9.82 8.19 -13.08
N LEU A 225 8.65 7.61 -13.36
CA LEU A 225 7.49 8.44 -13.64
C LEU A 225 7.13 9.23 -12.40
N VAL A 226 7.40 10.53 -12.39
CA VAL A 226 7.07 11.39 -11.27
C VAL A 226 5.86 12.21 -11.65
N VAL A 227 5.10 12.62 -10.64
CA VAL A 227 3.92 13.43 -10.83
C VAL A 227 4.29 14.85 -10.45
N VAL A 228 4.71 15.63 -11.44
CA VAL A 228 4.95 17.04 -11.26
C VAL A 228 3.61 17.75 -11.12
N CYS A 229 3.54 18.68 -10.17
CA CYS A 229 2.28 19.35 -9.86
C CYS A 229 2.54 20.38 -8.77
N GLY A 230 1.61 21.33 -8.65
CA GLY A 230 1.80 22.41 -7.71
C GLY A 230 1.81 21.94 -6.27
N ARG A 231 2.50 22.72 -5.43
CA ARG A 231 2.49 22.47 -3.99
C ARG A 231 1.06 22.38 -3.48
N ASN A 232 0.21 23.27 -3.95
CA ASN A 232 -1.17 23.31 -3.48
C ASN A 232 -1.93 22.06 -3.86
N LEU A 233 -1.53 21.37 -4.93
CA LEU A 233 -2.26 20.18 -5.33
C LEU A 233 -2.07 19.05 -4.32
N LEU A 234 -0.82 18.77 -3.94
CA LEU A 234 -0.63 17.81 -2.85
C LEU A 234 -1.22 18.31 -1.55
N SER A 235 -1.13 19.61 -1.27
CA SER A 235 -1.73 20.11 -0.04
C SER A 235 -3.19 19.68 0.02
N ASP A 236 -3.95 19.97 -1.03
CA ASP A 236 -5.36 19.64 -1.07
C ASP A 236 -5.62 18.18 -1.37
N LYS A 237 -4.61 17.42 -1.80
CA LYS A 237 -4.82 15.98 -1.94
C LYS A 237 -4.69 15.29 -0.60
N TYR A 238 -3.66 15.64 0.17
CA TYR A 238 -3.50 15.08 1.51
C TYR A 238 -4.45 15.71 2.51
N PHE A 239 -4.94 16.91 2.23
CA PHE A 239 -5.80 17.62 3.18
C PHE A 239 -7.00 16.82 3.65
N PRO A 240 -7.77 16.14 2.79
CA PRO A 240 -8.92 15.38 3.30
C PRO A 240 -8.54 14.31 4.29
N LEU A 241 -7.29 13.81 4.26
CA LEU A 241 -6.90 12.76 5.18
C LEU A 241 -6.93 13.22 6.62
N VAL A 242 -6.77 14.52 6.86
CA VAL A 242 -6.81 15.07 8.21
C VAL A 242 -7.97 16.05 8.38
N ASN A 243 -9.00 15.91 7.56
CA ASN A 243 -10.15 16.81 7.61
C ASN A 243 -11.48 16.07 7.71
N ARG A 244 -11.48 14.74 7.70
CA ARG A 244 -12.73 13.99 7.69
C ARG A 244 -13.02 13.30 9.01
N ASP A 245 -12.29 13.66 10.07
CA ASP A 245 -12.48 13.07 11.40
C ASP A 245 -12.40 11.54 11.35
N ARG A 246 -11.25 11.06 10.91
CA ARG A 246 -11.04 9.62 10.78
C ARG A 246 -10.72 9.00 12.13
N ASP A 247 -10.78 7.68 12.17
CA ASP A 247 -10.44 6.98 13.39
C ASP A 247 -8.96 7.18 13.70
N PRO A 248 -8.57 7.12 14.97
CA PRO A 248 -7.15 7.38 15.31
C PRO A 248 -6.18 6.46 14.60
N VAL A 249 -6.56 5.20 14.34
CA VAL A 249 -5.70 4.33 13.55
C VAL A 249 -5.52 4.91 12.16
N GLN A 250 -6.61 5.36 11.56
CA GLN A 250 -6.52 6.00 10.25
C GLN A 250 -5.72 7.28 10.33
N GLN A 251 -5.73 7.97 11.47
CA GLN A 251 -4.89 9.16 11.62
C GLN A 251 -3.42 8.80 11.62
N ILE A 252 -3.05 7.72 12.30
CA ILE A 252 -1.66 7.27 12.29
C ILE A 252 -1.24 6.94 10.87
N ALA A 253 -2.08 6.17 10.17
CA ALA A 253 -1.76 5.84 8.79
C ALA A 253 -1.74 7.08 7.90
N ALA A 254 -2.57 8.07 8.22
CA ALA A 254 -2.57 9.32 7.46
C ALA A 254 -1.23 10.03 7.60
N ASP A 255 -0.68 10.04 8.82
CA ASP A 255 0.65 10.62 8.99
C ASP A 255 1.68 9.87 8.17
N LEU A 256 1.57 8.55 8.13
CA LEU A 256 2.50 7.76 7.32
C LEU A 256 2.45 8.17 5.86
N ILE A 257 1.25 8.29 5.30
CA ILE A 257 1.12 8.61 3.88
C ILE A 257 1.56 10.04 3.59
N ILE A 258 1.22 10.98 4.48
CA ILE A 258 1.65 12.36 4.28
C ILE A 258 3.17 12.44 4.30
N SER A 259 3.79 11.70 5.21
CA SER A 259 5.25 11.61 5.18
C SER A 259 5.73 11.00 3.88
N GLN A 260 5.07 9.95 3.41
CA GLN A 260 5.45 9.30 2.16
C GLN A 260 4.98 10.18 1.01
N LYS A 261 5.90 10.98 0.46
CA LYS A 261 5.53 12.00 -0.50
C LYS A 261 4.83 11.46 -1.74
N ARG A 262 5.01 10.17 -2.04
CA ARG A 262 4.53 9.63 -3.30
C ARG A 262 3.03 9.81 -3.45
N ILE A 263 2.60 10.11 -4.68
CA ILE A 263 1.18 10.22 -5.00
C ILE A 263 0.84 9.07 -5.94
N GLY A 264 -0.44 8.69 -5.94
CA GLY A 264 -0.87 7.56 -6.74
C GLY A 264 -0.02 6.36 -6.42
N ASN A 265 0.79 5.96 -7.37
CA ASN A 265 1.86 5.01 -7.13
C ASN A 265 3.23 5.61 -7.41
N LEU A 266 3.29 6.90 -7.74
CA LEU A 266 4.48 7.48 -8.31
C LEU A 266 5.06 8.57 -7.42
N PRO A 267 6.38 8.77 -7.46
CA PRO A 267 6.96 9.89 -6.73
C PRO A 267 6.37 11.19 -7.23
N ALA A 268 6.22 12.14 -6.31
CA ALA A 268 5.67 13.44 -6.65
C ALA A 268 6.75 14.51 -6.59
N ILE A 269 6.49 15.61 -7.28
CA ILE A 269 7.40 16.75 -7.31
C ILE A 269 6.61 17.99 -6.90
N ARG A 270 7.10 18.68 -5.88
CA ARG A 270 6.45 19.89 -5.40
C ARG A 270 6.97 21.13 -6.12
N VAL A 271 6.93 21.09 -7.44
CA VAL A 271 7.54 22.15 -8.24
C VAL A 271 6.83 23.47 -7.95
N PRO A 272 7.54 24.59 -7.91
CA PRO A 272 6.87 25.87 -7.69
C PRO A 272 6.24 26.41 -8.96
N TYR A 273 5.15 27.14 -8.77
CA TYR A 273 4.47 27.88 -9.84
C TYR A 273 3.89 26.96 -10.90
N PHE A 274 3.58 25.72 -10.52
CA PHE A 274 2.76 24.90 -11.37
C PHE A 274 1.34 25.46 -11.40
N PRO A 275 0.63 25.30 -12.52
CA PRO A 275 -0.77 25.77 -12.56
C PRO A 275 -1.62 25.00 -11.56
N ALA A 276 -2.64 25.68 -11.04
CA ALA A 276 -3.60 25.02 -10.17
C ALA A 276 -4.40 24.01 -10.97
N ASN A 277 -4.78 22.93 -10.29
CA ASN A 277 -5.66 21.90 -10.88
C ASN A 277 -5.03 21.27 -12.11
N GLY A 278 -3.71 21.22 -12.14
CA GLY A 278 -3.00 20.56 -13.23
C GLY A 278 -2.12 19.46 -12.67
N LEU A 279 -1.98 18.41 -13.47
CA LEU A 279 -1.24 17.22 -13.00
C LEU A 279 -0.44 16.64 -14.16
N LEU A 280 0.88 16.71 -14.06
CA LEU A 280 1.76 16.16 -15.08
C LEU A 280 2.35 14.87 -14.55
N VAL A 281 2.32 13.81 -15.34
CA VAL A 281 2.98 12.55 -15.03
C VAL A 281 3.97 12.27 -16.14
N THR A 282 5.22 12.09 -15.76
CA THR A 282 6.28 11.96 -16.76
C THR A 282 7.60 11.71 -16.06
N ARG A 283 8.56 11.21 -16.81
CA ARG A 283 9.92 11.17 -16.32
C ARG A 283 10.53 12.54 -16.51
N LEU A 284 11.23 13.03 -15.49
CA LEU A 284 11.79 14.37 -15.60
C LEU A 284 12.81 14.44 -16.72
N ASP A 285 13.43 13.32 -17.06
CA ASP A 285 14.33 13.31 -18.20
C ASP A 285 13.61 13.66 -19.50
N ASN A 286 12.29 13.43 -19.57
CA ASN A 286 11.54 13.84 -20.74
C ASN A 286 11.61 15.35 -20.93
N LEU A 287 11.64 16.08 -19.83
CA LEU A 287 11.51 17.53 -19.88
C LEU A 287 12.87 18.14 -20.12
N SER A 288 12.99 18.91 -21.19
CA SER A 288 14.26 19.53 -21.49
C SER A 288 14.00 20.91 -22.05
N ILE A 289 15.02 21.76 -21.93
CA ILE A 289 14.99 23.12 -22.47
C ILE A 289 16.04 23.21 -23.56
N TYR A 290 15.59 23.55 -24.75
CA TYR A 290 16.47 23.72 -25.90
C TYR A 290 16.72 25.22 -26.07
N TYR A 291 17.91 25.67 -25.72
CA TYR A 291 18.27 27.06 -25.83
C TYR A 291 19.29 27.22 -26.95
N GLN A 292 19.13 28.28 -27.73
CA GLN A 292 20.08 28.57 -28.78
C GLN A 292 21.45 28.85 -28.20
N GLU A 293 22.40 27.97 -28.47
CA GLU A 293 23.78 28.27 -28.14
C GLU A 293 24.25 29.46 -28.96
N GLY A 294 24.75 30.48 -28.29
CA GLY A 294 25.12 31.71 -28.94
C GLY A 294 23.99 32.71 -29.10
N GLY A 295 22.75 32.29 -28.90
CA GLY A 295 21.66 33.22 -28.89
C GLY A 295 21.44 33.91 -27.57
N ARG A 296 22.29 33.64 -26.59
CA ARG A 296 22.18 34.23 -25.26
C ARG A 296 22.96 35.54 -25.23
N ARG A 297 22.29 36.65 -25.55
CA ARG A 297 22.90 37.94 -25.25
C ARG A 297 22.82 38.24 -23.77
N ARG A 298 23.97 38.48 -23.16
CA ARG A 298 24.07 39.19 -21.90
C ARG A 298 24.83 40.48 -22.18
N THR A 299 24.12 41.60 -22.14
CA THR A 299 24.69 42.91 -22.37
C THR A 299 24.67 43.70 -21.08
N ILE A 300 25.79 44.34 -20.76
CA ILE A 300 25.87 45.25 -19.63
C ILE A 300 26.17 46.62 -20.23
N LEU A 301 25.17 47.47 -20.28
CA LEU A 301 25.30 48.80 -20.88
C LEU A 301 25.16 49.81 -19.75
N ASP A 302 26.26 50.48 -19.41
CA ASP A 302 26.22 51.52 -18.38
C ASP A 302 25.59 52.75 -18.98
N ASN A 303 24.27 52.81 -18.96
CA ASN A 303 23.52 53.87 -19.62
C ASN A 303 23.72 55.14 -18.79
N ALA A 304 24.91 55.70 -18.91
CA ALA A 304 25.21 56.93 -18.21
C ALA A 304 24.34 58.08 -18.68
N LYS A 305 23.73 57.99 -19.85
CA LYS A 305 22.76 58.99 -20.28
C LYS A 305 21.53 59.01 -19.41
N ARG A 306 21.09 57.85 -18.91
CA ARG A 306 20.01 57.76 -17.94
C ARG A 306 20.53 57.51 -16.54
N ASP A 307 21.85 57.39 -16.37
CA ASP A 307 22.46 57.05 -15.09
C ASP A 307 21.85 55.76 -14.53
N ARG A 308 21.92 54.71 -15.34
CA ARG A 308 21.41 53.40 -14.97
C ARG A 308 22.45 52.35 -15.34
N ILE A 309 22.34 51.18 -14.73
CA ILE A 309 23.09 50.02 -15.17
C ILE A 309 22.06 49.10 -15.80
N GLU A 310 22.12 49.00 -17.13
CA GLU A 310 21.22 48.16 -17.89
C GLU A 310 21.85 46.80 -18.09
N ASN A 311 21.08 45.75 -17.84
CA ASN A 311 21.57 44.38 -17.94
C ASN A 311 20.51 43.64 -18.75
N TYR A 312 20.86 43.31 -19.98
CA TYR A 312 19.95 42.70 -20.94
C TYR A 312 20.26 41.21 -21.06
N GLU A 313 19.24 40.38 -21.00
CA GLU A 313 19.36 38.93 -21.06
C GLU A 313 18.41 38.45 -22.14
N SER A 314 18.88 38.42 -23.37
CA SER A 314 18.07 37.97 -24.50
C SER A 314 18.41 36.50 -24.73
N SER A 315 17.63 35.61 -24.14
CA SER A 315 17.97 34.20 -24.17
C SER A 315 16.89 33.43 -24.90
N ASN A 316 17.29 32.58 -25.84
CA ASN A 316 16.33 31.74 -26.50
C ASN A 316 16.05 30.50 -25.66
N ASP A 317 14.79 30.07 -25.66
CA ASP A 317 14.35 28.91 -24.92
C ASP A 317 13.38 28.12 -25.78
N ALA A 318 13.28 26.83 -25.50
CA ALA A 318 12.30 25.96 -26.16
C ALA A 318 12.00 24.82 -25.20
N TYR A 319 10.85 24.89 -24.55
CA TYR A 319 10.47 23.89 -23.56
C TYR A 319 9.86 22.70 -24.28
N VAL A 320 10.60 21.59 -24.34
CA VAL A 320 10.24 20.47 -25.19
C VAL A 320 10.19 19.19 -24.36
N ILE A 321 9.18 18.38 -24.63
CA ILE A 321 9.11 17.03 -24.11
C ILE A 321 9.84 16.13 -25.10
N GLU A 322 10.84 15.40 -24.62
CA GLU A 322 11.65 14.61 -25.54
C GLU A 322 10.81 13.55 -26.24
N ASP A 323 9.93 12.87 -25.51
CA ASP A 323 9.03 11.90 -26.11
C ASP A 323 7.66 12.04 -25.46
N LEU A 324 6.63 12.21 -26.29
CA LEU A 324 5.28 12.42 -25.81
C LEU A 324 4.57 11.14 -25.44
N ALA A 325 5.21 10.00 -25.61
CA ALA A 325 4.55 8.74 -25.28
C ALA A 325 4.45 8.55 -23.77
N CYS A 326 5.32 9.20 -23.00
CA CYS A 326 5.32 9.10 -21.55
C CYS A 326 5.27 10.48 -20.92
N ALA A 327 4.35 11.30 -21.41
CA ALA A 327 4.09 12.59 -20.79
C ALA A 327 2.60 12.89 -20.98
N ALA A 328 1.81 12.53 -19.99
CA ALA A 328 0.38 12.78 -20.03
C ALA A 328 0.02 13.78 -18.95
N MET A 329 -1.18 14.34 -19.01
CA MET A 329 -1.55 15.33 -18.03
C MET A 329 -3.06 15.45 -17.95
N ALA A 330 -3.52 16.05 -16.87
CA ALA A 330 -4.94 16.24 -16.59
C ALA A 330 -5.22 17.69 -16.28
N GLU A 331 -6.33 18.18 -16.82
CA GLU A 331 -6.79 19.55 -16.68
C GLU A 331 -7.95 19.62 -15.71
N ASN A 332 -8.07 20.76 -15.04
CA ASN A 332 -9.30 21.14 -14.34
C ASN A 332 -9.72 20.07 -13.34
N ILE A 333 -8.75 19.49 -12.64
CA ILE A 333 -9.06 18.45 -11.68
C ILE A 333 -9.53 19.12 -10.39
N ALA A 334 -10.83 19.38 -10.32
CA ALA A 334 -11.39 20.08 -9.17
C ALA A 334 -11.56 19.13 -8.00
N LEU A 335 -10.51 18.98 -7.20
CA LEU A 335 -10.53 18.04 -6.09
C LEU A 335 -11.42 18.65 -5.01
N ALA A 336 -12.62 18.10 -4.85
CA ALA A 336 -13.55 18.60 -3.85
C ALA A 336 -13.96 17.50 -2.90
N VAL B 31 37.46 -21.79 -98.90
CA VAL B 31 36.87 -21.16 -97.73
C VAL B 31 37.12 -19.66 -97.75
N ALA B 32 36.08 -18.90 -97.47
CA ALA B 32 36.21 -17.45 -97.45
C ALA B 32 36.93 -17.02 -96.19
N PRO B 33 38.02 -16.24 -96.30
CA PRO B 33 38.69 -15.76 -95.09
C PRO B 33 37.75 -14.99 -94.20
N SER B 34 37.89 -15.16 -92.90
CA SER B 34 37.05 -14.48 -91.95
C SER B 34 37.28 -12.98 -92.02
N VAL B 35 36.19 -12.23 -92.07
CA VAL B 35 36.27 -10.77 -92.14
C VAL B 35 36.55 -10.24 -90.74
N GLN B 36 37.74 -9.71 -90.53
CA GLN B 36 38.19 -9.43 -89.18
C GLN B 36 37.50 -8.16 -88.67
N GLN B 37 37.29 -8.07 -87.36
CA GLN B 37 36.48 -7.01 -86.78
C GLN B 37 37.34 -5.90 -86.17
N LYS B 38 36.76 -4.69 -86.15
CA LYS B 38 37.26 -3.56 -85.37
C LYS B 38 36.16 -3.06 -84.47
N LEU B 39 36.50 -2.77 -83.22
CA LEU B 39 35.54 -2.20 -82.27
C LEU B 39 35.98 -0.79 -81.91
N GLU B 40 35.23 0.20 -82.39
CA GLU B 40 35.43 1.59 -82.01
C GLU B 40 34.06 2.17 -81.72
N THR B 41 34.02 3.26 -80.97
CA THR B 41 32.74 3.87 -80.65
C THR B 41 32.18 4.64 -81.84
N LYS B 42 30.90 4.44 -82.10
CA LYS B 42 30.20 5.24 -83.10
C LYS B 42 30.06 6.65 -82.55
N VAL B 43 30.86 7.58 -83.07
CA VAL B 43 31.04 8.87 -82.40
C VAL B 43 29.70 9.56 -82.22
N GLN B 44 29.33 9.78 -80.97
CA GLN B 44 28.01 10.26 -80.61
C GLN B 44 28.03 11.77 -80.44
N GLU B 45 26.85 12.39 -80.55
CA GLU B 45 26.66 13.83 -80.42
C GLU B 45 27.51 14.40 -79.30
N SER B 46 28.40 15.32 -79.64
CA SER B 46 29.44 15.74 -78.72
C SER B 46 28.84 16.61 -77.62
N SER B 47 28.83 16.09 -76.40
CA SER B 47 28.33 16.82 -75.25
C SER B 47 29.47 17.48 -74.48
N ASP B 48 30.28 18.28 -75.15
CA ASP B 48 31.31 19.03 -74.42
C ASP B 48 30.73 20.24 -73.70
N PHE B 49 29.55 20.70 -74.11
CA PHE B 49 28.86 21.76 -73.41
C PHE B 49 28.72 21.43 -71.93
N LEU B 50 28.46 20.16 -71.62
CA LEU B 50 28.28 19.72 -70.24
C LEU B 50 29.55 19.86 -69.43
N LYS B 51 30.71 20.07 -70.05
CA LYS B 51 31.90 20.32 -69.26
C LYS B 51 31.84 21.68 -68.60
N SER B 52 31.19 22.66 -69.22
CA SER B 52 31.08 23.97 -68.59
C SER B 52 30.04 23.99 -67.48
N ILE B 53 28.95 23.23 -67.63
CA ILE B 53 27.91 23.19 -66.61
C ILE B 53 28.49 22.68 -65.29
N ASN B 54 28.11 23.34 -64.20
CA ASN B 54 28.64 22.92 -62.91
C ASN B 54 27.97 21.65 -62.41
N PHE B 55 28.72 20.92 -61.58
CA PHE B 55 28.24 19.72 -60.90
C PHE B 55 28.48 19.89 -59.42
N TYR B 56 27.56 19.39 -58.59
CA TYR B 56 27.76 19.46 -57.16
C TYR B 56 27.16 18.23 -56.48
N GLY B 57 27.89 17.70 -55.51
CA GLY B 57 27.42 16.57 -54.75
C GLY B 57 26.65 16.94 -53.50
N VAL B 58 25.51 17.61 -53.69
CA VAL B 58 24.66 17.96 -52.54
C VAL B 58 24.02 16.68 -51.99
N PRO B 59 24.20 16.36 -50.72
CA PRO B 59 23.57 15.16 -50.14
C PRO B 59 22.17 15.40 -49.60
N GLU B 60 21.33 16.07 -50.39
CA GLU B 60 19.94 16.30 -49.99
C GLU B 60 19.06 16.31 -51.22
N GLN B 61 17.93 15.60 -51.14
CA GLN B 61 17.05 15.48 -52.29
C GLN B 61 16.49 16.84 -52.71
N GLU B 62 16.11 17.67 -51.75
CA GLU B 62 15.54 18.98 -52.05
C GLU B 62 16.21 20.01 -51.18
N GLY B 63 16.35 21.22 -51.71
CA GLY B 63 16.92 22.32 -50.95
C GLY B 63 16.52 23.66 -51.54
N GLU B 64 16.94 24.72 -50.85
CA GLU B 64 16.76 26.07 -51.35
C GLU B 64 18.12 26.75 -51.48
N LYS B 65 18.15 27.81 -52.28
CA LYS B 65 19.31 28.64 -52.46
C LYS B 65 18.99 30.03 -51.95
N ILE B 66 19.76 30.50 -50.97
CA ILE B 66 19.50 31.76 -50.29
C ILE B 66 20.56 32.77 -50.70
N GLY B 67 20.13 33.89 -51.25
CA GLY B 67 21.01 34.99 -51.57
C GLY B 67 20.64 36.20 -50.73
N LEU B 68 21.66 36.92 -50.26
CA LEU B 68 21.42 37.99 -49.31
C LEU B 68 20.98 39.28 -49.99
N GLY B 69 21.86 39.84 -50.81
CA GLY B 69 21.57 41.09 -51.46
C GLY B 69 21.45 42.23 -50.46
N VAL B 70 20.87 43.33 -50.93
CA VAL B 70 20.53 44.48 -50.09
C VAL B 70 19.21 45.05 -50.58
N SER B 71 18.64 45.94 -49.76
CA SER B 71 17.34 46.52 -50.05
C SER B 71 17.44 47.83 -50.83
N GLY B 72 18.65 48.24 -51.22
CA GLY B 72 18.81 49.43 -52.02
C GLY B 72 19.93 50.33 -51.58
N PRO B 73 19.80 51.62 -51.83
CA PRO B 73 20.87 52.57 -51.51
C PRO B 73 21.18 52.56 -50.03
N VAL B 74 22.46 52.77 -49.73
CA VAL B 74 22.95 52.60 -48.36
C VAL B 74 23.49 53.91 -47.84
N ALA B 75 24.55 54.40 -48.48
CA ALA B 75 25.23 55.59 -47.99
C ALA B 75 24.29 56.78 -48.00
N SER B 76 24.20 57.45 -46.86
CA SER B 76 23.35 58.63 -46.73
C SER B 76 23.82 59.40 -45.52
N THR B 77 24.30 60.62 -45.73
CA THR B 77 24.71 61.47 -44.62
C THR B 77 23.50 61.84 -43.80
N THR B 78 23.72 62.05 -42.51
CA THR B 78 22.68 62.48 -41.60
C THR B 78 23.18 63.68 -40.80
N ASP B 79 22.30 64.62 -40.53
CA ASP B 79 22.66 65.78 -39.74
C ASP B 79 22.78 65.38 -38.28
N THR B 80 23.90 64.72 -37.93
CA THR B 80 24.04 64.11 -36.63
C THR B 80 24.03 65.11 -35.49
N THR B 81 24.19 66.40 -35.79
CA THR B 81 24.11 67.41 -34.75
C THR B 81 22.69 67.56 -34.20
N GLN B 82 21.70 67.61 -35.09
CA GLN B 82 20.32 67.79 -34.69
C GLN B 82 19.44 66.61 -35.05
N GLN B 83 20.00 65.52 -35.56
CA GLN B 83 19.22 64.37 -36.00
C GLN B 83 19.94 63.10 -35.62
N ASP B 84 19.18 62.07 -35.30
CA ASP B 84 19.75 60.75 -35.08
C ASP B 84 20.30 60.19 -36.39
N ARG B 85 21.27 59.30 -36.28
CA ARG B 85 21.71 58.51 -37.42
C ARG B 85 20.72 57.36 -37.60
N GLU B 86 19.81 57.51 -38.55
CA GLU B 86 18.77 56.52 -38.77
C GLU B 86 19.35 55.27 -39.44
N THR B 87 19.05 54.10 -38.89
CA THR B 87 19.61 52.85 -39.37
C THR B 87 18.49 51.98 -39.94
N SER B 88 18.74 51.40 -41.12
CA SER B 88 17.78 50.56 -41.80
C SER B 88 18.45 49.26 -42.22
N ASP B 89 17.75 48.14 -42.04
CA ASP B 89 18.29 46.85 -42.45
C ASP B 89 18.35 46.75 -43.97
N ILE B 90 19.41 46.11 -44.46
CA ILE B 90 19.57 45.82 -45.87
C ILE B 90 20.04 44.37 -45.99
N SER B 91 19.08 43.46 -46.12
CA SER B 91 19.38 42.08 -46.47
C SER B 91 18.09 41.50 -47.06
N THR B 92 18.04 41.39 -48.37
CA THR B 92 16.87 40.85 -49.06
C THR B 92 17.16 39.38 -49.34
N MET B 93 16.97 38.55 -48.32
CA MET B 93 17.24 37.13 -48.41
C MET B 93 16.18 36.48 -49.28
N ASP B 94 16.49 36.32 -50.57
CA ASP B 94 15.56 35.70 -51.50
C ASP B 94 15.89 34.21 -51.60
N GLY B 95 14.84 33.39 -51.63
CA GLY B 95 15.02 31.96 -51.58
C GLY B 95 14.52 31.21 -52.78
N ARG B 96 15.44 30.62 -53.54
CA ARG B 96 15.11 29.73 -54.63
C ARG B 96 14.82 28.33 -54.10
N ARG B 97 14.50 27.42 -55.02
CA ARG B 97 14.23 26.03 -54.68
C ARG B 97 14.81 25.13 -55.74
N TYR B 98 15.22 23.94 -55.34
CA TYR B 98 15.69 22.92 -56.27
C TYR B 98 15.32 21.57 -55.69
N ARG B 99 15.23 20.57 -56.55
CA ARG B 99 14.75 19.25 -56.14
C ARG B 99 15.48 18.18 -56.92
N CYS B 100 16.47 17.56 -56.31
CA CYS B 100 17.29 16.54 -56.97
C CYS B 100 16.41 15.30 -57.14
N GLU B 101 15.50 15.39 -58.09
CA GLU B 101 14.51 14.34 -58.28
C GLU B 101 15.04 13.25 -59.19
N GLN B 102 14.43 12.08 -59.09
CA GLN B 102 14.99 10.87 -59.67
C GLN B 102 14.64 10.73 -61.13
N THR B 103 15.63 10.42 -61.96
CA THR B 103 15.43 10.10 -63.36
C THR B 103 16.21 8.84 -63.66
N ASN B 104 15.50 7.77 -64.04
CA ASN B 104 16.13 6.47 -64.20
C ASN B 104 16.76 6.34 -65.58
N SER B 105 17.77 5.49 -65.65
CA SER B 105 18.29 4.97 -66.90
C SER B 105 18.57 3.49 -66.69
N ASP B 106 18.41 2.71 -67.74
CA ASP B 106 18.56 1.27 -67.59
C ASP B 106 18.77 0.63 -68.95
N THR B 107 19.89 -0.05 -69.11
CA THR B 107 20.19 -0.74 -70.35
C THR B 107 20.55 -2.18 -70.08
N HIS B 108 20.03 -3.06 -70.91
CA HIS B 108 20.27 -4.49 -70.75
C HIS B 108 20.98 -4.98 -71.99
N ILE B 109 22.14 -5.61 -71.80
CA ILE B 109 22.81 -6.25 -72.92
C ILE B 109 22.38 -7.71 -72.97
N THR B 110 21.79 -8.10 -74.08
CA THR B 110 21.33 -9.47 -74.22
C THR B 110 22.51 -10.42 -74.11
N TYR B 111 22.36 -11.49 -73.32
CA TYR B 111 23.50 -12.35 -73.06
C TYR B 111 24.00 -12.99 -74.34
N GLN B 112 23.08 -13.32 -75.26
CA GLN B 112 23.51 -13.91 -76.52
C GLN B 112 24.29 -12.89 -77.37
N LYS B 113 23.88 -11.62 -77.33
CA LYS B 113 24.71 -10.60 -77.98
C LYS B 113 26.00 -10.35 -77.23
N LEU B 114 25.98 -10.46 -75.91
CA LEU B 114 27.22 -10.34 -75.13
C LEU B 114 28.20 -11.43 -75.52
N ASP B 115 27.71 -12.64 -75.70
CA ASP B 115 28.60 -13.74 -76.04
C ASP B 115 29.02 -13.71 -77.50
N ALA B 116 28.14 -13.28 -78.41
CA ALA B 116 28.45 -13.30 -79.82
C ALA B 116 29.65 -12.43 -80.17
N TRP B 117 29.99 -11.49 -79.29
CA TRP B 117 31.15 -10.61 -79.46
C TRP B 117 32.22 -10.90 -78.42
N ALA B 118 32.47 -12.16 -78.16
CA ALA B 118 33.51 -12.51 -77.20
C ALA B 118 34.92 -12.31 -77.75
N LYS B 119 35.05 -12.00 -79.04
CA LYS B 119 36.38 -11.64 -79.55
C LYS B 119 36.94 -10.45 -78.80
N PHE B 120 36.07 -9.53 -78.40
CA PHE B 120 36.47 -8.25 -77.83
C PHE B 120 36.39 -8.38 -76.33
N ALA B 121 37.56 -8.43 -75.67
CA ALA B 121 37.54 -8.52 -74.22
C ALA B 121 36.87 -7.30 -73.60
N ASP B 122 37.13 -6.13 -74.16
CA ASP B 122 36.62 -4.87 -73.64
C ASP B 122 35.25 -4.52 -74.19
N PHE B 123 34.51 -5.48 -74.73
CA PHE B 123 33.22 -5.16 -75.32
C PHE B 123 32.30 -4.52 -74.29
N GLN B 124 32.20 -5.12 -73.09
CA GLN B 124 31.37 -4.52 -72.06
C GLN B 124 31.88 -3.13 -71.70
N THR B 125 33.19 -2.95 -71.65
CA THR B 125 33.74 -1.64 -71.31
C THR B 125 33.39 -0.61 -72.38
N ARG B 126 33.46 -0.99 -73.65
CA ARG B 126 33.16 -0.01 -74.69
C ARG B 126 31.69 0.32 -74.76
N ILE B 127 30.81 -0.67 -74.59
CA ILE B 127 29.38 -0.36 -74.59
C ILE B 127 29.02 0.48 -73.37
N ARG B 128 29.75 0.30 -72.27
CA ARG B 128 29.56 1.14 -71.10
C ARG B 128 29.96 2.58 -71.37
N ASP B 129 31.07 2.78 -72.06
CA ASP B 129 31.48 4.13 -72.41
C ASP B 129 30.44 4.79 -73.30
N ALA B 130 29.89 4.04 -74.25
CA ALA B 130 28.86 4.58 -75.12
C ALA B 130 27.62 4.98 -74.33
N ILE B 131 27.22 4.17 -73.36
CA ILE B 131 26.02 4.52 -72.59
C ILE B 131 26.29 5.71 -71.70
N ILE B 132 27.51 5.88 -71.18
CA ILE B 132 27.80 7.08 -70.41
C ILE B 132 27.72 8.33 -71.29
N LYS B 133 28.26 8.25 -72.50
CA LYS B 133 28.18 9.39 -73.40
C LYS B 133 26.73 9.77 -73.66
N ARG B 134 25.88 8.77 -73.92
CA ARG B 134 24.49 9.06 -74.17
C ARG B 134 23.80 9.58 -72.92
N GLN B 135 24.22 9.12 -71.74
CA GLN B 135 23.64 9.63 -70.52
C GLN B 135 24.00 11.10 -70.31
N ALA B 136 25.26 11.46 -70.51
CA ALA B 136 25.63 12.87 -70.41
C ALA B 136 24.89 13.69 -71.44
N LEU B 137 24.79 13.17 -72.66
CA LEU B 137 24.07 13.88 -73.72
C LEU B 137 22.60 14.06 -73.36
N ASP B 138 21.97 13.01 -72.83
CA ASP B 138 20.58 13.13 -72.44
C ASP B 138 20.40 14.03 -71.22
N ARG B 139 21.43 14.22 -70.42
CA ARG B 139 21.37 15.24 -69.38
C ARG B 139 21.16 16.61 -69.99
N ILE B 140 21.90 16.93 -71.05
CA ILE B 140 21.66 18.20 -71.74
C ILE B 140 20.25 18.25 -72.32
N MET B 141 19.84 17.17 -72.98
CA MET B 141 18.55 17.17 -73.66
C MET B 141 17.39 17.35 -72.68
N ILE B 142 17.46 16.69 -71.53
CA ILE B 142 16.45 16.88 -70.50
C ILE B 142 16.52 18.28 -69.93
N GLY B 143 17.73 18.73 -69.57
CA GLY B 143 17.88 20.02 -68.95
C GLY B 143 17.37 21.16 -69.80
N PHE B 144 17.37 20.98 -71.12
CA PHE B 144 16.82 22.01 -71.99
C PHE B 144 15.43 21.71 -72.48
N ASN B 145 14.94 20.48 -72.34
CA ASN B 145 13.62 20.12 -72.83
C ASN B 145 12.64 19.70 -71.74
N GLY B 146 13.11 19.36 -70.55
CA GLY B 146 12.21 18.88 -69.53
C GLY B 146 11.22 19.94 -69.10
N VAL B 147 9.96 19.78 -69.51
CA VAL B 147 8.92 20.74 -69.18
C VAL B 147 8.10 20.33 -67.98
N SER B 148 8.14 19.07 -67.56
CA SER B 148 7.27 18.61 -66.51
C SER B 148 7.83 17.33 -65.92
N ARG B 149 7.18 16.87 -64.86
CA ARG B 149 7.56 15.62 -64.19
C ARG B 149 6.37 14.68 -64.24
N ALA B 150 6.38 13.75 -65.18
CA ALA B 150 5.42 12.66 -65.20
C ALA B 150 5.99 11.51 -64.39
N ALA B 151 5.15 10.88 -63.57
CA ALA B 151 5.62 9.77 -62.76
C ALA B 151 6.23 8.69 -63.62
N THR B 152 5.56 8.34 -64.72
CA THR B 152 6.13 7.49 -65.75
C THR B 152 6.25 8.31 -67.02
N SER B 153 7.44 8.29 -67.63
CA SER B 153 7.70 9.09 -68.82
C SER B 153 7.61 8.19 -70.04
N ASP B 154 6.68 8.52 -70.93
CA ASP B 154 6.58 7.81 -72.21
C ASP B 154 7.78 8.17 -73.07
N ARG B 155 8.24 7.19 -73.86
CA ARG B 155 9.29 7.41 -74.85
C ARG B 155 8.75 7.42 -76.27
N VAL B 156 7.44 7.37 -76.44
CA VAL B 156 6.84 7.38 -77.77
C VAL B 156 6.34 8.79 -78.07
N ALA B 157 5.41 9.26 -77.23
CA ALA B 157 4.89 10.61 -77.39
C ALA B 157 5.81 11.67 -76.80
N ASN B 158 6.88 11.26 -76.13
CA ASN B 158 7.87 12.18 -75.58
C ASN B 158 9.25 11.70 -75.99
N PRO B 159 9.57 11.78 -77.30
CA PRO B 159 10.89 11.31 -77.75
C PRO B 159 12.02 12.18 -77.25
N MET B 160 11.76 13.44 -76.97
CA MET B 160 12.75 14.37 -76.46
C MET B 160 12.88 14.29 -74.95
N LEU B 161 12.16 13.36 -74.31
CA LEU B 161 12.11 13.23 -72.86
C LEU B 161 11.65 14.52 -72.20
N GLN B 162 10.70 15.19 -72.83
CA GLN B 162 10.29 16.51 -72.33
C GLN B 162 9.67 16.44 -70.95
N ASP B 163 9.24 15.26 -70.48
CA ASP B 163 8.58 15.18 -69.18
C ASP B 163 9.34 14.28 -68.19
N VAL B 164 10.59 13.95 -68.47
CA VAL B 164 11.35 13.16 -67.50
C VAL B 164 11.70 14.00 -66.28
N ASN B 165 12.02 15.28 -66.49
CA ASN B 165 12.36 16.16 -65.39
C ASN B 165 12.03 17.59 -65.80
N LYS B 166 12.47 18.55 -64.99
CA LYS B 166 12.22 19.97 -65.25
C LYS B 166 13.56 20.64 -65.48
N GLY B 167 13.82 21.01 -66.73
CA GLY B 167 15.10 21.56 -67.10
C GLY B 167 15.26 23.02 -66.74
N TRP B 168 16.41 23.58 -67.12
CA TRP B 168 16.70 24.97 -66.81
C TRP B 168 15.63 25.88 -67.38
N LEU B 169 15.25 25.66 -68.63
CA LEU B 169 14.28 26.54 -69.27
C LEU B 169 12.95 26.47 -68.55
N GLN B 170 12.56 25.29 -68.09
CA GLN B 170 11.30 25.21 -67.35
C GLN B 170 11.42 25.84 -65.97
N ASN B 171 12.61 25.83 -65.39
CA ASN B 171 12.80 26.60 -64.16
C ASN B 171 12.56 28.09 -64.41
N LEU B 172 13.05 28.61 -65.54
CA LEU B 172 12.80 30.01 -65.85
C LEU B 172 11.32 30.27 -66.12
N ARG B 173 10.64 29.32 -66.77
CA ARG B 173 9.23 29.52 -67.05
C ARG B 173 8.35 29.38 -65.82
N GLU B 174 8.80 28.65 -64.79
CA GLU B 174 7.99 28.51 -63.59
C GLU B 174 8.31 29.52 -62.52
N GLN B 175 9.56 29.94 -62.40
CA GLN B 175 9.98 30.94 -61.44
C GLN B 175 10.73 32.05 -62.17
N ALA B 176 10.34 33.28 -61.90
CA ALA B 176 10.74 34.46 -62.67
C ALA B 176 10.31 34.30 -64.13
N PRO B 177 9.01 34.25 -64.41
CA PRO B 177 8.58 34.21 -65.82
C PRO B 177 8.89 35.48 -66.56
N GLN B 178 9.09 36.60 -65.85
CA GLN B 178 9.43 37.85 -66.52
C GLN B 178 10.68 37.71 -67.36
N ARG B 179 11.62 36.86 -66.94
CA ARG B 179 12.80 36.59 -67.74
C ARG B 179 12.48 35.87 -69.04
N VAL B 180 11.28 35.32 -69.17
CA VAL B 180 10.89 34.59 -70.36
C VAL B 180 10.04 35.49 -71.24
N MET B 181 10.34 35.49 -72.53
CA MET B 181 9.59 36.28 -73.49
C MET B 181 8.79 35.31 -74.35
N LYS B 182 7.46 35.40 -74.27
CA LYS B 182 6.59 34.52 -75.03
C LYS B 182 5.91 35.23 -76.19
N GLU B 183 5.35 36.41 -75.96
CA GLU B 183 4.69 37.19 -76.99
C GLU B 183 5.57 38.37 -77.37
N GLY B 184 5.79 38.53 -78.67
CA GLY B 184 6.69 39.57 -79.14
C GLY B 184 6.05 40.94 -79.08
N LYS B 185 6.35 41.79 -80.05
CA LYS B 185 5.80 43.14 -80.09
C LYS B 185 4.33 43.06 -80.46
N ALA B 186 3.53 42.56 -79.51
CA ALA B 186 2.09 42.39 -79.67
C ALA B 186 1.76 41.57 -80.91
N ALA B 187 2.21 40.33 -80.89
CA ALA B 187 1.93 39.38 -81.97
C ALA B 187 1.08 38.24 -81.42
N ALA B 188 0.72 37.33 -82.32
CA ALA B 188 -0.19 36.23 -81.98
C ALA B 188 0.53 35.16 -81.16
N GLY B 189 0.94 35.55 -79.96
CA GLY B 189 1.60 34.65 -79.05
C GLY B 189 2.96 34.15 -79.49
N LYS B 190 3.50 34.71 -80.57
CA LYS B 190 4.77 34.27 -81.16
C LYS B 190 5.70 35.46 -81.30
N ILE B 191 6.98 35.19 -81.14
CA ILE B 191 8.01 36.21 -81.31
C ILE B 191 8.41 36.20 -82.78
N THR B 192 7.82 37.08 -83.57
CA THR B 192 8.05 37.04 -85.01
C THR B 192 9.33 37.80 -85.33
N VAL B 193 9.58 38.04 -86.61
CA VAL B 193 10.80 38.69 -87.08
C VAL B 193 10.44 39.83 -88.02
N GLY B 194 11.46 40.44 -88.60
CA GLY B 194 11.30 41.64 -89.40
C GLY B 194 10.43 41.49 -90.61
N GLY B 195 10.12 40.26 -91.03
CA GLY B 195 9.17 40.08 -92.11
C GLY B 195 7.72 40.33 -91.72
N ALA B 196 7.44 40.41 -90.42
CA ALA B 196 6.08 40.56 -89.91
C ALA B 196 5.94 41.95 -89.29
N GLY B 197 5.52 42.91 -90.12
CA GLY B 197 5.28 44.26 -89.63
C GLY B 197 6.54 44.85 -89.03
N ALA B 198 6.43 45.29 -87.78
CA ALA B 198 7.56 45.82 -87.02
C ALA B 198 7.65 45.00 -85.74
N ASP B 199 8.54 44.00 -85.72
CA ASP B 199 8.70 43.16 -84.55
C ASP B 199 10.14 42.65 -84.51
N TYR B 200 10.98 43.32 -83.73
CA TYR B 200 12.32 42.84 -83.39
C TYR B 200 13.28 42.63 -84.55
N GLY B 201 12.86 42.93 -85.77
CA GLY B 201 13.77 42.79 -86.89
C GLY B 201 14.34 41.39 -86.97
N ASN B 202 15.66 41.29 -86.91
CA ASN B 202 16.36 40.02 -86.95
C ASN B 202 16.53 39.46 -85.54
N LEU B 203 17.24 38.34 -85.41
CA LEU B 203 17.53 37.80 -84.09
C LEU B 203 18.48 38.69 -83.31
N ASP B 204 19.26 39.53 -84.00
CA ASP B 204 20.22 40.37 -83.31
C ASP B 204 19.54 41.37 -82.39
N ALA B 205 18.49 42.03 -82.88
CA ALA B 205 17.76 42.96 -82.04
C ALA B 205 17.08 42.22 -80.89
N LEU B 206 16.56 41.03 -81.17
CA LEU B 206 15.89 40.28 -80.12
C LEU B 206 16.84 39.93 -78.98
N VAL B 207 18.04 39.46 -79.33
CA VAL B 207 19.03 39.16 -78.31
C VAL B 207 19.50 40.43 -77.62
N TYR B 208 19.59 41.53 -78.36
CA TYR B 208 19.96 42.79 -77.73
C TYR B 208 18.93 43.21 -76.70
N ASP B 209 17.65 43.09 -77.03
CA ASP B 209 16.61 43.42 -76.06
C ASP B 209 16.60 42.44 -74.89
N ILE B 210 16.86 41.16 -75.16
CA ILE B 210 16.98 40.20 -74.08
C ILE B 210 18.13 40.58 -73.16
N THR B 211 19.27 40.94 -73.75
CA THR B 211 20.43 41.27 -72.95
C THR B 211 20.21 42.53 -72.12
N ASN B 212 19.57 43.54 -72.72
CA ASN B 212 19.40 44.80 -72.00
C ASN B 212 18.19 44.74 -71.07
N HIS B 213 17.02 44.45 -71.59
CA HIS B 213 15.80 44.51 -70.81
C HIS B 213 15.68 43.35 -69.84
N LEU B 214 15.67 42.12 -70.36
CA LEU B 214 15.39 40.96 -69.51
C LEU B 214 16.54 40.67 -68.58
N VAL B 215 17.74 40.43 -69.13
CA VAL B 215 18.91 40.24 -68.28
C VAL B 215 19.13 41.49 -67.46
N GLU B 216 19.48 41.31 -66.19
CA GLU B 216 19.75 42.45 -65.32
C GLU B 216 20.90 43.25 -65.89
N PRO B 217 20.76 44.58 -65.86
CA PRO B 217 21.66 45.45 -66.59
C PRO B 217 23.11 45.32 -66.15
N TRP B 218 23.37 44.79 -64.96
CA TRP B 218 24.74 44.62 -64.52
C TRP B 218 25.37 43.34 -65.02
N TYR B 219 24.69 42.62 -65.92
CA TYR B 219 25.27 41.49 -66.61
C TYR B 219 25.48 41.73 -68.10
N ALA B 220 24.80 42.72 -68.69
CA ALA B 220 24.96 42.94 -70.12
C ALA B 220 26.41 43.20 -70.47
N GLU B 221 27.12 43.98 -69.66
CA GLU B 221 28.52 44.24 -69.90
C GLU B 221 29.39 43.00 -69.69
N ASP B 222 28.86 41.96 -69.06
CA ASP B 222 29.64 40.75 -68.84
C ASP B 222 30.01 40.13 -70.19
N PRO B 223 31.23 39.61 -70.35
CA PRO B 223 31.62 39.00 -71.62
C PRO B 223 31.20 37.55 -71.79
N ASP B 224 30.52 36.95 -70.82
CA ASP B 224 30.18 35.53 -70.92
C ASP B 224 28.72 35.27 -71.23
N LEU B 225 27.92 36.28 -71.55
CA LEU B 225 26.55 36.05 -71.99
C LEU B 225 26.57 35.40 -73.36
N VAL B 226 26.42 34.08 -73.39
CA VAL B 226 26.37 33.33 -74.63
C VAL B 226 24.91 33.05 -74.95
N VAL B 227 24.62 32.94 -76.25
CA VAL B 227 23.29 32.58 -76.73
C VAL B 227 23.30 31.08 -76.98
N VAL B 228 22.63 30.34 -76.10
CA VAL B 228 22.46 28.91 -76.27
C VAL B 228 21.33 28.68 -77.24
N CYS B 229 21.58 27.95 -78.32
CA CYS B 229 20.57 27.78 -79.35
C CYS B 229 20.88 26.56 -80.19
N GLY B 230 19.85 26.06 -80.87
CA GLY B 230 20.02 24.92 -81.73
C GLY B 230 20.55 25.30 -83.10
N ARG B 231 21.04 24.29 -83.82
CA ARG B 231 21.61 24.52 -85.13
C ARG B 231 20.57 25.07 -86.10
N ASN B 232 19.35 24.55 -86.02
CA ASN B 232 18.32 24.95 -86.98
C ASN B 232 18.01 26.44 -86.88
N LEU B 233 18.08 27.01 -85.67
CA LEU B 233 17.91 28.45 -85.53
C LEU B 233 18.99 29.21 -86.28
N LEU B 234 20.25 28.82 -86.06
CA LEU B 234 21.35 29.45 -86.78
C LEU B 234 21.22 29.20 -88.27
N SER B 235 20.76 28.02 -88.66
CA SER B 235 20.59 27.72 -90.08
C SER B 235 19.64 28.71 -90.73
N ASP B 236 18.50 28.97 -90.09
CA ASP B 236 17.57 29.94 -90.64
C ASP B 236 18.04 31.38 -90.48
N LYS B 237 18.95 31.64 -89.54
CA LYS B 237 19.52 32.97 -89.43
C LYS B 237 20.55 33.21 -90.54
N TYR B 238 21.39 32.21 -90.82
CA TYR B 238 22.47 32.39 -91.77
C TYR B 238 22.09 32.01 -93.21
N PHE B 239 20.97 31.34 -93.41
CA PHE B 239 20.59 30.96 -94.77
C PHE B 239 20.29 32.16 -95.65
N PRO B 240 19.48 33.14 -95.24
CA PRO B 240 19.26 34.30 -96.12
C PRO B 240 20.53 35.07 -96.39
N LEU B 241 21.57 34.87 -95.58
CA LEU B 241 22.81 35.59 -95.81
C LEU B 241 23.60 35.03 -96.98
N VAL B 242 23.40 33.77 -97.34
CA VAL B 242 24.34 33.09 -98.21
C VAL B 242 23.73 32.60 -99.51
N ASN B 243 22.57 33.13 -99.89
CA ASN B 243 22.02 32.78 -101.19
C ASN B 243 21.43 33.97 -101.92
N ARG B 244 21.82 35.20 -101.58
CA ARG B 244 21.21 36.38 -102.17
C ARG B 244 21.71 36.68 -103.58
N ASP B 245 22.90 36.23 -103.95
CA ASP B 245 23.51 36.55 -105.24
C ASP B 245 23.64 38.06 -105.44
N ARG B 246 24.37 38.70 -104.54
CA ARG B 246 24.56 40.14 -104.58
C ARG B 246 26.00 40.49 -104.95
N ASP B 247 26.32 41.79 -104.86
CA ASP B 247 27.64 42.30 -105.15
C ASP B 247 28.67 41.63 -104.24
N PRO B 248 29.94 41.56 -104.67
CA PRO B 248 30.93 40.73 -103.97
C PRO B 248 31.01 41.01 -102.49
N VAL B 249 31.30 42.26 -102.12
CA VAL B 249 31.50 42.60 -100.71
C VAL B 249 30.32 42.12 -99.87
N GLN B 250 29.12 42.11 -100.42
CA GLN B 250 27.97 41.61 -99.67
C GLN B 250 28.15 40.15 -99.31
N GLN B 251 28.44 39.30 -100.31
CA GLN B 251 28.64 37.89 -100.04
C GLN B 251 29.85 37.66 -99.15
N ILE B 252 30.85 38.53 -99.27
CA ILE B 252 32.10 38.38 -98.54
C ILE B 252 31.90 38.64 -97.06
N ALA B 253 31.26 39.75 -96.74
CA ALA B 253 30.98 40.05 -95.34
C ALA B 253 29.96 39.08 -94.78
N ALA B 254 29.05 38.57 -95.62
CA ALA B 254 28.10 37.57 -95.15
C ALA B 254 28.84 36.30 -94.72
N ASP B 255 29.89 35.95 -95.44
CA ASP B 255 30.72 34.82 -95.02
C ASP B 255 31.39 35.12 -93.68
N LEU B 256 31.81 36.37 -93.47
CA LEU B 256 32.38 36.72 -92.17
C LEU B 256 31.41 36.44 -91.03
N ILE B 257 30.13 36.77 -91.22
CA ILE B 257 29.14 36.53 -90.18
C ILE B 257 28.95 35.05 -89.93
N ILE B 258 28.72 34.27 -90.99
CA ILE B 258 28.43 32.86 -90.76
C ILE B 258 29.64 32.14 -90.19
N SER B 259 30.83 32.70 -90.40
CA SER B 259 32.04 32.17 -89.78
C SER B 259 32.32 32.78 -88.41
N GLN B 260 31.49 33.74 -87.99
CA GLN B 260 31.59 34.35 -86.67
C GLN B 260 30.28 34.07 -85.95
N LYS B 261 30.29 33.08 -85.06
CA LYS B 261 29.03 32.53 -84.56
C LYS B 261 28.26 33.50 -83.69
N ARG B 262 28.82 34.67 -83.38
CA ARG B 262 28.17 35.64 -82.51
C ARG B 262 26.80 36.02 -83.03
N ILE B 263 25.84 36.16 -82.11
CA ILE B 263 24.53 36.72 -82.39
C ILE B 263 24.45 38.08 -81.72
N GLY B 264 24.09 39.10 -82.49
CA GLY B 264 24.19 40.45 -81.99
C GLY B 264 25.64 40.72 -81.68
N ASN B 265 25.98 40.75 -80.40
CA ASN B 265 27.38 40.69 -79.97
C ASN B 265 27.68 39.44 -79.17
N LEU B 266 26.66 38.79 -78.63
CA LEU B 266 26.86 37.67 -77.74
C LEU B 266 27.32 36.45 -78.53
N PRO B 267 28.33 35.74 -78.04
CA PRO B 267 28.71 34.47 -78.69
C PRO B 267 27.55 33.50 -78.67
N ALA B 268 27.50 32.64 -79.68
CA ALA B 268 26.48 31.63 -79.79
C ALA B 268 27.09 30.27 -79.52
N ILE B 269 26.41 29.46 -78.73
CA ILE B 269 26.86 28.13 -78.38
C ILE B 269 25.82 27.15 -78.90
N ARG B 270 26.05 26.60 -80.09
CA ARG B 270 25.18 25.57 -80.62
C ARG B 270 25.25 24.36 -79.69
N VAL B 271 24.15 24.07 -79.00
CA VAL B 271 24.08 22.99 -78.03
C VAL B 271 23.11 21.93 -78.56
N PRO B 272 23.45 20.65 -78.51
CA PRO B 272 22.57 19.63 -79.05
C PRO B 272 21.22 19.61 -78.34
N TYR B 273 20.18 19.30 -79.11
CA TYR B 273 18.83 19.15 -78.59
C TYR B 273 18.32 20.41 -77.90
N PHE B 274 18.44 21.54 -78.56
CA PHE B 274 17.74 22.71 -78.06
C PHE B 274 16.33 22.75 -78.63
N PRO B 275 15.36 23.30 -77.89
CA PRO B 275 13.97 23.25 -78.34
C PRO B 275 13.75 23.99 -79.64
N ALA B 276 12.53 23.85 -80.16
CA ALA B 276 12.20 24.39 -81.47
C ALA B 276 12.05 25.90 -81.40
N ASN B 277 12.82 26.62 -82.23
CA ASN B 277 12.74 28.07 -82.34
C ASN B 277 12.95 28.74 -80.99
N GLY B 278 13.74 28.09 -80.13
CA GLY B 278 13.99 28.58 -78.80
C GLY B 278 15.36 29.25 -78.71
N LEU B 279 15.51 30.08 -77.69
CA LEU B 279 16.76 30.79 -77.49
C LEU B 279 16.94 31.06 -76.01
N LEU B 280 18.18 30.96 -75.54
CA LEU B 280 18.51 31.26 -74.16
C LEU B 280 19.73 32.16 -74.15
N VAL B 281 19.81 33.03 -73.15
CA VAL B 281 20.97 33.88 -72.94
C VAL B 281 21.40 33.73 -71.50
N THR B 282 22.63 33.28 -71.29
CA THR B 282 23.13 33.09 -69.93
C THR B 282 24.61 32.82 -70.00
N ARG B 283 25.24 32.79 -68.83
CA ARG B 283 26.59 32.28 -68.74
C ARG B 283 26.54 30.76 -68.66
N LEU B 284 27.48 30.10 -69.33
CA LEU B 284 27.50 28.64 -69.27
C LEU B 284 27.68 28.17 -67.83
N ASP B 285 28.50 28.85 -67.06
CA ASP B 285 28.69 28.47 -65.67
C ASP B 285 27.50 28.82 -64.80
N ASN B 286 26.57 29.63 -65.31
CA ASN B 286 25.39 29.97 -64.52
C ASN B 286 24.47 28.78 -64.32
N LEU B 287 24.54 27.79 -65.20
CA LEU B 287 23.66 26.64 -65.14
C LEU B 287 24.37 25.49 -64.44
N SER B 288 23.68 24.83 -63.52
CA SER B 288 24.28 23.72 -62.81
C SER B 288 23.29 22.59 -62.71
N ILE B 289 23.81 21.39 -62.48
CA ILE B 289 23.00 20.20 -62.30
C ILE B 289 23.37 19.63 -60.95
N TYR B 290 22.68 20.05 -59.90
CA TYR B 290 22.94 19.47 -58.60
C TYR B 290 22.48 18.03 -58.60
N TYR B 291 23.29 17.12 -58.05
CA TYR B 291 22.86 15.74 -57.99
C TYR B 291 23.19 15.17 -56.62
N GLN B 292 22.34 14.26 -56.18
CA GLN B 292 22.46 13.70 -54.83
C GLN B 292 23.51 12.60 -54.87
N GLU B 293 24.78 12.98 -54.77
CA GLU B 293 25.84 12.00 -54.70
C GLU B 293 25.69 11.16 -53.46
N GLY B 294 25.82 9.85 -53.62
CA GLY B 294 25.44 8.91 -52.60
C GLY B 294 24.02 8.43 -52.72
N GLY B 295 23.17 9.18 -53.42
CA GLY B 295 21.87 8.72 -53.85
C GLY B 295 21.85 8.23 -55.28
N ARG B 296 23.02 8.05 -55.89
CA ARG B 296 23.17 7.52 -57.24
C ARG B 296 23.33 6.01 -57.19
N ARG B 297 22.44 5.28 -57.83
CA ARG B 297 22.41 3.83 -57.78
C ARG B 297 22.76 3.24 -59.14
N ARG B 298 23.74 2.34 -59.16
CA ARG B 298 24.24 1.74 -60.39
C ARG B 298 24.27 0.21 -60.22
N THR B 299 23.13 -0.34 -59.85
CA THR B 299 23.05 -1.76 -59.54
C THR B 299 23.11 -2.59 -60.81
N ILE B 300 23.94 -3.63 -60.81
CA ILE B 300 24.04 -4.58 -61.91
C ILE B 300 23.31 -5.83 -61.51
N LEU B 301 22.07 -5.98 -61.97
CA LEU B 301 21.28 -7.17 -61.67
C LEU B 301 21.44 -8.16 -62.80
N ASP B 302 22.03 -9.31 -62.49
CA ASP B 302 22.39 -10.31 -63.48
C ASP B 302 21.19 -11.22 -63.74
N ASN B 303 20.19 -10.66 -64.41
CA ASN B 303 18.88 -11.31 -64.52
C ASN B 303 19.02 -12.51 -65.44
N ALA B 304 19.52 -13.60 -64.87
CA ALA B 304 19.63 -14.85 -65.61
C ALA B 304 18.30 -15.37 -66.10
N LYS B 305 17.20 -14.97 -65.46
CA LYS B 305 15.88 -15.43 -65.85
C LYS B 305 15.56 -15.12 -67.31
N ARG B 306 16.19 -14.09 -67.87
CA ARG B 306 15.95 -13.68 -69.25
C ARG B 306 17.19 -13.77 -70.12
N ASP B 307 18.25 -14.42 -69.65
CA ASP B 307 19.53 -14.44 -70.36
C ASP B 307 19.94 -13.01 -70.72
N ARG B 308 20.20 -12.25 -69.66
CA ARG B 308 20.23 -10.81 -69.78
C ARG B 308 21.07 -10.25 -68.64
N ILE B 309 21.75 -9.13 -68.91
CA ILE B 309 22.42 -8.39 -67.85
C ILE B 309 21.75 -7.03 -67.79
N GLU B 310 21.26 -6.68 -66.60
CA GLU B 310 20.54 -5.43 -66.40
C GLU B 310 21.41 -4.44 -65.68
N ASN B 311 21.47 -3.22 -66.19
CA ASN B 311 22.17 -2.13 -65.53
C ASN B 311 21.11 -1.07 -65.24
N TYR B 312 20.74 -0.94 -63.96
CA TYR B 312 19.81 0.09 -63.51
C TYR B 312 20.64 1.20 -62.90
N GLU B 313 20.73 2.33 -63.58
CA GLU B 313 21.44 3.48 -63.05
C GLU B 313 20.42 4.59 -62.83
N SER B 314 20.01 4.74 -61.58
CA SER B 314 19.19 5.87 -61.19
C SER B 314 20.09 7.04 -60.85
N SER B 315 19.55 8.25 -61.02
CA SER B 315 20.31 9.43 -60.66
C SER B 315 19.33 10.52 -60.24
N ASN B 316 19.70 11.24 -59.19
CA ASN B 316 18.91 12.33 -58.68
C ASN B 316 19.50 13.62 -59.23
N ASP B 317 18.69 14.35 -59.99
CA ASP B 317 19.15 15.56 -60.66
C ASP B 317 18.21 16.70 -60.34
N ALA B 318 18.73 17.92 -60.36
CA ALA B 318 17.96 19.14 -60.17
C ALA B 318 18.58 20.17 -61.10
N TYR B 319 17.92 20.42 -62.22
CA TYR B 319 18.39 21.44 -63.13
C TYR B 319 18.00 22.79 -62.57
N VAL B 320 18.99 23.63 -62.31
CA VAL B 320 18.73 24.90 -61.66
C VAL B 320 19.56 25.97 -62.36
N ILE B 321 19.15 27.22 -62.15
CA ILE B 321 19.87 28.38 -62.63
C ILE B 321 20.43 29.08 -61.41
N GLU B 322 21.76 29.23 -61.37
CA GLU B 322 22.35 29.85 -60.19
C GLU B 322 21.90 31.30 -60.04
N ASP B 323 21.81 32.03 -61.13
CA ASP B 323 21.44 33.44 -61.09
C ASP B 323 20.34 33.67 -62.13
N LEU B 324 19.16 34.06 -61.67
CA LEU B 324 18.08 34.38 -62.59
C LEU B 324 18.27 35.70 -63.32
N ALA B 325 19.00 36.64 -62.74
CA ALA B 325 19.26 37.89 -63.45
C ALA B 325 20.00 37.63 -64.75
N CYS B 326 20.98 36.71 -64.72
CA CYS B 326 21.76 36.37 -65.90
C CYS B 326 21.17 35.14 -66.60
N ALA B 327 19.86 35.18 -66.84
CA ALA B 327 19.21 34.08 -67.53
C ALA B 327 17.91 34.59 -68.13
N ALA B 328 17.91 34.78 -69.44
CA ALA B 328 16.70 35.23 -70.12
C ALA B 328 16.53 34.49 -71.43
N MET B 329 15.32 34.04 -71.72
CA MET B 329 15.10 33.27 -72.92
C MET B 329 14.12 33.97 -73.85
N ALA B 330 13.92 33.35 -75.00
CA ALA B 330 12.86 33.71 -75.92
C ALA B 330 12.23 32.42 -76.41
N GLU B 331 10.94 32.25 -76.19
CA GLU B 331 10.23 31.06 -76.61
C GLU B 331 9.38 31.38 -77.82
N ASN B 332 9.28 30.42 -78.73
CA ASN B 332 8.41 30.50 -79.90
C ASN B 332 8.83 31.67 -80.80
N ILE B 333 10.07 31.57 -81.28
CA ILE B 333 10.60 32.57 -82.21
C ILE B 333 10.07 32.24 -83.59
N ALA B 334 9.00 32.91 -83.99
CA ALA B 334 8.49 32.72 -85.35
C ALA B 334 9.46 33.32 -86.36
N LEU B 335 10.13 32.46 -87.13
CA LEU B 335 11.11 32.94 -88.09
C LEU B 335 10.49 33.19 -89.45
N VAL C 31 11.94 34.63 -46.21
CA VAL C 31 11.76 33.24 -46.61
C VAL C 31 11.74 32.33 -45.40
N ALA C 32 11.77 31.02 -45.64
CA ALA C 32 11.65 30.07 -44.55
C ALA C 32 12.93 30.05 -43.72
N PRO C 33 12.78 29.89 -42.42
CA PRO C 33 13.94 29.63 -41.55
C PRO C 33 14.30 28.15 -41.53
N SER C 34 14.00 27.48 -42.65
CA SER C 34 13.62 26.08 -42.72
C SER C 34 14.27 25.19 -41.65
N VAL C 35 13.45 24.30 -41.10
CA VAL C 35 13.73 23.61 -39.86
C VAL C 35 14.99 22.76 -39.94
N GLN C 36 15.56 22.47 -38.78
CA GLN C 36 16.60 21.45 -38.65
C GLN C 36 15.99 20.22 -37.99
N GLN C 37 16.22 19.04 -38.56
CA GLN C 37 15.54 17.82 -38.16
C GLN C 37 16.53 16.80 -37.62
N LYS C 38 16.24 16.27 -36.44
CA LYS C 38 17.04 15.19 -35.85
C LYS C 38 16.21 13.93 -35.79
N LEU C 39 16.86 12.79 -36.00
CA LEU C 39 16.17 11.52 -36.10
C LEU C 39 16.19 10.79 -34.77
N GLU C 40 15.02 10.34 -34.32
CA GLU C 40 14.93 9.57 -33.09
C GLU C 40 13.91 8.46 -33.27
N THR C 41 14.23 7.29 -32.72
CA THR C 41 13.38 6.12 -32.88
C THR C 41 12.35 6.08 -31.76
N LYS C 42 11.07 6.07 -32.13
CA LYS C 42 10.02 5.90 -31.15
C LYS C 42 10.01 4.46 -30.66
N VAL C 43 10.28 4.27 -29.37
CA VAL C 43 10.54 2.94 -28.85
C VAL C 43 9.29 2.07 -28.95
N GLN C 44 9.45 0.88 -29.54
CA GLN C 44 8.39 -0.11 -29.58
C GLN C 44 8.38 -0.90 -28.27
N GLU C 45 7.27 -1.59 -28.03
CA GLU C 45 7.09 -2.32 -26.79
C GLU C 45 8.25 -3.27 -26.56
N SER C 46 8.77 -3.27 -25.34
CA SER C 46 9.94 -4.09 -25.05
C SER C 46 9.55 -5.57 -25.05
N SER C 47 10.35 -6.37 -25.74
CA SER C 47 10.10 -7.79 -25.95
C SER C 47 10.85 -8.67 -24.96
N ASP C 48 11.14 -8.16 -23.77
CA ASP C 48 11.88 -8.93 -22.79
C ASP C 48 11.14 -10.18 -22.34
N PHE C 49 9.83 -10.26 -22.60
CA PHE C 49 9.10 -11.49 -22.36
C PHE C 49 9.72 -12.66 -23.11
N LEU C 50 10.28 -12.39 -24.29
CA LEU C 50 10.91 -13.45 -25.08
C LEU C 50 12.17 -13.98 -24.42
N LYS C 51 12.67 -13.33 -23.39
CA LYS C 51 13.81 -13.85 -22.66
C LYS C 51 13.42 -14.93 -21.66
N SER C 52 12.13 -15.14 -21.42
CA SER C 52 11.69 -16.16 -20.49
C SER C 52 11.15 -17.41 -21.17
N ILE C 53 10.58 -17.30 -22.37
CA ILE C 53 10.17 -18.47 -23.11
C ILE C 53 11.42 -19.16 -23.64
N ASN C 54 11.27 -20.39 -24.11
CA ASN C 54 12.41 -21.20 -24.52
C ASN C 54 12.45 -21.27 -26.04
N PHE C 55 13.51 -20.73 -26.63
CA PHE C 55 13.75 -20.91 -28.05
C PHE C 55 14.55 -22.19 -28.24
N TYR C 56 13.97 -23.16 -28.94
CA TYR C 56 14.71 -24.38 -29.27
C TYR C 56 14.90 -24.44 -30.76
N GLY C 57 16.16 -24.62 -31.18
CA GLY C 57 16.51 -24.70 -32.58
C GLY C 57 16.44 -26.12 -33.09
N VAL C 58 15.24 -26.66 -33.15
CA VAL C 58 15.07 -27.99 -33.74
C VAL C 58 15.48 -27.93 -35.21
N PRO C 59 16.32 -28.85 -35.70
CA PRO C 59 16.71 -28.80 -37.11
C PRO C 59 15.63 -29.27 -38.06
N GLU C 60 14.67 -30.07 -37.60
CA GLU C 60 13.64 -30.60 -38.49
C GLU C 60 12.37 -29.78 -38.36
N GLN C 61 11.66 -29.62 -39.48
CA GLN C 61 10.47 -28.78 -39.50
C GLN C 61 9.38 -29.32 -38.59
N GLU C 62 9.00 -30.57 -38.76
CA GLU C 62 7.84 -31.14 -38.08
C GLU C 62 8.32 -32.22 -37.11
N GLY C 63 8.34 -31.88 -35.83
CA GLY C 63 8.65 -32.84 -34.80
C GLY C 63 7.37 -33.45 -34.23
N GLU C 64 7.56 -34.28 -33.21
CA GLU C 64 6.44 -34.98 -32.60
C GLU C 64 6.80 -35.34 -31.17
N LYS C 65 5.92 -34.99 -30.24
CA LYS C 65 6.10 -35.29 -28.83
C LYS C 65 5.10 -36.36 -28.44
N ILE C 66 5.58 -37.56 -28.17
CA ILE C 66 4.72 -38.68 -27.81
C ILE C 66 4.84 -38.91 -26.31
N GLY C 67 3.70 -38.88 -25.61
CA GLY C 67 3.69 -38.97 -24.17
C GLY C 67 3.05 -40.25 -23.71
N LEU C 68 3.68 -40.88 -22.72
CA LEU C 68 3.22 -42.14 -22.16
C LEU C 68 2.27 -41.88 -21.01
N GLY C 69 1.03 -42.35 -21.15
CA GLY C 69 0.02 -42.18 -20.13
C GLY C 69 -0.43 -43.51 -19.56
N VAL C 70 -1.31 -43.43 -18.58
CA VAL C 70 -1.89 -44.60 -17.93
C VAL C 70 -3.38 -44.34 -17.77
N SER C 71 -4.20 -45.27 -18.27
CA SER C 71 -5.65 -45.07 -18.36
C SER C 71 -6.32 -45.47 -17.05
N GLY C 72 -6.13 -44.64 -16.03
CA GLY C 72 -6.83 -44.79 -14.78
C GLY C 72 -6.50 -46.05 -14.02
N PRO C 73 -7.52 -46.86 -13.74
CA PRO C 73 -7.33 -48.02 -12.87
C PRO C 73 -6.53 -49.12 -13.53
N VAL C 74 -5.75 -49.83 -12.73
CA VAL C 74 -5.08 -51.04 -13.19
C VAL C 74 -5.36 -52.17 -12.21
N ALA C 75 -6.08 -51.86 -11.14
CA ALA C 75 -6.44 -52.84 -10.12
C ALA C 75 -7.88 -53.26 -10.31
N SER C 76 -8.11 -54.58 -10.37
CA SER C 76 -9.46 -55.09 -10.59
C SER C 76 -9.52 -56.53 -10.09
N THR C 77 -10.26 -56.75 -8.99
CA THR C 77 -10.45 -58.10 -8.51
C THR C 77 -11.50 -58.81 -9.36
N THR C 78 -11.30 -60.11 -9.57
CA THR C 78 -12.25 -60.93 -10.28
C THR C 78 -12.27 -62.32 -9.66
N ASP C 79 -13.39 -63.01 -9.85
CA ASP C 79 -13.54 -64.37 -9.34
C ASP C 79 -12.83 -65.32 -10.31
N THR C 80 -11.87 -66.07 -9.77
CA THR C 80 -11.12 -66.99 -10.62
C THR C 80 -11.96 -68.17 -11.06
N THR C 81 -13.13 -68.37 -10.44
CA THR C 81 -13.93 -69.55 -10.73
C THR C 81 -14.81 -69.35 -11.96
N GLN C 82 -15.59 -68.27 -12.00
CA GLN C 82 -16.49 -68.02 -13.13
C GLN C 82 -15.80 -67.19 -14.20
N GLN C 83 -15.39 -65.98 -13.88
CA GLN C 83 -14.78 -65.07 -14.84
C GLN C 83 -13.29 -65.34 -14.87
N ASP C 84 -12.83 -66.02 -15.91
CA ASP C 84 -11.41 -66.29 -16.01
C ASP C 84 -10.63 -64.98 -16.12
N ARG C 85 -9.41 -64.98 -15.57
CA ARG C 85 -8.67 -63.75 -15.34
C ARG C 85 -8.50 -62.88 -16.57
N GLU C 86 -9.14 -61.73 -16.57
CA GLU C 86 -9.08 -60.79 -17.67
C GLU C 86 -7.96 -59.79 -17.42
N THR C 87 -7.37 -59.30 -18.50
CA THR C 87 -6.35 -58.27 -18.42
C THR C 87 -6.61 -57.23 -19.51
N SER C 88 -6.12 -56.02 -19.30
CA SER C 88 -6.33 -54.93 -20.23
C SER C 88 -5.03 -54.19 -20.48
N ASP C 89 -4.94 -53.58 -21.66
CA ASP C 89 -3.73 -52.88 -22.09
C ASP C 89 -3.82 -51.43 -21.63
N ILE C 90 -3.39 -51.18 -20.40
CA ILE C 90 -3.36 -49.80 -19.88
C ILE C 90 -1.98 -49.25 -20.21
N SER C 91 -1.81 -48.86 -21.47
CA SER C 91 -0.56 -48.27 -21.93
C SER C 91 -0.81 -47.19 -22.98
N THR C 92 -1.79 -46.32 -22.75
CA THR C 92 -2.15 -45.33 -23.74
C THR C 92 -0.99 -44.39 -24.05
N MET C 93 -0.95 -43.93 -25.31
CA MET C 93 0.08 -42.99 -25.76
C MET C 93 -0.55 -42.01 -26.73
N ASP C 94 -0.09 -40.77 -26.69
CA ASP C 94 -0.60 -39.78 -27.63
C ASP C 94 0.52 -38.87 -28.11
N GLY C 95 0.37 -38.37 -29.34
CA GLY C 95 1.40 -37.61 -29.99
C GLY C 95 0.96 -36.19 -30.26
N ARG C 96 1.95 -35.30 -30.28
CA ARG C 96 1.73 -33.89 -30.57
C ARG C 96 2.71 -33.48 -31.67
N ARG C 97 2.18 -32.94 -32.76
CA ARG C 97 3.00 -32.43 -33.84
C ARG C 97 3.31 -30.95 -33.62
N TYR C 98 4.24 -30.43 -34.43
CA TYR C 98 4.37 -28.98 -34.55
C TYR C 98 5.06 -28.68 -35.89
N ARG C 99 4.29 -28.28 -36.88
CA ARG C 99 4.85 -27.90 -38.16
C ARG C 99 5.53 -26.55 -38.03
N CYS C 100 6.86 -26.54 -38.16
CA CYS C 100 7.59 -25.28 -38.09
C CYS C 100 7.33 -24.48 -39.35
N GLU C 101 6.11 -23.97 -39.47
CA GLU C 101 5.66 -23.28 -40.67
C GLU C 101 6.51 -22.04 -40.94
N GLN C 102 6.59 -21.67 -42.20
CA GLN C 102 7.40 -20.53 -42.62
C GLN C 102 6.59 -19.25 -42.52
N THR C 103 6.97 -18.37 -41.60
CA THR C 103 6.41 -17.04 -41.49
C THR C 103 7.21 -16.11 -42.38
N ASN C 104 6.51 -15.40 -43.25
CA ASN C 104 7.13 -14.52 -44.26
C ASN C 104 7.14 -13.11 -43.71
N SER C 105 8.31 -12.64 -43.32
CA SER C 105 8.50 -11.24 -42.94
C SER C 105 9.28 -10.53 -44.03
N ASP C 106 8.71 -9.47 -44.57
CA ASP C 106 9.34 -8.75 -45.67
C ASP C 106 9.19 -7.26 -45.48
N THR C 107 10.28 -6.53 -45.65
CA THR C 107 10.28 -5.09 -45.48
C THR C 107 11.05 -4.46 -46.63
N HIS C 108 10.52 -3.37 -47.18
CA HIS C 108 11.21 -2.68 -48.26
C HIS C 108 11.24 -1.18 -47.98
N ILE C 109 12.28 -0.55 -48.50
CA ILE C 109 12.53 0.88 -48.30
C ILE C 109 12.75 1.48 -49.67
N THR C 110 11.74 2.17 -50.19
CA THR C 110 11.82 2.67 -51.56
C THR C 110 12.97 3.66 -51.71
N TYR C 111 13.52 3.74 -52.92
CA TYR C 111 14.63 4.65 -53.16
C TYR C 111 14.24 6.10 -52.97
N GLN C 112 13.00 6.48 -53.29
CA GLN C 112 12.60 7.86 -53.06
C GLN C 112 12.61 8.19 -51.57
N LYS C 113 12.03 7.31 -50.75
CA LYS C 113 12.05 7.54 -49.31
C LYS C 113 13.42 7.29 -48.71
N LEU C 114 14.31 6.60 -49.43
CA LEU C 114 15.65 6.37 -48.91
C LEU C 114 16.60 7.51 -49.25
N ASP C 115 16.41 8.14 -50.40
CA ASP C 115 17.22 9.29 -50.76
C ASP C 115 16.61 10.59 -50.28
N ALA C 116 15.30 10.62 -50.04
CA ALA C 116 14.70 11.79 -49.42
C ALA C 116 15.28 12.03 -48.04
N TRP C 117 15.46 10.96 -47.27
CA TRP C 117 15.97 11.04 -45.90
C TRP C 117 17.46 10.74 -45.84
N ALA C 118 18.21 11.14 -46.85
CA ALA C 118 19.64 10.91 -46.82
C ALA C 118 20.37 11.79 -45.82
N LYS C 119 19.70 12.81 -45.26
CA LYS C 119 20.37 13.72 -44.35
C LYS C 119 20.83 13.03 -43.07
N PHE C 120 20.34 11.83 -42.78
CA PHE C 120 20.80 11.08 -41.62
C PHE C 120 21.84 10.07 -42.07
N ALA C 121 22.90 9.94 -41.29
CA ALA C 121 23.99 9.03 -41.62
C ALA C 121 23.68 7.58 -41.27
N ASP C 122 22.55 7.32 -40.61
CA ASP C 122 22.26 5.97 -40.13
C ASP C 122 20.80 5.59 -40.34
N PHE C 123 20.15 6.14 -41.37
CA PHE C 123 18.73 5.88 -41.56
C PHE C 123 18.47 4.39 -41.77
N GLN C 124 19.29 3.75 -42.60
CA GLN C 124 19.13 2.32 -42.81
C GLN C 124 19.35 1.55 -41.52
N THR C 125 20.38 1.93 -40.77
CA THR C 125 20.67 1.26 -39.51
C THR C 125 19.51 1.39 -38.53
N ARG C 126 18.97 2.60 -38.41
CA ARG C 126 17.91 2.83 -37.44
C ARG C 126 16.64 2.08 -37.83
N ILE C 127 16.29 2.08 -39.10
CA ILE C 127 15.10 1.34 -39.50
C ILE C 127 15.34 -0.16 -39.34
N ARG C 128 16.58 -0.62 -39.51
CA ARG C 128 16.87 -2.04 -39.31
C ARG C 128 16.63 -2.46 -37.87
N ASP C 129 17.11 -1.67 -36.91
CA ASP C 129 16.90 -2.01 -35.51
C ASP C 129 15.42 -2.01 -35.18
N ALA C 130 14.70 -1.00 -35.68
CA ALA C 130 13.27 -0.96 -35.42
C ALA C 130 12.57 -2.19 -35.96
N ILE C 131 12.98 -2.65 -37.14
CA ILE C 131 12.34 -3.83 -37.71
C ILE C 131 12.71 -5.08 -36.93
N ILE C 132 13.96 -5.18 -36.45
CA ILE C 132 14.33 -6.32 -35.62
C ILE C 132 13.43 -6.39 -34.39
N LYS C 133 13.28 -5.26 -33.70
CA LYS C 133 12.49 -5.28 -32.48
C LYS C 133 11.01 -5.50 -32.78
N ARG C 134 10.52 -4.93 -33.88
CA ARG C 134 9.14 -5.18 -34.28
C ARG C 134 8.92 -6.64 -34.63
N GLN C 135 9.94 -7.35 -35.11
CA GLN C 135 9.78 -8.77 -35.35
C GLN C 135 9.69 -9.55 -34.05
N ALA C 136 10.42 -9.12 -33.04
CA ALA C 136 10.25 -9.75 -31.73
C ALA C 136 8.80 -9.61 -31.27
N LEU C 137 8.26 -8.39 -31.38
CA LEU C 137 6.87 -8.18 -31.00
C LEU C 137 5.92 -8.98 -31.88
N ASP C 138 6.28 -9.19 -33.14
CA ASP C 138 5.49 -10.06 -33.99
C ASP C 138 5.50 -11.49 -33.48
N ARG C 139 6.67 -11.96 -33.03
CA ARG C 139 6.72 -13.31 -32.49
C ARG C 139 5.79 -13.44 -31.30
N ILE C 140 5.83 -12.47 -30.39
CA ILE C 140 4.92 -12.50 -29.25
C ILE C 140 3.46 -12.45 -29.71
N MET C 141 3.16 -11.51 -30.61
CA MET C 141 1.77 -11.25 -30.97
C MET C 141 1.19 -12.37 -31.80
N ILE C 142 2.00 -13.04 -32.62
CA ILE C 142 1.50 -14.22 -33.32
C ILE C 142 1.29 -15.35 -32.34
N GLY C 143 2.19 -15.51 -31.38
CA GLY C 143 2.05 -16.58 -30.42
C GLY C 143 0.76 -16.50 -29.63
N PHE C 144 0.29 -15.28 -29.36
CA PHE C 144 -0.96 -15.13 -28.61
C PHE C 144 -2.16 -14.89 -29.52
N ASN C 145 -2.12 -13.82 -30.32
CA ASN C 145 -3.27 -13.50 -31.15
C ASN C 145 -3.43 -14.45 -32.32
N GLY C 146 -2.39 -15.18 -32.70
CA GLY C 146 -2.51 -16.07 -33.83
C GLY C 146 -3.58 -17.11 -33.56
N VAL C 147 -4.71 -16.95 -34.23
CA VAL C 147 -5.90 -17.75 -33.92
C VAL C 147 -6.16 -18.82 -34.95
N SER C 148 -5.45 -18.81 -36.07
CA SER C 148 -5.73 -19.78 -37.12
C SER C 148 -4.56 -19.76 -38.11
N ARG C 149 -4.61 -20.67 -39.06
CA ARG C 149 -3.61 -20.76 -40.11
C ARG C 149 -4.26 -20.42 -41.44
N ALA C 150 -3.55 -19.61 -42.24
CA ALA C 150 -4.00 -19.27 -43.57
C ALA C 150 -2.85 -19.46 -44.55
N ALA C 151 -3.19 -19.90 -45.76
CA ALA C 151 -2.17 -20.09 -46.79
C ALA C 151 -1.73 -18.77 -47.38
N THR C 152 -2.61 -17.77 -47.40
CA THR C 152 -2.26 -16.44 -47.88
C THR C 152 -3.04 -15.44 -47.04
N SER C 153 -2.38 -14.83 -46.06
CA SER C 153 -3.04 -14.00 -45.07
C SER C 153 -2.84 -12.53 -45.44
N ASP C 154 -3.94 -11.81 -45.58
CA ASP C 154 -3.88 -10.37 -45.79
C ASP C 154 -3.61 -9.65 -44.47
N ARG C 155 -2.69 -8.70 -44.49
CA ARG C 155 -2.33 -8.00 -43.26
C ARG C 155 -3.41 -7.01 -42.86
N VAL C 156 -3.98 -6.30 -43.84
CA VAL C 156 -4.92 -5.23 -43.52
C VAL C 156 -6.18 -5.78 -42.87
N ALA C 157 -6.63 -6.97 -43.30
CA ALA C 157 -7.86 -7.52 -42.77
C ALA C 157 -7.72 -7.98 -41.33
N ASN C 158 -6.53 -8.44 -40.94
CA ASN C 158 -6.29 -8.95 -39.59
C ASN C 158 -5.04 -8.28 -39.06
N PRO C 159 -5.19 -7.13 -38.41
CA PRO C 159 -4.00 -6.40 -37.93
C PRO C 159 -3.19 -7.18 -36.92
N MET C 160 -3.84 -8.00 -36.11
CA MET C 160 -3.15 -8.76 -35.06
C MET C 160 -2.49 -10.02 -35.57
N LEU C 161 -2.32 -10.18 -36.87
CA LEU C 161 -1.73 -11.38 -37.45
C LEU C 161 -2.47 -12.62 -36.97
N GLN C 162 -3.80 -12.52 -36.91
CA GLN C 162 -4.59 -13.58 -36.30
C GLN C 162 -4.46 -14.88 -37.08
N ASP C 163 -4.24 -14.81 -38.39
CA ASP C 163 -4.18 -15.98 -39.24
C ASP C 163 -2.83 -16.12 -39.93
N VAL C 164 -1.75 -15.94 -39.18
CA VAL C 164 -0.41 -16.14 -39.69
C VAL C 164 0.17 -17.46 -39.23
N ASN C 165 -0.11 -17.85 -38.00
CA ASN C 165 0.37 -19.12 -37.47
C ASN C 165 -0.60 -19.59 -36.40
N LYS C 166 -0.29 -20.74 -35.82
CA LYS C 166 -1.12 -21.35 -34.80
C LYS C 166 -0.47 -21.03 -33.45
N GLY C 167 -1.07 -20.10 -32.73
CA GLY C 167 -0.46 -19.60 -31.52
C GLY C 167 -0.59 -20.52 -30.33
N TRP C 168 0.11 -20.15 -29.26
CA TRP C 168 -0.01 -20.90 -28.01
C TRP C 168 -1.46 -21.01 -27.59
N LEU C 169 -2.16 -19.89 -27.57
CA LEU C 169 -3.53 -19.87 -27.07
C LEU C 169 -4.43 -20.74 -27.95
N GLN C 170 -4.22 -20.72 -29.26
CA GLN C 170 -5.04 -21.58 -30.10
C GLN C 170 -4.68 -23.03 -29.90
N ASN C 171 -3.43 -23.33 -29.53
CA ASN C 171 -3.10 -24.70 -29.17
C ASN C 171 -3.95 -25.18 -28.01
N LEU C 172 -4.13 -24.33 -27.00
CA LEU C 172 -5.03 -24.69 -25.91
C LEU C 172 -6.45 -24.91 -26.42
N ARG C 173 -6.93 -24.05 -27.31
CA ARG C 173 -8.29 -24.16 -27.79
C ARG C 173 -8.49 -25.33 -28.73
N GLU C 174 -7.43 -26.01 -29.16
CA GLU C 174 -7.60 -27.22 -29.96
C GLU C 174 -7.03 -28.46 -29.31
N GLN C 175 -5.92 -28.34 -28.58
CA GLN C 175 -5.41 -29.44 -27.77
C GLN C 175 -5.95 -29.26 -26.35
N ALA C 176 -6.71 -30.23 -25.89
CA ALA C 176 -7.36 -30.17 -24.58
C ALA C 176 -8.17 -28.89 -24.45
N PRO C 177 -9.31 -28.78 -25.14
CA PRO C 177 -10.14 -27.58 -25.00
C PRO C 177 -10.69 -27.41 -23.59
N GLN C 178 -10.73 -28.46 -22.78
CA GLN C 178 -11.19 -28.31 -21.40
C GLN C 178 -10.33 -27.33 -20.62
N ARG C 179 -9.09 -27.12 -21.03
CA ARG C 179 -8.23 -26.14 -20.36
C ARG C 179 -8.74 -24.73 -20.50
N VAL C 180 -9.65 -24.47 -21.43
CA VAL C 180 -10.11 -23.11 -21.73
C VAL C 180 -11.52 -22.95 -21.20
N MET C 181 -11.80 -21.77 -20.64
CA MET C 181 -13.15 -21.40 -20.22
C MET C 181 -13.69 -20.43 -21.26
N LYS C 182 -14.32 -20.97 -22.30
CA LYS C 182 -14.89 -20.12 -23.32
C LYS C 182 -16.10 -19.34 -22.83
N GLU C 183 -16.65 -19.72 -21.69
CA GLU C 183 -17.78 -19.00 -21.11
C GLU C 183 -17.70 -19.13 -19.60
N GLY C 184 -18.46 -18.28 -18.92
CA GLY C 184 -18.47 -18.29 -17.48
C GLY C 184 -19.10 -19.55 -16.94
N LYS C 185 -19.04 -19.70 -15.62
CA LYS C 185 -19.62 -20.85 -14.95
C LYS C 185 -21.13 -20.74 -15.07
N ALA C 186 -21.70 -21.46 -16.04
CA ALA C 186 -23.12 -21.38 -16.36
C ALA C 186 -23.51 -19.94 -16.70
N ALA C 187 -22.92 -19.45 -17.79
CA ALA C 187 -23.13 -18.09 -18.26
C ALA C 187 -23.50 -18.09 -19.74
N ALA C 188 -23.75 -16.90 -20.26
CA ALA C 188 -24.20 -16.71 -21.65
C ALA C 188 -23.01 -16.37 -22.55
N GLY C 189 -22.12 -17.34 -22.70
CA GLY C 189 -21.01 -17.21 -23.64
C GLY C 189 -20.04 -16.10 -23.31
N LYS C 190 -19.79 -15.86 -22.02
CA LYS C 190 -18.82 -14.87 -21.58
C LYS C 190 -18.59 -15.04 -20.09
N ILE C 191 -17.33 -14.87 -19.67
CA ILE C 191 -17.00 -14.91 -18.25
C ILE C 191 -17.27 -13.53 -17.68
N THR C 192 -18.20 -13.43 -16.75
CA THR C 192 -18.54 -12.15 -16.16
C THR C 192 -17.70 -11.93 -14.91
N VAL C 193 -18.03 -10.88 -14.16
CA VAL C 193 -17.49 -10.63 -12.83
C VAL C 193 -18.64 -10.20 -11.93
N GLY C 194 -18.31 -9.91 -10.66
CA GLY C 194 -19.32 -9.70 -9.65
C GLY C 194 -20.29 -8.57 -9.93
N GLY C 195 -19.88 -7.56 -10.69
CA GLY C 195 -20.76 -6.45 -10.96
C GLY C 195 -21.92 -6.79 -11.87
N ALA C 196 -21.84 -7.88 -12.62
CA ALA C 196 -22.89 -8.28 -13.55
C ALA C 196 -23.39 -9.67 -13.14
N GLY C 197 -24.69 -9.78 -12.94
CA GLY C 197 -25.27 -11.06 -12.57
C GLY C 197 -24.64 -11.57 -11.29
N ALA C 198 -24.15 -12.81 -11.34
CA ALA C 198 -23.40 -13.37 -10.21
C ALA C 198 -22.52 -14.50 -10.76
N ASP C 199 -21.25 -14.20 -10.99
CA ASP C 199 -20.27 -15.21 -11.36
C ASP C 199 -18.85 -14.65 -11.29
N TYR C 200 -17.96 -15.33 -10.56
CA TYR C 200 -16.56 -14.93 -10.47
C TYR C 200 -16.43 -13.48 -9.99
N GLY C 201 -16.83 -13.28 -8.74
CA GLY C 201 -16.86 -11.98 -8.12
C GLY C 201 -15.74 -11.03 -8.51
N ASN C 202 -14.51 -11.52 -8.51
CA ASN C 202 -13.37 -10.69 -8.88
C ASN C 202 -12.45 -11.46 -9.82
N LEU C 203 -11.67 -10.70 -10.60
CA LEU C 203 -10.76 -11.33 -11.53
C LEU C 203 -9.77 -12.24 -10.83
N ASP C 204 -9.27 -11.80 -9.67
CA ASP C 204 -8.34 -12.64 -8.91
C ASP C 204 -9.01 -13.95 -8.51
N ALA C 205 -10.32 -13.93 -8.28
CA ALA C 205 -11.04 -15.18 -8.03
C ALA C 205 -11.02 -16.09 -9.24
N LEU C 206 -11.19 -15.52 -10.44
CA LEU C 206 -11.10 -16.32 -11.64
C LEU C 206 -9.72 -16.96 -11.75
N VAL C 207 -8.67 -16.20 -11.44
CA VAL C 207 -7.32 -16.75 -11.49
C VAL C 207 -7.18 -17.89 -10.50
N TYR C 208 -7.70 -17.71 -9.29
CA TYR C 208 -7.59 -18.78 -8.30
C TYR C 208 -8.37 -20.02 -8.72
N ASP C 209 -9.58 -19.83 -9.21
CA ASP C 209 -10.37 -20.97 -9.65
C ASP C 209 -9.70 -21.70 -10.81
N ILE C 210 -9.17 -20.93 -11.77
CA ILE C 210 -8.44 -21.53 -12.88
C ILE C 210 -7.27 -22.35 -12.37
N THR C 211 -6.50 -21.77 -11.45
CA THR C 211 -5.28 -22.41 -10.98
C THR C 211 -5.58 -23.75 -10.35
N ASN C 212 -6.63 -23.80 -9.52
CA ASN C 212 -6.94 -25.04 -8.85
C ASN C 212 -7.51 -26.07 -9.82
N HIS C 213 -8.48 -25.67 -10.63
CA HIS C 213 -9.25 -26.65 -11.40
C HIS C 213 -8.59 -27.04 -12.71
N LEU C 214 -8.21 -26.06 -13.53
CA LEU C 214 -7.72 -26.39 -14.86
C LEU C 214 -6.27 -26.85 -14.82
N VAL C 215 -5.41 -26.10 -14.13
CA VAL C 215 -4.03 -26.53 -13.97
C VAL C 215 -3.99 -27.87 -13.27
N GLU C 216 -3.10 -28.75 -13.70
CA GLU C 216 -2.94 -30.03 -13.03
C GLU C 216 -2.44 -29.82 -11.62
N PRO C 217 -2.78 -30.75 -10.73
CA PRO C 217 -2.55 -30.54 -9.30
C PRO C 217 -1.08 -30.32 -8.98
N TRP C 218 -0.19 -31.13 -9.54
CA TRP C 218 1.21 -31.06 -9.16
C TRP C 218 1.91 -29.81 -9.68
N TYR C 219 1.30 -29.07 -10.61
CA TYR C 219 1.83 -27.78 -11.02
C TYR C 219 1.14 -26.59 -10.37
N ALA C 220 -0.10 -26.75 -9.91
CA ALA C 220 -0.84 -25.62 -9.36
C ALA C 220 -0.08 -24.96 -8.21
N GLU C 221 0.70 -25.73 -7.46
CA GLU C 221 1.50 -25.18 -6.37
C GLU C 221 2.91 -24.82 -6.80
N ASP C 222 3.25 -24.98 -8.08
CA ASP C 222 4.59 -24.67 -8.52
C ASP C 222 4.88 -23.19 -8.30
N PRO C 223 6.06 -22.84 -7.80
CA PRO C 223 6.37 -21.42 -7.63
C PRO C 223 6.29 -20.62 -8.93
N ASP C 224 6.70 -21.22 -10.04
CA ASP C 224 6.90 -20.49 -11.28
C ASP C 224 5.62 -20.32 -12.09
N LEU C 225 4.52 -20.90 -11.64
CA LEU C 225 3.25 -20.72 -12.34
C LEU C 225 2.89 -19.24 -12.30
N VAL C 226 2.72 -18.63 -13.47
CA VAL C 226 2.42 -17.20 -13.54
C VAL C 226 1.23 -16.98 -14.46
N VAL C 227 0.62 -15.81 -14.31
CA VAL C 227 -0.57 -15.44 -15.05
C VAL C 227 -0.19 -14.39 -16.08
N VAL C 228 -0.24 -14.76 -17.34
CA VAL C 228 0.10 -13.87 -18.44
C VAL C 228 -1.18 -13.24 -18.97
N CYS C 229 -1.20 -11.92 -19.03
CA CYS C 229 -2.34 -11.22 -19.58
C CYS C 229 -1.91 -9.83 -20.00
N GLY C 230 -2.73 -9.19 -20.83
CA GLY C 230 -2.44 -7.85 -21.28
C GLY C 230 -2.51 -6.86 -20.15
N ARG C 231 -1.85 -5.72 -20.36
CA ARG C 231 -1.81 -4.68 -19.34
C ARG C 231 -3.18 -4.09 -19.09
N ASN C 232 -4.04 -4.08 -20.12
CA ASN C 232 -5.38 -3.55 -19.96
C ASN C 232 -6.15 -4.31 -18.90
N LEU C 233 -6.04 -5.63 -18.90
CA LEU C 233 -6.80 -6.44 -17.98
C LEU C 233 -6.36 -6.18 -16.54
N LEU C 234 -5.05 -6.14 -16.31
CA LEU C 234 -4.56 -5.87 -14.95
C LEU C 234 -4.87 -4.45 -14.51
N SER C 235 -4.78 -3.48 -15.43
CA SER C 235 -5.12 -2.11 -15.07
C SER C 235 -6.57 -2.02 -14.64
N ASP C 236 -7.47 -2.66 -15.40
CA ASP C 236 -8.86 -2.69 -15.00
C ASP C 236 -9.03 -3.33 -13.64
N LYS C 237 -8.33 -4.43 -13.40
CA LYS C 237 -8.48 -5.13 -12.12
C LYS C 237 -8.05 -4.25 -10.97
N TYR C 238 -6.88 -3.64 -11.07
CA TYR C 238 -6.36 -2.85 -9.95
C TYR C 238 -7.05 -1.50 -9.83
N PHE C 239 -7.70 -1.02 -10.88
CA PHE C 239 -8.22 0.35 -10.83
C PHE C 239 -9.24 0.56 -9.72
N PRO C 240 -10.30 -0.26 -9.57
CA PRO C 240 -11.22 -0.03 -8.45
C PRO C 240 -10.57 -0.26 -7.10
N LEU C 241 -9.41 -0.90 -7.06
CA LEU C 241 -8.69 -1.07 -5.80
C LEU C 241 -8.15 0.24 -5.27
N VAL C 242 -8.04 1.27 -6.10
CA VAL C 242 -7.64 2.59 -5.66
C VAL C 242 -8.66 3.66 -6.09
N ASN C 243 -9.93 3.27 -6.20
CA ASN C 243 -10.96 4.16 -6.71
C ASN C 243 -12.20 4.18 -5.83
N ARG C 244 -12.07 3.77 -4.57
CA ARG C 244 -13.22 3.58 -3.70
C ARG C 244 -13.00 4.24 -2.34
N ASP C 245 -12.58 5.51 -2.38
CA ASP C 245 -12.43 6.39 -1.22
C ASP C 245 -11.95 5.67 0.03
N ARG C 246 -10.92 4.85 -0.15
CA ARG C 246 -10.43 4.01 0.93
C ARG C 246 -9.67 4.83 1.95
N ASP C 247 -9.73 4.38 3.21
CA ASP C 247 -9.08 5.07 4.31
C ASP C 247 -7.57 4.92 4.20
N PRO C 248 -6.80 5.73 4.94
CA PRO C 248 -5.33 5.68 4.77
C PRO C 248 -4.72 4.30 4.94
N VAL C 249 -5.23 3.50 5.87
CA VAL C 249 -4.69 2.13 6.02
C VAL C 249 -4.90 1.35 4.73
N GLN C 250 -6.11 1.42 4.18
CA GLN C 250 -6.40 0.69 2.95
C GLN C 250 -5.63 1.27 1.78
N GLN C 251 -5.36 2.58 1.78
CA GLN C 251 -4.56 3.14 0.71
C GLN C 251 -3.14 2.60 0.74
N ILE C 252 -2.57 2.44 1.93
CA ILE C 252 -1.25 1.84 2.03
C ILE C 252 -1.27 0.40 1.53
N ALA C 253 -2.30 -0.35 1.93
CA ALA C 253 -2.41 -1.72 1.46
C ALA C 253 -2.54 -1.76 -0.06
N ALA C 254 -3.35 -0.86 -0.63
CA ALA C 254 -3.52 -0.84 -2.07
C ALA C 254 -2.23 -0.46 -2.78
N ASP C 255 -1.50 0.52 -2.26
CA ASP C 255 -0.21 0.83 -2.83
C ASP C 255 0.68 -0.38 -2.80
N LEU C 256 0.60 -1.18 -1.72
CA LEU C 256 1.38 -2.40 -1.66
C LEU C 256 0.94 -3.43 -2.70
N ILE C 257 -0.38 -3.62 -2.83
CA ILE C 257 -0.88 -4.67 -3.72
C ILE C 257 -0.60 -4.34 -5.18
N ILE C 258 -0.86 -3.10 -5.59
CA ILE C 258 -0.53 -2.73 -6.96
C ILE C 258 0.97 -2.65 -7.16
N SER C 259 1.75 -2.35 -6.12
CA SER C 259 3.19 -2.31 -6.26
C SER C 259 3.73 -3.68 -6.67
N GLN C 260 3.39 -4.72 -5.90
CA GLN C 260 3.69 -6.08 -6.32
C GLN C 260 2.73 -6.45 -7.43
N LYS C 261 3.10 -7.42 -8.25
CA LYS C 261 2.25 -7.74 -9.39
C LYS C 261 1.44 -9.01 -9.19
N ARG C 262 1.43 -9.60 -8.01
CA ARG C 262 0.72 -10.85 -7.82
C ARG C 262 -0.77 -10.65 -8.05
N ILE C 263 -1.36 -11.53 -8.86
CA ILE C 263 -2.79 -11.58 -9.08
C ILE C 263 -3.32 -12.89 -8.49
N GLY C 264 -4.38 -12.80 -7.70
CA GLY C 264 -4.86 -13.97 -7.00
C GLY C 264 -3.77 -14.46 -6.08
N ASN C 265 -3.15 -15.58 -6.46
CA ASN C 265 -2.02 -16.12 -5.71
C ASN C 265 -0.86 -16.45 -6.63
N LEU C 266 -0.81 -15.86 -7.82
CA LEU C 266 0.26 -16.14 -8.77
C LEU C 266 0.83 -14.85 -9.31
N PRO C 267 2.13 -14.81 -9.59
CA PRO C 267 2.71 -13.61 -10.19
C PRO C 267 2.12 -13.33 -11.55
N ALA C 268 1.98 -12.04 -11.86
CA ALA C 268 1.37 -11.60 -13.10
C ALA C 268 2.43 -11.04 -14.02
N ILE C 269 2.35 -11.40 -15.30
CA ILE C 269 3.26 -10.91 -16.33
C ILE C 269 2.48 -9.98 -17.23
N ARG C 270 3.01 -8.79 -17.45
CA ARG C 270 2.42 -7.83 -18.37
C ARG C 270 3.07 -8.02 -19.72
N VAL C 271 2.27 -8.32 -20.74
CA VAL C 271 2.77 -8.65 -22.07
C VAL C 271 1.99 -7.81 -23.09
N PRO C 272 2.66 -7.09 -23.97
CA PRO C 272 1.93 -6.32 -24.99
C PRO C 272 1.27 -7.26 -25.98
N TYR C 273 0.21 -6.76 -26.59
CA TYR C 273 -0.50 -7.46 -27.66
C TYR C 273 -1.15 -8.75 -27.20
N PHE C 274 -1.23 -8.96 -25.91
CA PHE C 274 -2.03 -10.06 -25.43
C PHE C 274 -3.49 -9.81 -25.79
N PRO C 275 -4.25 -10.85 -26.11
CA PRO C 275 -5.63 -10.64 -26.54
C PRO C 275 -6.43 -9.88 -25.50
N ALA C 276 -7.37 -9.07 -25.99
CA ALA C 276 -8.26 -8.37 -25.09
C ALA C 276 -9.12 -9.37 -24.32
N ASN C 277 -9.14 -9.22 -23.00
CA ASN C 277 -10.01 -10.02 -22.13
C ASN C 277 -9.69 -11.51 -22.25
N GLY C 278 -8.42 -11.84 -22.41
CA GLY C 278 -7.93 -13.18 -22.23
C GLY C 278 -7.14 -13.26 -20.93
N LEU C 279 -6.79 -14.48 -20.55
CA LEU C 279 -5.98 -14.67 -19.34
C LEU C 279 -5.33 -16.04 -19.41
N LEU C 280 -4.03 -16.08 -19.60
CA LEU C 280 -3.28 -17.34 -19.67
C LEU C 280 -2.66 -17.61 -18.32
N VAL C 281 -2.73 -18.86 -17.87
CA VAL C 281 -2.11 -19.25 -16.61
C VAL C 281 -1.13 -20.36 -16.94
N THR C 282 0.16 -20.09 -16.80
CA THR C 282 1.12 -21.11 -17.16
C THR C 282 2.45 -20.81 -16.53
N ARG C 283 3.32 -21.81 -16.52
CA ARG C 283 4.72 -21.55 -16.21
C ARG C 283 5.39 -21.01 -17.46
N LEU C 284 6.19 -19.97 -17.31
CA LEU C 284 6.86 -19.45 -18.50
C LEU C 284 7.89 -20.42 -19.04
N ASP C 285 8.30 -21.41 -18.26
CA ASP C 285 9.07 -22.50 -18.83
C ASP C 285 8.25 -23.37 -19.73
N ASN C 286 6.93 -23.21 -19.72
CA ASN C 286 6.01 -24.05 -20.49
C ASN C 286 5.58 -23.39 -21.80
N LEU C 287 6.26 -22.34 -22.21
CA LEU C 287 6.04 -21.72 -23.52
C LEU C 287 7.33 -21.78 -24.30
N SER C 288 7.28 -22.28 -25.53
CA SER C 288 8.53 -22.43 -26.24
C SER C 288 8.33 -22.19 -27.73
N ILE C 289 9.41 -21.73 -28.35
CA ILE C 289 9.46 -21.50 -29.79
C ILE C 289 10.39 -22.54 -30.39
N TYR C 290 9.84 -23.39 -31.24
CA TYR C 290 10.63 -24.32 -32.03
C TYR C 290 10.79 -23.72 -33.42
N TYR C 291 11.93 -23.10 -33.66
CA TYR C 291 12.27 -22.53 -34.96
C TYR C 291 13.28 -23.45 -35.63
N GLN C 292 13.01 -23.79 -36.89
CA GLN C 292 13.83 -24.76 -37.59
C GLN C 292 15.19 -24.14 -37.84
N GLU C 293 16.16 -24.48 -37.00
CA GLU C 293 17.51 -23.92 -37.13
C GLU C 293 18.04 -24.19 -38.52
N GLY C 294 18.50 -23.14 -39.19
CA GLY C 294 18.80 -23.18 -40.59
C GLY C 294 17.74 -22.55 -41.46
N GLY C 295 16.53 -22.39 -40.94
CA GLY C 295 15.48 -21.66 -41.59
C GLY C 295 15.50 -20.18 -41.33
N ARG C 296 16.52 -19.69 -40.62
CA ARG C 296 16.68 -18.25 -40.38
C ARG C 296 17.24 -17.62 -41.66
N ARG C 297 16.34 -17.46 -42.63
CA ARG C 297 16.72 -17.12 -44.00
C ARG C 297 16.65 -15.62 -44.19
N ARG C 298 17.81 -14.97 -44.20
CA ARG C 298 17.91 -13.55 -44.46
C ARG C 298 18.43 -13.32 -45.87
N THR C 299 17.67 -12.56 -46.65
CA THR C 299 18.10 -12.21 -48.00
C THR C 299 17.89 -10.71 -48.23
N ILE C 300 18.97 -10.01 -48.56
CA ILE C 300 18.91 -8.59 -48.83
C ILE C 300 18.84 -8.46 -50.35
N LEU C 301 17.61 -8.44 -50.87
CA LEU C 301 17.40 -8.32 -52.31
C LEU C 301 17.30 -6.84 -52.63
N ASP C 302 18.40 -6.26 -53.11
CA ASP C 302 18.41 -4.85 -53.47
C ASP C 302 17.65 -4.65 -54.78
N ASN C 303 16.33 -4.76 -54.72
CA ASN C 303 15.52 -4.86 -55.92
C ASN C 303 15.50 -3.52 -56.64
N ALA C 304 16.57 -3.21 -57.37
CA ALA C 304 16.60 -1.99 -58.15
C ALA C 304 15.51 -1.97 -59.22
N LYS C 305 15.09 -3.14 -59.68
CA LYS C 305 14.05 -3.23 -60.70
C LYS C 305 12.78 -2.53 -60.28
N ARG C 306 12.50 -2.46 -58.99
CA ARG C 306 11.38 -1.68 -58.48
C ARG C 306 11.85 -0.49 -57.65
N ASP C 307 13.15 -0.20 -57.67
CA ASP C 307 13.73 0.89 -56.88
C ASP C 307 13.40 0.75 -55.40
N ARG C 308 13.40 -0.50 -54.94
CA ARG C 308 13.08 -0.79 -53.55
C ARG C 308 14.14 -1.74 -53.03
N ILE C 309 14.99 -1.27 -52.11
CA ILE C 309 15.81 -2.21 -51.38
C ILE C 309 14.88 -3.05 -50.52
N GLU C 310 15.13 -4.36 -50.48
CA GLU C 310 14.24 -5.27 -49.79
C GLU C 310 14.99 -6.09 -48.77
N ASN C 311 14.24 -6.76 -47.92
CA ASN C 311 14.76 -7.68 -46.93
C ASN C 311 13.73 -8.77 -46.71
N TYR C 312 14.09 -10.00 -47.08
CA TYR C 312 13.24 -11.16 -46.89
C TYR C 312 13.74 -11.86 -45.64
N GLU C 313 13.03 -11.64 -44.55
CA GLU C 313 13.37 -12.27 -43.27
C GLU C 313 12.46 -13.47 -43.02
N SER C 314 12.62 -14.49 -43.86
CA SER C 314 11.83 -15.69 -43.69
C SER C 314 12.26 -16.44 -42.43
N SER C 315 11.29 -16.93 -41.68
CA SER C 315 11.62 -17.62 -40.45
C SER C 315 10.64 -18.76 -40.21
N ASN C 316 11.16 -19.98 -40.10
CA ASN C 316 10.35 -21.12 -39.70
C ASN C 316 10.19 -21.08 -38.19
N ASP C 317 8.95 -21.22 -37.71
CA ASP C 317 8.67 -21.21 -36.29
C ASP C 317 7.53 -22.18 -35.99
N ALA C 318 7.43 -22.55 -34.71
CA ALA C 318 6.33 -23.37 -34.23
C ALA C 318 6.09 -23.03 -32.77
N TYR C 319 4.88 -22.62 -32.46
CA TYR C 319 4.49 -22.25 -31.11
C TYR C 319 4.01 -23.50 -30.38
N VAL C 320 4.66 -23.86 -29.29
CA VAL C 320 4.28 -25.07 -28.57
C VAL C 320 4.17 -24.78 -27.09
N ILE C 321 3.31 -25.56 -26.45
CA ILE C 321 3.20 -25.62 -25.00
C ILE C 321 3.71 -26.99 -24.61
N GLU C 322 4.78 -27.03 -23.82
CA GLU C 322 5.46 -28.29 -23.54
C GLU C 322 4.55 -29.28 -22.86
N ASP C 323 3.79 -28.82 -21.85
CA ASP C 323 2.84 -29.69 -21.17
C ASP C 323 1.54 -28.94 -20.99
N LEU C 324 0.44 -29.56 -21.39
CA LEU C 324 -0.86 -28.94 -21.22
C LEU C 324 -1.42 -29.12 -19.82
N ALA C 325 -0.70 -29.82 -18.95
CA ALA C 325 -1.14 -29.94 -17.57
C ALA C 325 -1.18 -28.58 -16.90
N CYS C 326 -0.13 -27.79 -17.06
CA CYS C 326 0.00 -26.49 -16.42
C CYS C 326 -0.29 -25.35 -17.38
N ALA C 327 -1.26 -25.52 -18.26
CA ALA C 327 -1.62 -24.49 -19.23
C ALA C 327 -3.13 -24.33 -19.20
N ALA C 328 -3.61 -23.41 -18.38
CA ALA C 328 -5.03 -23.13 -18.35
C ALA C 328 -5.30 -21.78 -19.01
N MET C 329 -6.55 -21.54 -19.34
CA MET C 329 -6.87 -20.29 -20.01
C MET C 329 -8.28 -19.86 -19.66
N ALA C 330 -8.50 -18.56 -19.71
CA ALA C 330 -9.82 -17.96 -19.69
C ALA C 330 -9.98 -17.08 -20.91
N GLU C 331 -11.15 -17.17 -21.53
CA GLU C 331 -11.45 -16.41 -22.72
C GLU C 331 -12.84 -15.80 -22.56
N ASN C 332 -13.06 -14.67 -23.24
CA ASN C 332 -14.34 -13.96 -23.22
C ASN C 332 -14.63 -13.36 -21.84
N ILE C 333 -13.60 -12.78 -21.22
CA ILE C 333 -13.78 -12.11 -19.95
C ILE C 333 -14.55 -10.82 -20.16
N ALA C 334 -15.75 -10.73 -19.58
CA ALA C 334 -16.59 -9.56 -19.79
C ALA C 334 -15.92 -8.29 -19.27
N LEU C 335 -15.49 -8.31 -18.01
CA LEU C 335 -14.85 -7.15 -17.42
C LEU C 335 -13.71 -7.56 -16.51
N VAL D 31 -3.73 29.32 76.18
CA VAL D 31 -5.04 29.51 75.56
C VAL D 31 -5.21 28.44 74.49
N ALA D 32 -4.48 28.59 73.39
CA ALA D 32 -4.50 27.62 72.32
C ALA D 32 -3.08 27.34 71.87
N PRO D 33 -2.76 26.11 71.46
CA PRO D 33 -1.39 25.78 71.11
C PRO D 33 -0.91 26.59 69.92
N SER D 34 0.38 26.90 69.91
CA SER D 34 0.97 27.56 68.76
C SER D 34 0.92 26.64 67.55
N VAL D 35 0.60 27.22 66.39
CA VAL D 35 0.51 26.45 65.15
C VAL D 35 1.89 26.48 64.51
N GLN D 36 2.63 25.39 64.64
CA GLN D 36 3.95 25.35 64.03
C GLN D 36 3.83 25.45 62.52
N GLN D 37 4.76 26.17 61.90
CA GLN D 37 4.69 26.43 60.46
C GLN D 37 6.02 26.11 59.79
N LYS D 38 5.95 25.46 58.64
CA LYS D 38 7.06 25.30 57.73
C LYS D 38 6.83 26.22 56.55
N LEU D 39 7.75 26.24 55.60
CA LEU D 39 7.64 27.15 54.46
C LEU D 39 7.85 26.38 53.17
N GLU D 40 6.79 26.21 52.40
CA GLU D 40 6.90 25.59 51.08
C GLU D 40 7.02 26.69 50.03
N THR D 41 7.96 26.51 49.11
CA THR D 41 8.07 27.40 47.96
C THR D 41 7.07 26.90 46.93
N LYS D 42 6.12 27.76 46.58
CA LYS D 42 5.13 27.39 45.60
C LYS D 42 5.80 27.40 44.23
N VAL D 43 5.95 26.22 43.62
CA VAL D 43 6.66 26.13 42.35
C VAL D 43 5.83 26.74 41.24
N GLN D 44 6.45 27.60 40.46
CA GLN D 44 5.78 28.29 39.37
C GLN D 44 5.68 27.35 38.17
N GLU D 45 5.00 27.81 37.12
CA GLU D 45 4.98 27.06 35.88
C GLU D 45 6.38 26.93 35.34
N SER D 46 6.72 25.73 34.84
CA SER D 46 8.05 25.52 34.31
C SER D 46 8.23 26.34 33.03
N SER D 47 9.33 27.09 32.96
CA SER D 47 9.64 27.89 31.79
C SER D 47 11.01 27.45 31.27
N ASP D 48 11.00 26.37 30.49
CA ASP D 48 12.16 25.94 29.74
C ASP D 48 12.03 26.34 28.28
N PHE D 49 10.89 26.89 27.89
CA PHE D 49 10.70 27.44 26.55
C PHE D 49 11.67 28.57 26.28
N LEU D 50 12.23 29.18 27.32
CA LEU D 50 13.30 30.15 27.16
C LEU D 50 14.65 29.50 26.88
N LYS D 51 14.74 28.18 26.95
CA LYS D 51 15.96 27.48 26.57
C LYS D 51 15.97 27.09 25.11
N SER D 52 14.96 27.49 24.34
CA SER D 52 14.95 27.30 22.90
C SER D 52 14.77 28.59 22.13
N ILE D 53 14.20 29.63 22.73
CA ILE D 53 14.24 30.95 22.13
C ILE D 53 15.69 31.41 22.07
N ASN D 54 16.00 32.20 21.03
CA ASN D 54 17.33 32.76 20.91
C ASN D 54 17.43 34.02 21.73
N PHE D 55 18.62 34.33 22.22
CA PHE D 55 18.90 35.57 22.93
C PHE D 55 20.12 36.23 22.32
N TYR D 56 19.97 37.48 21.88
CA TYR D 56 21.08 38.21 21.31
C TYR D 56 21.27 39.52 22.05
N GLY D 57 22.54 39.82 22.36
CA GLY D 57 22.87 41.10 22.96
C GLY D 57 23.25 42.15 21.94
N VAL D 58 22.31 42.61 21.14
CA VAL D 58 22.60 43.70 20.21
C VAL D 58 22.80 44.95 21.04
N PRO D 59 23.90 45.67 20.87
CA PRO D 59 24.17 46.88 21.66
C PRO D 59 23.55 48.13 21.07
N GLU D 60 22.27 48.05 20.71
CA GLU D 60 21.56 49.18 20.13
C GLU D 60 20.17 49.25 20.72
N GLN D 61 19.72 50.47 21.02
CA GLN D 61 18.35 50.64 21.46
C GLN D 61 17.35 50.26 20.38
N GLU D 62 17.83 50.16 19.15
CA GLU D 62 16.99 49.88 18.00
C GLU D 62 17.85 49.31 16.89
N GLY D 63 17.27 48.39 16.11
CA GLY D 63 17.93 47.85 14.96
C GLY D 63 16.94 47.64 13.82
N GLU D 64 17.48 47.31 12.66
CA GLU D 64 16.64 47.09 11.50
C GLU D 64 17.28 46.05 10.61
N LYS D 65 16.44 45.31 9.90
CA LYS D 65 16.89 44.33 8.92
C LYS D 65 16.26 44.66 7.57
N ILE D 66 16.99 44.32 6.51
CA ILE D 66 16.62 44.70 5.16
C ILE D 66 16.51 43.45 4.29
N GLY D 67 15.43 43.36 3.53
CA GLY D 67 15.25 42.31 2.54
C GLY D 67 15.19 42.90 1.16
N LEU D 68 15.84 42.23 0.20
CA LEU D 68 15.90 42.76 -1.16
C LEU D 68 14.61 42.47 -1.91
N GLY D 69 14.38 41.21 -2.24
CA GLY D 69 13.12 40.86 -2.87
C GLY D 69 13.12 41.21 -4.34
N VAL D 70 12.78 40.26 -5.20
CA VAL D 70 12.77 40.50 -6.64
C VAL D 70 11.41 40.13 -7.18
N SER D 71 10.36 40.40 -6.39
CA SER D 71 9.03 39.85 -6.58
C SER D 71 8.59 39.78 -8.04
N GLY D 72 8.61 40.92 -8.72
CA GLY D 72 8.20 40.97 -10.10
C GLY D 72 9.04 40.06 -10.97
N PRO D 73 8.38 39.21 -11.76
CA PRO D 73 9.11 38.33 -12.66
C PRO D 73 9.77 39.11 -13.79
N VAL D 74 10.62 38.41 -14.53
CA VAL D 74 11.30 38.98 -15.68
C VAL D 74 11.07 38.05 -16.86
N ALA D 75 11.74 38.33 -17.96
CA ALA D 75 11.64 37.52 -19.18
C ALA D 75 10.24 37.60 -19.75
N SER D 76 9.79 38.82 -20.03
CA SER D 76 8.54 39.03 -20.75
C SER D 76 8.90 39.45 -22.17
N THR D 77 8.34 38.72 -23.14
CA THR D 77 8.66 38.99 -24.54
C THR D 77 8.01 40.29 -24.99
N THR D 78 8.70 41.01 -25.87
CA THR D 78 8.21 42.27 -26.38
C THR D 78 8.48 42.37 -27.88
N ASP D 79 7.59 43.08 -28.58
CA ASP D 79 7.78 43.39 -29.99
C ASP D 79 8.86 44.45 -30.11
N THR D 80 10.10 44.03 -30.30
CA THR D 80 11.22 44.97 -30.21
C THR D 80 11.31 45.86 -31.43
N THR D 81 10.72 45.45 -32.54
CA THR D 81 10.85 46.22 -33.78
C THR D 81 9.98 47.48 -33.76
N GLN D 82 8.85 47.46 -33.06
CA GLN D 82 7.98 48.62 -32.96
C GLN D 82 7.82 49.13 -31.54
N GLN D 83 8.81 48.93 -30.68
CA GLN D 83 8.65 49.26 -29.27
C GLN D 83 10.01 49.17 -28.59
N ASP D 84 10.23 50.03 -27.61
CA ASP D 84 11.41 49.89 -26.77
C ASP D 84 11.34 48.57 -26.02
N ARG D 85 12.45 48.17 -25.42
CA ARG D 85 12.38 46.87 -24.76
C ARG D 85 12.01 47.01 -23.28
N GLU D 86 11.92 48.24 -22.77
CA GLU D 86 11.28 48.56 -21.50
C GLU D 86 11.89 47.77 -20.34
N THR D 87 13.13 48.12 -20.03
CA THR D 87 13.77 47.58 -18.82
C THR D 87 12.88 47.83 -17.61
N SER D 88 13.00 46.96 -16.62
CA SER D 88 12.18 47.04 -15.41
C SER D 88 13.04 46.75 -14.20
N ASP D 89 12.90 47.58 -13.17
CA ASP D 89 13.56 47.35 -11.89
C ASP D 89 12.60 46.59 -10.98
N ILE D 90 12.92 45.34 -10.67
CA ILE D 90 12.05 44.53 -9.84
C ILE D 90 12.58 44.32 -8.43
N SER D 91 13.86 44.62 -8.19
CA SER D 91 14.42 44.44 -6.85
C SER D 91 13.76 45.42 -5.90
N THR D 92 12.93 44.90 -5.00
CA THR D 92 12.23 45.74 -4.03
C THR D 92 13.18 46.13 -2.91
N MET D 93 12.61 46.71 -1.85
CA MET D 93 13.34 46.99 -0.62
C MET D 93 12.33 46.94 0.52
N ASP D 94 12.55 46.06 1.48
CA ASP D 94 11.66 46.02 2.64
C ASP D 94 12.51 46.02 3.90
N GLY D 95 11.99 46.64 4.96
CA GLY D 95 12.74 46.75 6.19
C GLY D 95 11.93 46.48 7.43
N ARG D 96 12.48 45.69 8.33
CA ARG D 96 11.84 45.39 9.59
C ARG D 96 12.59 46.13 10.69
N ARG D 97 11.89 47.04 11.38
CA ARG D 97 12.47 47.76 12.50
C ARG D 97 12.06 47.10 13.80
N TYR D 98 12.95 47.19 14.79
CA TYR D 98 12.61 46.75 16.13
C TYR D 98 13.30 47.65 17.15
N ARG D 99 12.52 48.20 18.07
CA ARG D 99 13.05 49.06 19.10
C ARG D 99 13.19 48.23 20.38
N CYS D 100 14.43 48.03 20.82
CA CYS D 100 14.67 47.30 22.05
C CYS D 100 14.29 48.20 23.21
N GLU D 101 13.00 48.38 23.43
CA GLU D 101 12.54 49.44 24.30
C GLU D 101 12.42 48.92 25.73
N GLN D 102 12.36 49.85 26.68
CA GLN D 102 12.59 49.54 28.08
C GLN D 102 11.38 48.90 28.77
N THR D 103 11.65 47.88 29.57
CA THR D 103 10.68 47.21 30.42
C THR D 103 11.13 47.40 31.87
N ASN D 104 10.22 47.87 32.71
CA ASN D 104 10.55 48.21 34.09
C ASN D 104 10.07 47.12 35.04
N SER D 105 10.83 46.03 35.12
CA SER D 105 10.55 45.03 36.13
C SER D 105 10.95 45.58 37.49
N ASP D 106 10.09 45.44 38.49
CA ASP D 106 10.39 46.09 39.76
C ASP D 106 9.66 45.41 40.92
N THR D 107 10.40 45.10 41.97
CA THR D 107 9.89 44.34 43.09
C THR D 107 10.34 45.00 44.38
N HIS D 108 9.39 45.23 45.29
CA HIS D 108 9.70 45.82 46.58
C HIS D 108 9.24 44.88 47.67
N ILE D 109 10.06 44.74 48.71
CA ILE D 109 9.73 43.90 49.85
C ILE D 109 9.61 44.83 51.05
N THR D 110 8.40 44.97 51.58
CA THR D 110 8.22 45.85 52.71
C THR D 110 9.00 45.32 53.91
N TYR D 111 9.37 46.22 54.81
CA TYR D 111 10.06 45.77 56.01
C TYR D 111 9.14 44.90 56.85
N GLN D 112 7.84 45.18 56.79
CA GLN D 112 6.88 44.45 57.61
C GLN D 112 6.84 42.98 57.22
N LYS D 113 6.81 42.70 55.92
CA LYS D 113 6.82 41.31 55.46
C LYS D 113 8.14 40.64 55.80
N LEU D 114 9.24 41.36 55.66
CA LEU D 114 10.53 40.78 56.05
C LEU D 114 10.57 40.50 57.54
N ASP D 115 10.03 41.40 58.35
CA ASP D 115 10.14 41.27 59.80
C ASP D 115 9.20 40.22 60.34
N ALA D 116 7.96 40.20 59.85
CA ALA D 116 6.96 39.28 60.39
C ALA D 116 7.28 37.83 60.09
N TRP D 117 8.06 37.57 59.05
CA TRP D 117 8.50 36.23 58.70
C TRP D 117 9.99 36.04 59.02
N ALA D 118 10.49 36.75 60.02
CA ALA D 118 11.90 36.71 60.36
C ALA D 118 12.36 35.37 60.89
N LYS D 119 11.45 34.52 61.33
CA LYS D 119 11.85 33.21 61.85
C LYS D 119 12.51 32.37 60.75
N PHE D 120 11.96 32.37 59.54
CA PHE D 120 12.56 31.66 58.43
C PHE D 120 13.79 32.43 57.98
N ALA D 121 14.97 31.89 58.26
CA ALA D 121 16.20 32.64 58.01
C ALA D 121 16.34 33.00 56.54
N ASP D 122 16.10 32.04 55.66
CA ASP D 122 16.32 32.23 54.23
C ASP D 122 15.13 32.90 53.55
N PHE D 123 14.10 33.25 54.32
CA PHE D 123 12.87 33.79 53.75
C PHE D 123 13.14 34.76 52.61
N GLN D 124 13.86 35.84 52.90
CA GLN D 124 14.17 36.83 51.88
C GLN D 124 14.75 36.19 50.64
N THR D 125 15.86 35.45 50.80
CA THR D 125 16.50 34.86 49.63
C THR D 125 15.51 34.08 48.79
N ARG D 126 14.66 33.28 49.42
CA ARG D 126 13.76 32.43 48.65
C ARG D 126 12.85 33.26 47.77
N ILE D 127 12.31 34.37 48.29
CA ILE D 127 11.44 35.15 47.42
C ILE D 127 12.23 35.66 46.24
N ARG D 128 13.49 36.06 46.45
CA ARG D 128 14.31 36.48 45.33
C ARG D 128 14.37 35.38 44.28
N ASP D 129 14.71 34.16 44.68
CA ASP D 129 14.73 33.07 43.73
C ASP D 129 13.40 32.99 43.00
N ALA D 130 12.29 32.97 43.75
CA ALA D 130 11.00 32.88 43.12
C ALA D 130 10.80 34.01 42.13
N ILE D 131 11.12 35.24 42.52
CA ILE D 131 10.84 36.34 41.61
C ILE D 131 11.71 36.22 40.38
N ILE D 132 12.96 35.78 40.55
CA ILE D 132 13.80 35.58 39.37
C ILE D 132 13.12 34.61 38.41
N LYS D 133 12.68 33.46 38.93
CA LYS D 133 11.93 32.54 38.09
C LYS D 133 10.72 33.23 37.48
N ARG D 134 9.94 33.92 38.31
CA ARG D 134 8.78 34.62 37.78
C ARG D 134 9.17 35.53 36.64
N GLN D 135 10.22 36.33 36.84
CA GLN D 135 10.61 37.28 35.81
C GLN D 135 10.86 36.57 34.48
N ALA D 136 11.65 35.49 34.51
CA ALA D 136 11.89 34.77 33.26
C ALA D 136 10.57 34.33 32.65
N LEU D 137 9.73 33.66 33.44
CA LEU D 137 8.43 33.28 32.92
C LEU D 137 7.70 34.49 32.39
N ASP D 138 7.67 35.57 33.17
CA ASP D 138 6.97 36.75 32.72
C ASP D 138 7.52 37.22 31.39
N ARG D 139 8.83 37.12 31.21
CA ARG D 139 9.46 37.46 29.95
C ARG D 139 8.68 36.82 28.82
N ILE D 140 8.67 35.49 28.78
CA ILE D 140 8.06 34.81 27.67
C ILE D 140 6.58 35.12 27.60
N MET D 141 5.97 35.39 28.75
CA MET D 141 4.56 35.72 28.76
C MET D 141 4.28 36.92 27.89
N ILE D 142 5.08 37.98 28.06
CA ILE D 142 4.90 39.17 27.22
C ILE D 142 5.07 38.79 25.77
N GLY D 143 6.08 37.96 25.49
CA GLY D 143 6.41 37.56 24.15
C GLY D 143 5.23 36.99 23.40
N PHE D 144 4.15 36.67 24.11
CA PHE D 144 2.97 36.16 23.44
C PHE D 144 1.73 36.95 23.73
N ASN D 145 1.73 37.77 24.78
CA ASN D 145 0.56 38.57 25.09
C ASN D 145 0.77 40.04 24.81
N GLY D 146 2.02 40.47 24.63
CA GLY D 146 2.30 41.85 24.35
C GLY D 146 1.67 42.31 23.06
N VAL D 147 0.64 43.14 23.16
CA VAL D 147 -0.08 43.64 21.99
C VAL D 147 0.46 45.01 21.62
N SER D 148 1.04 45.70 22.59
CA SER D 148 1.52 47.07 22.35
C SER D 148 2.37 47.45 23.56
N ARG D 149 3.08 48.55 23.43
CA ARG D 149 3.81 49.10 24.57
C ARG D 149 3.20 50.44 24.93
N ALA D 150 2.36 50.44 25.95
CA ALA D 150 1.77 51.67 26.46
C ALA D 150 2.78 52.38 27.34
N ALA D 151 2.67 53.72 27.38
CA ALA D 151 3.56 54.49 28.23
C ALA D 151 3.34 54.17 29.69
N THR D 152 2.16 53.70 30.06
CA THR D 152 1.84 53.30 31.43
C THR D 152 1.16 51.94 31.42
N SER D 153 1.57 51.08 32.33
CA SER D 153 1.04 49.72 32.42
C SER D 153 -0.07 49.70 33.46
N ASP D 154 -1.22 49.16 33.07
CA ASP D 154 -2.34 48.99 33.99
C ASP D 154 -2.45 47.51 34.35
N ARG D 155 -1.97 47.17 35.54
CA ARG D 155 -2.00 45.77 35.97
C ARG D 155 -3.41 45.24 36.11
N VAL D 156 -4.41 46.12 36.16
CA VAL D 156 -5.79 45.67 36.26
C VAL D 156 -6.45 45.57 34.88
N ALA D 157 -6.13 46.48 33.96
CA ALA D 157 -6.76 46.45 32.65
C ALA D 157 -6.19 45.32 31.80
N ASN D 158 -4.88 45.12 31.86
CA ASN D 158 -4.20 44.11 31.05
C ASN D 158 -3.33 43.26 31.95
N PRO D 159 -3.96 42.43 32.79
CA PRO D 159 -3.18 41.54 33.66
C PRO D 159 -2.36 40.54 32.89
N MET D 160 -2.71 40.29 31.64
CA MET D 160 -1.91 39.43 30.77
C MET D 160 -0.69 40.15 30.21
N LEU D 161 -0.42 41.37 30.68
CA LEU D 161 0.66 42.19 30.15
C LEU D 161 0.53 42.36 28.64
N GLN D 162 -0.63 42.82 28.22
CA GLN D 162 -0.87 43.09 26.81
C GLN D 162 -0.35 44.46 26.38
N ASP D 163 0.18 45.26 27.30
CA ASP D 163 0.62 46.61 26.99
C ASP D 163 1.98 46.89 27.58
N VAL D 164 2.92 45.96 27.41
CA VAL D 164 4.27 46.17 27.88
C VAL D 164 5.29 46.13 26.74
N ASN D 165 4.98 45.45 25.65
CA ASN D 165 5.88 45.32 24.52
C ASN D 165 5.08 44.71 23.38
N LYS D 166 5.75 44.36 22.29
CA LYS D 166 5.10 43.67 21.19
C LYS D 166 5.67 42.26 21.15
N GLY D 167 4.87 41.30 21.57
CA GLY D 167 5.27 39.91 21.47
C GLY D 167 5.33 39.49 20.02
N TRP D 168 5.96 38.33 19.81
CA TRP D 168 6.12 37.81 18.46
C TRP D 168 4.78 37.75 17.74
N LEU D 169 3.73 37.41 18.46
CA LEU D 169 2.41 37.31 17.84
C LEU D 169 1.96 38.67 17.32
N GLN D 170 2.20 39.74 18.08
CA GLN D 170 1.81 41.05 17.58
C GLN D 170 2.64 41.44 16.37
N ASN D 171 3.91 41.07 16.33
CA ASN D 171 4.71 41.37 15.14
C ASN D 171 4.08 40.74 13.91
N LEU D 172 3.60 39.51 14.03
CA LEU D 172 2.85 38.91 12.92
C LEU D 172 1.63 39.74 12.58
N ARG D 173 0.88 40.16 13.60
CA ARG D 173 -0.32 40.94 13.32
C ARG D 173 -0.01 42.31 12.74
N GLU D 174 1.23 42.77 12.81
CA GLU D 174 1.61 44.04 12.19
C GLU D 174 2.34 43.83 10.87
N GLN D 175 3.47 43.12 10.90
CA GLN D 175 4.23 42.87 9.68
C GLN D 175 3.84 41.51 9.11
N ALA D 176 3.47 41.49 7.84
CA ALA D 176 2.90 40.33 7.17
C ALA D 176 1.65 39.85 7.88
N PRO D 177 0.55 40.61 7.83
CA PRO D 177 -0.70 40.16 8.47
C PRO D 177 -1.45 39.11 7.68
N GLN D 178 -0.97 38.69 6.51
CA GLN D 178 -1.59 37.55 5.85
C GLN D 178 -1.19 36.25 6.55
N ARG D 179 -0.09 36.25 7.29
CA ARG D 179 0.28 35.09 8.08
C ARG D 179 -0.73 34.83 9.18
N VAL D 180 -1.34 35.89 9.70
CA VAL D 180 -2.29 35.77 10.80
C VAL D 180 -3.64 35.40 10.18
N MET D 181 -3.98 34.13 10.23
CA MET D 181 -5.28 33.71 9.74
C MET D 181 -6.33 34.14 10.76
N LYS D 182 -6.76 35.39 10.67
CA LYS D 182 -7.67 35.95 11.67
C LYS D 182 -9.01 35.24 11.68
N GLU D 183 -9.55 34.93 10.50
CA GLU D 183 -10.86 34.29 10.40
C GLU D 183 -10.76 33.14 9.42
N GLY D 184 -11.65 32.17 9.58
CA GLY D 184 -11.67 30.99 8.75
C GLY D 184 -12.57 31.17 7.53
N LYS D 185 -12.74 30.07 6.80
CA LYS D 185 -13.41 30.10 5.51
C LYS D 185 -14.90 30.38 5.72
N ALA D 186 -15.30 31.64 5.52
CA ALA D 186 -16.70 32.07 5.52
C ALA D 186 -17.36 31.94 6.88
N ALA D 187 -16.57 31.93 7.95
CA ALA D 187 -17.13 31.91 9.30
C ALA D 187 -17.52 33.34 9.69
N ALA D 188 -17.86 33.54 10.97
CA ALA D 188 -18.24 34.88 11.44
C ALA D 188 -17.15 35.40 12.37
N GLY D 189 -16.15 36.04 11.78
CA GLY D 189 -15.09 36.67 12.55
C GLY D 189 -14.31 35.75 13.46
N LYS D 190 -14.01 34.54 13.01
CA LYS D 190 -13.38 33.51 13.83
C LYS D 190 -13.12 32.31 12.93
N ILE D 191 -12.43 31.32 13.49
CA ILE D 191 -12.14 30.06 12.78
C ILE D 191 -12.94 28.97 13.48
N THR D 192 -14.00 28.50 12.84
CA THR D 192 -14.73 27.38 13.40
C THR D 192 -14.10 26.07 12.98
N VAL D 193 -14.52 25.00 13.66
CA VAL D 193 -14.03 23.66 13.36
C VAL D 193 -15.20 22.81 12.92
N GLY D 194 -14.93 21.54 12.61
CA GLY D 194 -15.90 20.66 11.98
C GLY D 194 -17.22 20.52 12.72
N GLY D 195 -17.34 21.04 13.94
CA GLY D 195 -18.61 21.01 14.62
C GLY D 195 -19.68 21.80 13.90
N ALA D 196 -19.33 22.99 13.41
CA ALA D 196 -20.24 23.84 12.67
C ALA D 196 -20.07 23.55 11.18
N GLY D 197 -20.88 22.63 10.67
CA GLY D 197 -20.82 22.30 9.26
C GLY D 197 -19.48 21.73 8.86
N ALA D 198 -18.70 22.49 8.10
CA ALA D 198 -17.40 22.03 7.64
C ALA D 198 -16.49 23.23 7.45
N ASP D 199 -15.50 23.36 8.33
CA ASP D 199 -14.42 24.34 8.12
C ASP D 199 -13.21 23.85 8.89
N TYR D 200 -12.21 23.37 8.16
CA TYR D 200 -10.96 22.86 8.70
C TYR D 200 -11.12 21.63 9.58
N GLY D 201 -12.33 21.09 9.69
CA GLY D 201 -12.49 19.81 10.38
C GLY D 201 -11.88 19.86 11.75
N ASN D 202 -10.98 18.92 12.03
CA ASN D 202 -10.28 18.90 13.30
C ASN D 202 -9.21 19.98 13.34
N LEU D 203 -8.38 19.96 14.37
CA LEU D 203 -7.26 20.89 14.45
C LEU D 203 -6.11 20.48 13.53
N ASP D 204 -6.01 19.19 13.22
CA ASP D 204 -4.95 18.70 12.37
C ASP D 204 -5.03 19.33 10.98
N ALA D 205 -6.23 19.42 10.43
CA ALA D 205 -6.38 20.02 9.11
C ALA D 205 -6.04 21.51 9.13
N LEU D 206 -6.37 22.19 10.23
CA LEU D 206 -6.07 23.61 10.32
C LEU D 206 -4.57 23.84 10.37
N VAL D 207 -3.86 23.08 11.20
CA VAL D 207 -2.41 23.26 11.21
C VAL D 207 -1.80 22.79 9.90
N TYR D 208 -2.36 21.77 9.27
CA TYR D 208 -1.85 21.33 7.97
C TYR D 208 -2.01 22.42 6.92
N ASP D 209 -3.17 23.05 6.89
CA ASP D 209 -3.40 24.13 5.93
C ASP D 209 -2.46 25.29 6.19
N ILE D 210 -2.28 25.65 7.46
CA ILE D 210 -1.32 26.71 7.78
C ILE D 210 0.06 26.33 7.30
N THR D 211 0.45 25.07 7.51
CA THR D 211 1.80 24.66 7.15
C THR D 211 2.01 24.68 5.64
N ASN D 212 0.99 24.36 4.87
CA ASN D 212 1.16 24.26 3.42
C ASN D 212 0.47 25.40 2.66
N HIS D 213 0.06 26.46 3.33
CA HIS D 213 -0.45 27.62 2.63
C HIS D 213 -0.01 28.96 3.22
N LEU D 214 0.55 29.00 4.41
CA LEU D 214 0.99 30.24 5.02
C LEU D 214 2.48 30.26 5.30
N VAL D 215 3.04 29.17 5.83
CA VAL D 215 4.48 29.06 5.90
C VAL D 215 5.05 29.03 4.49
N GLU D 216 6.21 29.63 4.31
CA GLU D 216 6.85 29.64 3.00
C GLU D 216 7.20 28.22 2.57
N PRO D 217 7.21 28.00 1.26
CA PRO D 217 7.33 26.65 0.74
C PRO D 217 8.59 25.95 1.22
N TRP D 218 9.72 26.64 1.18
CA TRP D 218 10.98 26.00 1.56
C TRP D 218 11.09 25.74 3.05
N TYR D 219 10.16 26.25 3.84
CA TYR D 219 10.11 25.94 5.26
C TYR D 219 8.96 25.03 5.65
N ALA D 220 7.93 24.91 4.80
CA ALA D 220 6.81 24.03 5.11
C ALA D 220 7.25 22.59 5.29
N GLU D 221 8.35 22.20 4.65
CA GLU D 221 8.89 20.86 4.79
C GLU D 221 10.19 20.84 5.59
N ASP D 222 10.42 21.88 6.38
CA ASP D 222 11.56 21.85 7.29
C ASP D 222 11.28 20.86 8.41
N PRO D 223 12.18 19.93 8.69
CA PRO D 223 11.95 19.00 9.81
C PRO D 223 11.87 19.67 11.17
N ASP D 224 12.42 20.86 11.32
CA ASP D 224 12.46 21.53 12.62
C ASP D 224 11.25 22.40 12.87
N LEU D 225 10.30 22.46 11.95
CA LEU D 225 9.12 23.28 12.13
C LEU D 225 8.24 22.70 13.22
N VAL D 226 7.88 23.52 14.20
CA VAL D 226 7.07 23.06 15.33
C VAL D 226 5.86 23.96 15.47
N VAL D 227 4.96 23.56 16.35
CA VAL D 227 3.71 24.27 16.58
C VAL D 227 3.61 24.58 18.06
N VAL D 228 3.69 25.85 18.39
CA VAL D 228 3.56 26.34 19.75
C VAL D 228 2.08 26.45 20.10
N CYS D 229 1.69 25.83 21.22
CA CYS D 229 0.31 25.93 21.66
C CYS D 229 0.25 25.87 23.17
N GLY D 230 -0.83 26.43 23.71
CA GLY D 230 -1.06 26.46 25.15
C GLY D 230 -1.56 25.14 25.69
N ARG D 231 -2.45 25.23 26.68
CA ARG D 231 -2.99 24.02 27.29
C ARG D 231 -4.38 23.67 26.80
N ASN D 232 -5.19 24.67 26.50
CA ASN D 232 -6.58 24.38 26.14
C ASN D 232 -6.64 23.64 24.81
N LEU D 233 -5.96 24.16 23.78
CA LEU D 233 -6.18 23.65 22.44
C LEU D 233 -5.57 22.27 22.25
N LEU D 234 -4.33 22.06 22.70
CA LEU D 234 -3.71 20.75 22.54
C LEU D 234 -4.44 19.68 23.34
N SER D 235 -4.71 19.95 24.62
CA SER D 235 -5.42 19.00 25.45
C SER D 235 -6.80 18.74 24.89
N ASP D 236 -7.50 19.79 24.50
CA ASP D 236 -8.82 19.60 23.91
C ASP D 236 -8.76 19.04 22.51
N LYS D 237 -7.60 19.07 21.85
CA LYS D 237 -7.45 18.41 20.57
C LYS D 237 -7.36 16.91 20.73
N TYR D 238 -6.58 16.45 21.70
CA TYR D 238 -6.57 15.01 22.00
C TYR D 238 -7.82 14.55 22.71
N PHE D 239 -8.59 15.45 23.32
CA PHE D 239 -9.77 15.01 24.04
C PHE D 239 -10.75 14.23 23.18
N PRO D 240 -11.17 14.69 22.00
CA PRO D 240 -12.12 13.89 21.21
C PRO D 240 -11.53 12.60 20.66
N LEU D 241 -10.24 12.32 20.87
CA LEU D 241 -9.75 10.97 20.56
C LEU D 241 -10.38 9.95 21.48
N VAL D 242 -10.55 10.29 22.76
CA VAL D 242 -11.05 9.35 23.76
C VAL D 242 -12.50 9.58 24.11
N ASN D 243 -13.06 10.76 23.78
CA ASN D 243 -14.42 11.08 24.13
C ASN D 243 -15.43 10.49 23.15
N ARG D 244 -14.96 9.81 22.11
CA ARG D 244 -15.83 9.28 21.06
C ARG D 244 -16.24 7.83 21.28
N ASP D 245 -15.84 7.21 22.40
CA ASP D 245 -16.13 5.80 22.68
C ASP D 245 -15.52 4.89 21.62
N ARG D 246 -14.20 4.93 21.54
CA ARG D 246 -13.48 4.18 20.53
C ARG D 246 -13.39 2.70 20.89
N ASP D 247 -13.11 1.89 19.89
CA ASP D 247 -12.91 0.45 20.05
C ASP D 247 -11.50 0.17 20.56
N PRO D 248 -11.25 -1.03 21.08
CA PRO D 248 -9.95 -1.29 21.73
C PRO D 248 -8.72 -0.98 20.89
N VAL D 249 -8.71 -1.35 19.61
CA VAL D 249 -7.55 -1.02 18.77
C VAL D 249 -7.42 0.50 18.66
N GLN D 250 -8.52 1.17 18.38
CA GLN D 250 -8.51 2.63 18.35
C GLN D 250 -8.14 3.23 19.70
N GLN D 251 -8.43 2.53 20.80
CA GLN D 251 -8.01 3.07 22.09
C GLN D 251 -6.51 2.94 22.29
N ILE D 252 -5.92 1.84 21.83
CA ILE D 252 -4.46 1.73 21.83
C ILE D 252 -3.85 2.81 20.96
N ALA D 253 -4.42 3.00 19.76
CA ALA D 253 -3.91 4.02 18.86
C ALA D 253 -4.06 5.42 19.46
N ALA D 254 -5.21 5.69 20.10
CA ALA D 254 -5.44 7.00 20.70
C ALA D 254 -4.45 7.27 21.82
N ASP D 255 -4.15 6.25 22.62
CA ASP D 255 -3.15 6.42 23.66
C ASP D 255 -1.79 6.74 23.05
N LEU D 256 -1.44 6.07 21.95
CA LEU D 256 -0.18 6.37 21.27
C LEU D 256 -0.17 7.80 20.76
N ILE D 257 -1.27 8.22 20.12
CA ILE D 257 -1.33 9.57 19.59
C ILE D 257 -1.24 10.59 20.71
N ILE D 258 -1.91 10.32 21.83
CA ILE D 258 -1.78 11.20 22.97
C ILE D 258 -0.33 11.24 23.45
N SER D 259 0.36 10.11 23.40
CA SER D 259 1.77 10.10 23.77
C SER D 259 2.58 11.00 22.85
N GLN D 260 2.33 10.94 21.54
CA GLN D 260 3.05 11.76 20.60
C GLN D 260 2.42 13.15 20.53
N LYS D 261 3.19 14.16 20.92
CA LYS D 261 2.58 15.45 21.15
C LYS D 261 2.36 16.23 19.84
N ARG D 262 2.67 15.63 18.70
CA ARG D 262 2.56 16.32 17.43
C ARG D 262 1.14 16.81 17.18
N ILE D 263 1.01 18.06 16.71
CA ILE D 263 -0.23 18.57 16.16
C ILE D 263 -0.16 18.41 14.64
N GLY D 264 -1.17 17.76 14.07
CA GLY D 264 -1.08 17.38 12.68
C GLY D 264 0.13 16.49 12.49
N ASN D 265 1.16 17.04 11.85
CA ASN D 265 2.41 16.32 11.63
C ASN D 265 3.60 17.05 12.23
N LEU D 266 3.37 18.10 13.02
CA LEU D 266 4.45 18.89 13.56
C LEU D 266 4.55 18.72 15.07
N PRO D 267 5.75 18.60 15.61
CA PRO D 267 5.89 18.49 17.07
C PRO D 267 5.31 19.71 17.75
N ALA D 268 4.66 19.49 18.88
CA ALA D 268 3.98 20.57 19.58
C ALA D 268 4.77 20.97 20.82
N ILE D 269 4.63 22.24 21.18
CA ILE D 269 5.36 22.84 22.29
C ILE D 269 4.35 23.40 23.28
N ARG D 270 4.40 22.86 24.50
CA ARG D 270 3.75 23.44 25.67
C ARG D 270 4.29 24.84 25.89
N VAL D 271 3.41 25.81 26.10
CA VAL D 271 3.80 27.17 26.41
C VAL D 271 2.78 27.79 27.35
N PRO D 272 3.17 28.19 28.55
CA PRO D 272 2.22 28.88 29.43
C PRO D 272 1.86 30.25 28.91
N TYR D 273 0.66 30.69 29.24
CA TYR D 273 0.14 32.04 28.95
C TYR D 273 0.08 32.33 27.46
N PHE D 274 0.04 31.31 26.60
CA PHE D 274 -0.25 31.56 25.21
C PHE D 274 -1.71 31.99 25.05
N PRO D 275 -2.00 32.94 24.17
CA PRO D 275 -3.39 33.36 24.00
C PRO D 275 -4.26 32.21 23.51
N ALA D 276 -5.18 31.76 24.35
CA ALA D 276 -6.05 30.66 23.97
C ALA D 276 -6.77 30.99 22.66
N ASN D 277 -7.28 29.94 22.02
CA ASN D 277 -7.86 30.04 20.69
C ASN D 277 -6.86 30.59 19.70
N GLY D 278 -5.58 30.35 19.95
CA GLY D 278 -4.53 30.78 19.06
C GLY D 278 -3.55 29.65 18.84
N LEU D 279 -2.83 29.74 17.73
CA LEU D 279 -1.89 28.69 17.35
C LEU D 279 -0.75 29.32 16.57
N LEU D 280 0.49 28.97 16.91
CA LEU D 280 1.65 29.52 16.24
C LEU D 280 2.39 28.38 15.55
N VAL D 281 2.82 28.60 14.32
CA VAL D 281 3.58 27.62 13.55
C VAL D 281 4.86 28.29 13.11
N THR D 282 5.98 27.85 13.67
CA THR D 282 7.25 28.48 13.39
C THR D 282 8.36 27.57 13.89
N ARG D 283 9.59 27.97 13.63
CA ARG D 283 10.75 27.28 14.18
C ARG D 283 11.17 28.01 15.45
N LEU D 284 11.50 27.25 16.48
CA LEU D 284 11.92 27.89 17.72
C LEU D 284 13.20 28.67 17.54
N ASP D 285 14.03 28.28 16.57
CA ASP D 285 15.18 29.11 16.23
C ASP D 285 14.77 30.38 15.51
N ASN D 286 13.54 30.46 15.05
CA ASN D 286 13.06 31.65 14.35
C ASN D 286 12.62 32.73 15.33
N LEU D 287 12.53 32.43 16.62
CA LEU D 287 12.12 33.40 17.62
C LEU D 287 13.33 33.87 18.43
N SER D 288 13.33 35.15 18.76
CA SER D 288 14.50 35.67 19.45
C SER D 288 14.11 36.81 20.38
N ILE D 289 14.93 36.94 21.42
CA ILE D 289 14.94 38.09 22.31
C ILE D 289 16.15 38.91 21.92
N TYR D 290 15.91 40.11 21.41
CA TYR D 290 16.96 41.07 21.16
C TYR D 290 16.92 42.05 22.33
N TYR D 291 17.74 41.80 23.32
CA TYR D 291 17.91 42.71 24.44
C TYR D 291 19.16 43.54 24.24
N GLN D 292 19.10 44.81 24.63
CA GLN D 292 20.26 45.67 24.49
C GLN D 292 21.33 45.28 25.49
N GLU D 293 22.49 44.86 24.99
CA GLU D 293 23.64 44.70 25.86
C GLU D 293 23.95 46.02 26.54
N GLY D 294 24.24 45.95 27.84
CA GLY D 294 24.38 47.17 28.59
C GLY D 294 23.07 47.77 29.03
N GLY D 295 21.96 47.12 28.72
CA GLY D 295 20.66 47.54 29.19
C GLY D 295 20.26 46.98 30.53
N ARG D 296 21.13 46.24 31.19
CA ARG D 296 20.89 45.75 32.55
C ARG D 296 21.05 46.90 33.53
N ARG D 297 19.97 47.65 33.73
CA ARG D 297 19.99 48.66 34.77
C ARG D 297 19.56 48.06 36.11
N ARG D 298 20.20 46.96 36.48
CA ARG D 298 19.89 46.36 37.77
C ARG D 298 20.41 47.25 38.89
N THR D 299 19.59 47.42 39.91
CA THR D 299 20.02 48.16 41.09
C THR D 299 19.20 47.70 42.29
N ILE D 300 19.85 47.71 43.44
CA ILE D 300 19.27 47.22 44.68
C ILE D 300 19.25 48.38 45.66
N LEU D 301 18.06 48.90 45.94
CA LEU D 301 17.90 50.09 46.77
C LEU D 301 17.23 49.72 48.07
N ASP D 302 17.82 50.17 49.18
CA ASP D 302 17.25 49.93 50.51
C ASP D 302 16.50 51.20 50.91
N ASN D 303 15.31 51.34 50.35
CA ASN D 303 14.55 52.57 50.44
C ASN D 303 13.94 52.69 51.83
N ALA D 304 14.71 53.18 52.78
CA ALA D 304 14.19 53.39 54.12
C ALA D 304 13.11 54.46 54.15
N LYS D 305 13.18 55.46 53.29
CA LYS D 305 12.18 56.53 53.24
C LYS D 305 10.76 56.01 53.07
N ARG D 306 10.61 54.85 52.44
CA ARG D 306 9.31 54.23 52.24
C ARG D 306 9.24 52.90 52.98
N ASP D 307 10.30 52.52 53.67
CA ASP D 307 10.39 51.28 54.43
C ASP D 307 10.08 50.06 53.57
N ARG D 308 10.97 49.83 52.61
CA ARG D 308 10.88 48.66 51.73
C ARG D 308 12.23 48.45 51.09
N ILE D 309 12.58 47.18 50.89
CA ILE D 309 13.77 46.83 50.13
C ILE D 309 13.32 46.73 48.68
N GLU D 310 13.80 47.67 47.86
CA GLU D 310 13.40 47.71 46.47
C GLU D 310 14.42 47.01 45.60
N ASN D 311 14.05 46.81 44.34
CA ASN D 311 14.93 46.20 43.37
C ASN D 311 14.41 46.56 41.99
N TYR D 312 15.21 47.28 41.22
CA TYR D 312 14.83 47.70 39.87
C TYR D 312 15.64 46.89 38.87
N GLU D 313 14.98 46.45 37.81
CA GLU D 313 15.65 45.98 36.62
C GLU D 313 14.89 46.59 35.46
N SER D 314 15.46 47.63 34.88
CA SER D 314 15.04 48.03 33.55
C SER D 314 15.74 47.16 32.54
N SER D 315 14.97 46.56 31.64
CA SER D 315 15.50 45.70 30.61
C SER D 315 15.01 46.18 29.27
N ASN D 316 15.93 46.56 28.39
CA ASN D 316 15.57 46.89 27.03
C ASN D 316 15.52 45.59 26.23
N ASP D 317 14.33 45.24 25.73
CA ASP D 317 14.14 43.98 25.03
C ASP D 317 13.27 44.21 23.82
N ALA D 318 13.24 43.23 22.93
CA ALA D 318 12.42 43.29 21.73
C ALA D 318 12.12 41.88 21.27
N TYR D 319 10.84 41.52 21.22
CA TYR D 319 10.41 40.21 20.79
C TYR D 319 10.34 40.22 19.27
N VAL D 320 11.30 39.56 18.62
CA VAL D 320 11.47 39.67 17.19
C VAL D 320 11.49 38.29 16.55
N ILE D 321 10.79 38.18 15.44
CA ILE D 321 10.79 36.98 14.62
C ILE D 321 11.88 37.15 13.56
N GLU D 322 12.83 36.21 13.53
CA GLU D 322 13.96 36.36 12.62
C GLU D 322 13.51 36.46 11.18
N ASP D 323 12.62 35.57 10.75
CA ASP D 323 12.10 35.61 9.40
C ASP D 323 10.61 35.31 9.44
N LEU D 324 9.85 36.07 8.66
CA LEU D 324 8.41 35.88 8.57
C LEU D 324 8.02 34.88 7.50
N ALA D 325 9.00 34.34 6.78
CA ALA D 325 8.71 33.28 5.83
C ALA D 325 8.15 32.06 6.54
N CYS D 326 8.61 31.79 7.75
CA CYS D 326 8.19 30.60 8.48
C CYS D 326 7.58 30.94 9.83
N ALA D 327 6.70 31.92 9.87
CA ALA D 327 6.00 32.25 11.11
C ALA D 327 4.54 32.53 10.76
N ALA D 328 3.72 31.50 10.80
CA ALA D 328 2.30 31.63 10.54
C ALA D 328 1.52 31.45 11.83
N MET D 329 0.24 31.76 11.80
CA MET D 329 -0.56 31.60 12.99
C MET D 329 -2.03 31.64 12.64
N ALA D 330 -2.84 31.18 13.59
CA ALA D 330 -4.28 31.30 13.51
C ALA D 330 -4.81 31.88 14.81
N GLU D 331 -5.86 32.68 14.68
CA GLU D 331 -6.52 33.27 15.82
C GLU D 331 -7.98 32.86 15.82
N ASN D 332 -8.58 32.85 17.00
CA ASN D 332 -9.97 32.48 17.16
C ASN D 332 -10.23 31.08 16.59
N ILE D 333 -9.57 30.11 17.21
CA ILE D 333 -9.85 28.72 16.88
C ILE D 333 -11.04 28.30 17.72
N ALA D 334 -12.24 28.54 17.20
CA ALA D 334 -13.45 28.24 17.96
C ALA D 334 -13.62 26.73 17.99
N LEU D 335 -12.96 26.10 18.95
CA LEU D 335 -12.92 24.64 19.05
C LEU D 335 -14.23 24.20 19.68
N ALA D 336 -15.20 23.85 18.84
CA ALA D 336 -16.51 23.48 19.33
C ALA D 336 -16.45 22.14 20.06
N ALA D 337 -17.28 22.01 21.10
CA ALA D 337 -17.30 20.81 21.92
C ALA D 337 -18.64 20.11 21.86
N VAL E 31 6.17 -39.28 -50.88
CA VAL E 31 6.80 -39.70 -49.64
C VAL E 31 6.68 -38.56 -48.63
N ALA E 32 6.81 -38.87 -47.34
CA ALA E 32 6.70 -37.86 -46.30
C ALA E 32 7.89 -37.92 -45.36
N PRO E 33 8.33 -36.78 -44.83
CA PRO E 33 9.41 -36.79 -43.85
C PRO E 33 9.01 -37.54 -42.58
N SER E 34 9.98 -38.18 -41.96
CA SER E 34 9.77 -38.83 -40.69
C SER E 34 9.83 -37.79 -39.58
N VAL E 35 8.72 -37.60 -38.89
CA VAL E 35 8.73 -36.69 -37.74
C VAL E 35 9.68 -37.23 -36.70
N GLN E 36 10.41 -36.33 -36.04
CA GLN E 36 11.37 -36.73 -35.02
C GLN E 36 10.63 -36.90 -33.70
N GLN E 37 9.98 -38.05 -33.56
CA GLN E 37 9.23 -38.35 -32.35
C GLN E 37 10.18 -38.45 -31.16
N LYS E 38 9.79 -37.85 -30.05
CA LYS E 38 10.55 -37.95 -28.82
C LYS E 38 9.60 -38.30 -27.67
N LEU E 39 10.07 -39.17 -26.79
CA LEU E 39 9.26 -39.73 -25.72
C LEU E 39 9.48 -38.97 -24.43
N GLU E 40 8.38 -38.71 -23.71
CA GLU E 40 8.45 -38.31 -22.32
C GLU E 40 7.17 -38.75 -21.63
N THR E 41 7.31 -39.23 -20.40
CA THR E 41 6.18 -39.75 -19.65
C THR E 41 5.35 -38.60 -19.09
N LYS E 42 4.05 -38.66 -19.33
CA LYS E 42 3.13 -37.75 -18.66
C LYS E 42 2.96 -38.20 -17.21
N VAL E 43 3.21 -37.28 -16.28
CA VAL E 43 3.14 -37.64 -14.87
C VAL E 43 1.72 -38.02 -14.52
N GLN E 44 1.55 -39.16 -13.84
CA GLN E 44 0.21 -39.58 -13.45
C GLN E 44 -0.33 -38.69 -12.33
N GLU E 45 0.32 -38.69 -11.18
CA GLU E 45 -0.17 -37.93 -10.03
C GLU E 45 0.91 -37.97 -8.96
N SER E 46 0.67 -37.38 -7.79
CA SER E 46 1.59 -37.47 -6.66
C SER E 46 0.98 -38.39 -5.60
N SER E 47 1.76 -39.38 -5.18
CA SER E 47 1.33 -40.34 -4.17
C SER E 47 2.17 -40.25 -2.91
N ASP E 48 2.60 -39.04 -2.55
CA ASP E 48 3.36 -38.85 -1.33
C ASP E 48 2.52 -39.12 -0.09
N PHE E 49 1.22 -38.81 -0.15
CA PHE E 49 0.28 -39.19 0.90
C PHE E 49 0.52 -40.61 1.39
N LEU E 50 0.64 -41.54 0.47
CA LEU E 50 0.74 -42.95 0.81
C LEU E 50 2.01 -43.25 1.61
N LYS E 51 2.98 -42.34 1.62
CA LYS E 51 4.17 -42.55 2.43
C LYS E 51 3.89 -42.33 3.90
N SER E 52 3.02 -41.40 4.24
CA SER E 52 2.71 -41.12 5.64
C SER E 52 1.71 -42.10 6.23
N ILE E 53 1.06 -42.92 5.41
CA ILE E 53 0.22 -43.98 5.93
C ILE E 53 1.10 -45.10 6.47
N ASN E 54 0.51 -45.95 7.29
CA ASN E 54 1.20 -47.10 7.84
C ASN E 54 0.94 -48.32 6.97
N PHE E 55 1.98 -49.09 6.71
CA PHE E 55 1.87 -50.40 6.10
C PHE E 55 2.26 -51.44 7.12
N TYR E 56 1.34 -52.34 7.46
CA TYR E 56 1.64 -53.42 8.37
C TYR E 56 1.54 -54.75 7.63
N GLY E 57 2.57 -55.58 7.80
CA GLY E 57 2.57 -56.92 7.25
C GLY E 57 1.94 -57.92 8.18
N VAL E 58 0.64 -57.82 8.37
CA VAL E 58 -0.05 -58.85 9.14
C VAL E 58 0.09 -60.17 8.40
N PRO E 59 0.38 -61.28 9.08
CA PRO E 59 0.53 -62.57 8.38
C PRO E 59 -0.72 -63.42 8.27
N GLU E 60 -1.90 -62.90 8.57
CA GLU E 60 -3.14 -63.67 8.38
C GLU E 60 -4.12 -62.84 7.57
N GLN E 61 -4.81 -63.52 6.66
CA GLN E 61 -5.73 -62.82 5.75
C GLN E 61 -6.83 -62.14 6.53
N GLU E 62 -7.35 -62.78 7.57
CA GLU E 62 -8.41 -62.20 8.36
C GLU E 62 -7.82 -61.70 9.67
N GLY E 63 -8.49 -60.75 10.31
CA GLY E 63 -8.03 -60.28 11.60
C GLY E 63 -9.08 -59.45 12.31
N GLU E 64 -8.95 -59.36 13.63
CA GLU E 64 -9.85 -58.56 14.44
C GLU E 64 -9.06 -57.83 15.52
N LYS E 65 -9.59 -56.67 15.91
CA LYS E 65 -9.05 -55.89 17.01
C LYS E 65 -10.15 -55.71 18.04
N ILE E 66 -9.82 -55.92 19.31
CA ILE E 66 -10.78 -55.91 20.40
C ILE E 66 -10.54 -54.69 21.26
N GLY E 67 -11.45 -53.72 21.19
CA GLY E 67 -11.42 -52.57 22.06
C GLY E 67 -12.18 -52.90 23.32
N LEU E 68 -11.63 -52.50 24.47
CA LEU E 68 -12.17 -52.98 25.75
C LEU E 68 -13.20 -52.01 26.32
N GLY E 69 -12.77 -50.82 26.69
CA GLY E 69 -13.70 -49.79 27.14
C GLY E 69 -14.50 -50.11 28.38
N VAL E 70 -15.32 -49.15 28.80
CA VAL E 70 -16.12 -49.24 30.01
C VAL E 70 -17.57 -48.92 29.67
N SER E 71 -18.50 -49.70 30.22
CA SER E 71 -19.90 -49.55 29.88
C SER E 71 -20.43 -48.16 30.25
N GLY E 72 -20.05 -47.65 31.41
CA GLY E 72 -20.49 -46.34 31.82
C GLY E 72 -20.20 -46.01 33.28
N PRO E 73 -21.20 -45.46 33.96
CA PRO E 73 -21.00 -45.04 35.35
C PRO E 73 -20.78 -46.23 36.26
N VAL E 74 -20.04 -45.99 37.34
CA VAL E 74 -19.70 -47.03 38.30
C VAL E 74 -20.33 -46.76 39.66
N ALA E 75 -20.02 -45.61 40.26
CA ALA E 75 -20.40 -45.33 41.64
C ALA E 75 -21.91 -45.23 41.76
N SER E 76 -22.45 -45.79 42.85
CA SER E 76 -23.88 -45.76 43.10
C SER E 76 -24.11 -46.03 44.58
N THR E 77 -24.68 -45.07 45.29
CA THR E 77 -24.96 -45.23 46.71
C THR E 77 -26.30 -45.91 46.90
N THR E 78 -26.33 -46.93 47.75
CA THR E 78 -27.55 -47.66 48.05
C THR E 78 -27.64 -47.85 49.56
N ASP E 79 -28.79 -47.51 50.13
CA ASP E 79 -29.02 -47.79 51.55
C ASP E 79 -29.04 -49.28 51.77
N THR E 80 -28.10 -49.76 52.56
CA THR E 80 -27.87 -51.19 52.68
C THR E 80 -28.77 -51.87 53.70
N THR E 81 -29.59 -51.10 54.41
CA THR E 81 -30.61 -51.72 55.27
C THR E 81 -31.86 -52.01 54.46
N GLN E 82 -32.41 -50.98 53.82
CA GLN E 82 -33.66 -51.14 53.07
C GLN E 82 -33.46 -51.79 51.71
N GLN E 83 -32.22 -51.96 51.25
CA GLN E 83 -31.97 -52.54 49.94
C GLN E 83 -30.58 -53.15 49.92
N ASP E 84 -30.40 -54.15 49.07
CA ASP E 84 -29.12 -54.78 48.88
C ASP E 84 -28.17 -53.83 48.14
N ARG E 85 -26.87 -54.11 48.26
CA ARG E 85 -25.85 -53.33 47.56
C ARG E 85 -25.43 -54.07 46.28
N GLU E 86 -26.35 -54.11 45.32
CA GLU E 86 -26.12 -54.89 44.12
C GLU E 86 -25.06 -54.22 43.24
N THR E 87 -24.24 -55.04 42.60
CA THR E 87 -23.14 -54.54 41.80
C THR E 87 -23.63 -54.22 40.39
N SER E 88 -22.70 -53.94 39.48
CA SER E 88 -23.04 -53.65 38.10
C SER E 88 -21.92 -54.10 37.18
N ASP E 89 -22.31 -54.65 36.03
CA ASP E 89 -21.37 -55.06 34.99
C ASP E 89 -20.91 -53.83 34.20
N ILE E 90 -19.73 -53.34 34.53
CA ILE E 90 -19.32 -52.02 34.07
C ILE E 90 -18.20 -52.19 33.04
N SER E 91 -18.24 -53.29 32.29
CA SER E 91 -17.28 -53.46 31.23
C SER E 91 -17.93 -54.14 30.03
N THR E 92 -17.59 -53.64 28.85
CA THR E 92 -18.05 -54.15 27.57
C THR E 92 -16.83 -54.44 26.70
N MET E 93 -17.06 -54.65 25.41
CA MET E 93 -15.97 -54.82 24.45
C MET E 93 -16.54 -54.86 23.05
N ASP E 94 -15.72 -54.43 22.09
CA ASP E 94 -16.10 -54.37 20.68
C ASP E 94 -15.02 -55.02 19.84
N GLY E 95 -15.45 -55.63 18.74
CA GLY E 95 -14.52 -56.25 17.83
C GLY E 95 -14.63 -55.71 16.42
N ARG E 96 -13.53 -55.21 15.88
CA ARG E 96 -13.49 -54.67 14.53
C ARG E 96 -12.72 -55.64 13.65
N ARG E 97 -13.27 -55.94 12.49
CA ARG E 97 -12.78 -57.01 11.64
C ARG E 97 -12.18 -56.44 10.35
N TYR E 98 -11.08 -57.03 9.89
CA TYR E 98 -10.51 -56.68 8.60
C TYR E 98 -10.12 -57.94 7.86
N ARG E 99 -10.54 -58.03 6.60
CA ARG E 99 -10.23 -59.16 5.73
C ARG E 99 -9.27 -58.71 4.65
N CYS E 100 -8.04 -59.22 4.70
CA CYS E 100 -7.01 -58.82 3.74
C CYS E 100 -7.32 -59.45 2.39
N GLU E 101 -8.35 -58.93 1.75
CA GLU E 101 -8.87 -59.53 0.53
C GLU E 101 -7.86 -59.38 -0.60
N GLN E 102 -7.89 -60.33 -1.54
CA GLN E 102 -6.97 -60.33 -2.67
C GLN E 102 -7.45 -59.37 -3.74
N THR E 103 -6.74 -58.27 -3.91
CA THR E 103 -6.94 -57.37 -5.03
C THR E 103 -5.98 -57.75 -6.15
N ASN E 104 -6.55 -57.97 -7.33
CA ASN E 104 -5.80 -58.42 -8.50
C ASN E 104 -5.47 -57.20 -9.34
N SER E 105 -4.23 -57.11 -9.80
CA SER E 105 -3.84 -56.15 -10.82
C SER E 105 -2.97 -56.90 -11.81
N ASP E 106 -3.13 -56.60 -13.10
CA ASP E 106 -2.33 -57.26 -14.10
C ASP E 106 -2.40 -56.49 -15.40
N THR E 107 -1.27 -56.42 -16.08
CA THR E 107 -1.19 -55.67 -17.33
C THR E 107 -0.48 -56.51 -18.37
N HIS E 108 -1.03 -56.53 -19.58
CA HIS E 108 -0.43 -57.23 -20.69
C HIS E 108 0.05 -56.21 -21.71
N ILE E 109 1.30 -56.36 -22.12
CA ILE E 109 1.92 -55.50 -23.10
C ILE E 109 2.11 -56.36 -24.34
N THR E 110 1.41 -56.02 -25.42
CA THR E 110 1.51 -56.84 -26.61
C THR E 110 2.87 -56.64 -27.25
N TYR E 111 3.53 -57.74 -27.60
CA TYR E 111 4.90 -57.64 -28.07
C TYR E 111 4.99 -56.97 -29.42
N GLN E 112 3.91 -56.97 -30.21
CA GLN E 112 3.90 -56.15 -31.41
C GLN E 112 4.02 -54.68 -31.05
N LYS E 113 3.37 -54.26 -29.97
CA LYS E 113 3.45 -52.87 -29.55
C LYS E 113 4.85 -52.54 -29.01
N LEU E 114 5.44 -53.46 -28.25
CA LEU E 114 6.82 -53.28 -27.83
C LEU E 114 7.73 -53.08 -29.03
N ASP E 115 7.62 -53.94 -30.02
CA ASP E 115 8.48 -53.80 -31.19
C ASP E 115 8.20 -52.49 -31.92
N ALA E 116 6.93 -52.14 -32.10
CA ALA E 116 6.62 -50.88 -32.77
C ALA E 116 7.15 -49.69 -31.99
N TRP E 117 7.45 -49.86 -30.71
CA TRP E 117 8.02 -48.80 -29.89
C TRP E 117 9.41 -49.18 -29.39
N ALA E 118 10.10 -50.01 -30.15
CA ALA E 118 11.46 -50.36 -29.77
C ALA E 118 12.47 -49.29 -30.13
N LYS E 119 12.06 -48.27 -30.89
CA LYS E 119 12.97 -47.18 -31.20
C LYS E 119 13.36 -46.41 -29.95
N PHE E 120 12.41 -46.19 -29.05
CA PHE E 120 12.71 -45.57 -27.78
C PHE E 120 13.49 -46.55 -26.92
N ALA E 121 14.57 -46.07 -26.30
CA ALA E 121 15.48 -46.97 -25.62
C ALA E 121 14.82 -47.68 -24.45
N ASP E 122 14.03 -46.97 -23.66
CA ASP E 122 13.52 -47.47 -22.40
C ASP E 122 12.00 -47.48 -22.35
N PHE E 123 11.36 -47.86 -23.46
CA PHE E 123 9.91 -47.94 -23.48
C PHE E 123 9.40 -48.96 -22.47
N GLN E 124 10.05 -50.12 -22.40
CA GLN E 124 9.63 -51.16 -21.47
C GLN E 124 9.74 -50.67 -20.02
N THR E 125 10.87 -50.06 -19.69
CA THR E 125 11.09 -49.62 -18.31
C THR E 125 10.08 -48.56 -17.92
N ARG E 126 9.78 -47.62 -18.82
CA ARG E 126 8.80 -46.59 -18.50
C ARG E 126 7.43 -47.20 -18.25
N ILE E 127 7.03 -48.20 -19.05
CA ILE E 127 5.77 -48.88 -18.79
C ILE E 127 5.73 -49.39 -17.36
N ARG E 128 6.79 -50.07 -16.94
CA ARG E 128 6.77 -50.70 -15.62
C ARG E 128 6.71 -49.66 -14.52
N ASP E 129 7.47 -48.58 -14.64
CA ASP E 129 7.48 -47.60 -13.58
C ASP E 129 6.20 -46.78 -13.57
N ALA E 130 5.63 -46.49 -14.74
CA ALA E 130 4.33 -45.84 -14.77
C ALA E 130 3.28 -46.73 -14.12
N ILE E 131 3.32 -48.04 -14.40
CA ILE E 131 2.34 -48.93 -13.80
C ILE E 131 2.55 -49.02 -12.30
N ILE E 132 3.80 -49.05 -11.84
CA ILE E 132 4.04 -49.11 -10.40
C ILE E 132 3.48 -47.87 -9.71
N LYS E 133 3.71 -46.69 -10.30
CA LYS E 133 3.20 -45.50 -9.62
C LYS E 133 1.69 -45.42 -9.71
N ARG E 134 1.10 -46.01 -10.76
CA ARG E 134 -0.35 -46.11 -10.80
C ARG E 134 -0.86 -47.07 -9.73
N GLN E 135 -0.14 -48.14 -9.42
CA GLN E 135 -0.55 -48.99 -8.31
C GLN E 135 -0.47 -48.23 -7.00
N ALA E 136 0.61 -47.46 -6.82
CA ALA E 136 0.70 -46.60 -5.65
C ALA E 136 -0.46 -45.62 -5.59
N LEU E 137 -0.95 -45.18 -6.75
CA LEU E 137 -2.11 -44.31 -6.79
C LEU E 137 -3.42 -45.06 -6.54
N ASP E 138 -3.59 -46.24 -7.15
CA ASP E 138 -4.86 -46.92 -7.06
C ASP E 138 -5.09 -47.50 -5.67
N ARG E 139 -3.99 -47.73 -4.93
CA ARG E 139 -4.16 -48.06 -3.52
C ARG E 139 -4.99 -46.98 -2.82
N ILE E 140 -4.58 -45.72 -2.98
CA ILE E 140 -5.31 -44.61 -2.40
C ILE E 140 -6.70 -44.48 -3.00
N MET E 141 -6.79 -44.62 -4.31
CA MET E 141 -8.07 -44.63 -5.01
C MET E 141 -9.06 -45.53 -4.30
N ILE E 142 -8.65 -46.78 -4.10
CA ILE E 142 -9.51 -47.78 -3.45
C ILE E 142 -9.82 -47.33 -2.03
N GLY E 143 -8.79 -46.94 -1.28
CA GLY E 143 -8.99 -46.60 0.11
C GLY E 143 -9.96 -45.46 0.34
N PHE E 144 -10.11 -44.60 -0.64
CA PHE E 144 -11.06 -43.51 -0.52
C PHE E 144 -12.29 -43.65 -1.42
N ASN E 145 -12.33 -44.68 -2.26
CA ASN E 145 -13.51 -44.90 -3.09
C ASN E 145 -14.19 -46.25 -2.85
N GLY E 146 -13.44 -47.28 -2.50
CA GLY E 146 -13.98 -48.62 -2.44
C GLY E 146 -15.15 -48.80 -1.51
N VAL E 147 -16.30 -49.12 -2.06
CA VAL E 147 -17.52 -49.31 -1.29
C VAL E 147 -17.61 -50.76 -0.84
N SER E 148 -17.34 -51.70 -1.74
CA SER E 148 -17.40 -53.10 -1.38
C SER E 148 -16.58 -53.90 -2.38
N ARG E 149 -16.19 -55.10 -1.97
CA ARG E 149 -15.50 -56.02 -2.87
C ARG E 149 -16.53 -57.00 -3.41
N ALA E 150 -17.02 -56.71 -4.62
CA ALA E 150 -17.79 -57.72 -5.31
C ALA E 150 -16.86 -58.71 -5.98
N ALA E 151 -17.43 -59.74 -6.60
CA ALA E 151 -16.63 -60.76 -7.23
C ALA E 151 -15.76 -60.17 -8.34
N THR E 152 -16.39 -59.58 -9.36
CA THR E 152 -15.68 -59.04 -10.50
C THR E 152 -15.88 -57.53 -10.55
N SER E 153 -14.78 -56.81 -10.75
CA SER E 153 -14.78 -55.36 -10.77
C SER E 153 -15.15 -54.87 -12.17
N ASP E 154 -16.35 -54.33 -12.32
CA ASP E 154 -16.76 -53.71 -13.57
C ASP E 154 -16.20 -52.30 -13.62
N ARG E 155 -15.04 -52.13 -14.27
CA ARG E 155 -14.36 -50.84 -14.28
C ARG E 155 -15.21 -49.77 -14.93
N VAL E 156 -15.93 -50.13 -16.00
CA VAL E 156 -16.77 -49.15 -16.68
C VAL E 156 -17.85 -48.63 -15.75
N ALA E 157 -18.50 -49.53 -15.00
CA ALA E 157 -19.52 -49.12 -14.04
C ALA E 157 -18.93 -48.71 -12.70
N ASN E 158 -17.63 -48.88 -12.51
CA ASN E 158 -16.94 -48.45 -11.30
C ASN E 158 -15.66 -47.74 -11.73
N PRO E 159 -15.77 -46.56 -12.34
CA PRO E 159 -14.57 -45.90 -12.84
C PRO E 159 -13.54 -45.64 -11.77
N MET E 160 -14.01 -45.35 -10.55
CA MET E 160 -13.14 -44.97 -9.46
C MET E 160 -12.76 -46.15 -8.57
N LEU E 161 -12.91 -47.37 -9.07
CA LEU E 161 -12.70 -48.59 -8.29
C LEU E 161 -13.60 -48.60 -7.06
N GLN E 162 -14.85 -48.20 -7.23
CA GLN E 162 -15.80 -48.25 -6.13
C GLN E 162 -16.03 -49.68 -5.64
N ASP E 163 -15.63 -50.67 -6.43
CA ASP E 163 -16.03 -52.04 -6.21
C ASP E 163 -14.83 -52.99 -6.24
N VAL E 164 -13.77 -52.65 -5.50
CA VAL E 164 -12.61 -53.51 -5.40
C VAL E 164 -12.32 -53.93 -3.96
N ASN E 165 -12.41 -53.01 -3.01
CA ASN E 165 -12.13 -53.34 -1.63
C ASN E 165 -12.90 -52.38 -0.72
N LYS E 166 -12.72 -52.54 0.58
CA LYS E 166 -13.33 -51.67 1.57
C LYS E 166 -12.38 -50.50 1.83
N GLY E 167 -12.78 -49.32 1.40
CA GLY E 167 -11.98 -48.15 1.66
C GLY E 167 -12.06 -47.70 3.11
N TRP E 168 -11.07 -46.92 3.52
CA TRP E 168 -11.07 -46.36 4.86
C TRP E 168 -12.39 -45.66 5.15
N LEU E 169 -12.83 -44.84 4.22
CA LEU E 169 -14.13 -44.20 4.33
C LEU E 169 -15.23 -45.23 4.56
N GLN E 170 -15.18 -46.34 3.81
CA GLN E 170 -16.22 -47.35 3.96
C GLN E 170 -16.13 -48.03 5.31
N ASN E 171 -14.92 -48.32 5.79
CA ASN E 171 -14.79 -48.90 7.12
C ASN E 171 -15.38 -47.98 8.18
N LEU E 172 -15.07 -46.68 8.09
CA LEU E 172 -15.67 -45.76 9.05
C LEU E 172 -17.18 -45.67 8.89
N ARG E 173 -17.70 -45.89 7.69
CA ARG E 173 -19.15 -45.91 7.52
C ARG E 173 -19.77 -47.09 8.26
N GLU E 174 -19.03 -48.18 8.43
CA GLU E 174 -19.59 -49.39 9.02
C GLU E 174 -19.11 -49.70 10.43
N GLN E 175 -17.98 -49.17 10.85
CA GLN E 175 -17.51 -49.34 12.21
C GLN E 175 -17.83 -48.03 12.92
N ALA E 176 -18.88 -48.04 13.73
CA ALA E 176 -19.35 -46.86 14.43
C ALA E 176 -19.74 -45.77 13.45
N PRO E 177 -20.86 -45.90 12.73
CA PRO E 177 -21.31 -44.83 11.84
C PRO E 177 -21.72 -43.58 12.59
N GLN E 178 -21.57 -43.61 13.91
CA GLN E 178 -21.72 -42.43 14.74
C GLN E 178 -20.66 -41.38 14.47
N ARG E 179 -19.60 -41.74 13.76
CA ARG E 179 -18.51 -40.83 13.43
C ARG E 179 -18.71 -40.11 12.10
N VAL E 180 -19.85 -40.32 11.44
CA VAL E 180 -20.07 -39.80 10.10
C VAL E 180 -21.26 -38.86 10.12
N MET E 181 -21.05 -37.59 9.74
CA MET E 181 -22.15 -36.65 9.58
C MET E 181 -22.84 -36.90 8.25
N LYS E 182 -23.51 -38.04 8.16
CA LYS E 182 -24.23 -38.40 6.95
C LYS E 182 -25.28 -37.37 6.58
N GLU E 183 -25.86 -36.69 7.57
CA GLU E 183 -26.97 -35.78 7.34
C GLU E 183 -26.73 -34.49 8.09
N GLY E 184 -27.21 -33.39 7.52
CA GLY E 184 -27.08 -32.08 8.12
C GLY E 184 -28.26 -31.75 9.01
N LYS E 185 -28.39 -30.46 9.31
CA LYS E 185 -29.50 -29.94 10.10
C LYS E 185 -30.34 -29.07 9.17
N ALA E 186 -31.64 -29.36 9.09
CA ALA E 186 -32.57 -28.65 8.23
C ALA E 186 -32.12 -28.69 6.77
N ALA E 187 -31.92 -29.93 6.31
CA ALA E 187 -31.56 -30.19 4.92
C ALA E 187 -31.87 -31.65 4.61
N ALA E 188 -31.87 -31.99 3.33
CA ALA E 188 -32.15 -33.35 2.88
C ALA E 188 -30.90 -34.21 2.88
N GLY E 189 -30.27 -34.38 4.05
CA GLY E 189 -29.09 -35.21 4.14
C GLY E 189 -27.83 -34.60 3.55
N LYS E 190 -27.75 -33.28 3.48
CA LYS E 190 -26.60 -32.59 2.92
C LYS E 190 -26.00 -31.63 3.94
N ILE E 191 -24.68 -31.69 4.10
CA ILE E 191 -23.99 -30.82 5.04
C ILE E 191 -23.84 -29.48 4.34
N THR E 192 -24.84 -28.62 4.49
CA THR E 192 -24.76 -27.32 3.85
C THR E 192 -23.71 -26.46 4.55
N VAL E 193 -23.36 -25.35 3.90
CA VAL E 193 -22.48 -24.37 4.52
C VAL E 193 -23.27 -23.07 4.64
N GLY E 194 -22.62 -22.02 5.16
CA GLY E 194 -23.32 -20.80 5.51
C GLY E 194 -24.10 -20.18 4.36
N GLY E 195 -23.71 -20.47 3.12
CA GLY E 195 -24.43 -19.91 1.99
C GLY E 195 -25.86 -20.40 1.93
N ALA E 196 -26.06 -21.71 2.09
CA ALA E 196 -27.39 -22.31 2.01
C ALA E 196 -28.06 -22.17 3.36
N GLY E 197 -29.03 -21.25 3.46
CA GLY E 197 -29.68 -21.02 4.74
C GLY E 197 -28.67 -20.57 5.76
N ALA E 198 -28.57 -21.31 6.85
CA ALA E 198 -27.52 -21.06 7.84
C ALA E 198 -27.29 -22.37 8.60
N ASP E 199 -26.25 -23.10 8.21
CA ASP E 199 -25.91 -24.34 8.88
C ASP E 199 -24.41 -24.56 8.77
N TYR E 200 -23.77 -24.75 9.91
CA TYR E 200 -22.35 -25.08 10.01
C TYR E 200 -21.45 -24.02 9.38
N GLY E 201 -21.98 -22.84 9.08
CA GLY E 201 -21.18 -21.73 8.59
C GLY E 201 -20.24 -22.08 7.47
N ASN E 202 -18.99 -21.63 7.56
CA ASN E 202 -17.96 -22.05 6.61
C ASN E 202 -17.43 -23.43 7.01
N LEU E 203 -16.62 -24.01 6.13
CA LEU E 203 -16.06 -25.33 6.40
C LEU E 203 -15.24 -25.34 7.69
N ASP E 204 -14.67 -24.21 8.07
CA ASP E 204 -13.92 -24.17 9.31
C ASP E 204 -14.81 -24.52 10.50
N ALA E 205 -16.02 -24.00 10.53
CA ALA E 205 -16.95 -24.35 11.60
C ALA E 205 -17.30 -25.83 11.54
N LEU E 206 -17.50 -26.37 10.34
CA LEU E 206 -17.85 -27.77 10.22
C LEU E 206 -16.77 -28.66 10.80
N VAL E 207 -15.51 -28.40 10.45
CA VAL E 207 -14.44 -29.23 10.97
C VAL E 207 -14.22 -28.95 12.44
N TYR E 208 -14.44 -27.72 12.88
CA TYR E 208 -14.32 -27.46 14.31
C TYR E 208 -15.33 -28.28 15.09
N ASP E 209 -16.55 -28.39 14.57
CA ASP E 209 -17.54 -29.26 15.21
C ASP E 209 -17.12 -30.71 15.17
N ILE E 210 -16.58 -31.16 14.05
CA ILE E 210 -16.18 -32.56 13.93
C ILE E 210 -15.12 -32.90 14.96
N THR E 211 -14.21 -31.96 15.23
CA THR E 211 -13.11 -32.25 16.15
C THR E 211 -13.52 -32.08 17.60
N ASN E 212 -14.49 -31.24 17.90
CA ASN E 212 -14.94 -31.04 19.28
C ASN E 212 -16.15 -31.87 19.64
N HIS E 213 -16.72 -32.62 18.70
CA HIS E 213 -17.91 -33.40 19.00
C HIS E 213 -17.88 -34.83 18.49
N LEU E 214 -17.08 -35.17 17.49
CA LEU E 214 -16.93 -36.54 17.05
C LEU E 214 -15.58 -37.13 17.42
N VAL E 215 -14.50 -36.43 17.07
CA VAL E 215 -13.18 -36.86 17.50
C VAL E 215 -13.13 -36.83 19.02
N GLU E 216 -12.56 -37.87 19.61
CA GLU E 216 -12.54 -38.00 21.06
C GLU E 216 -11.69 -36.91 21.69
N PRO E 217 -12.00 -36.63 22.96
CA PRO E 217 -11.32 -35.56 23.67
C PRO E 217 -9.82 -35.77 23.68
N TRP E 218 -9.38 -36.96 24.09
CA TRP E 218 -7.97 -37.24 24.26
C TRP E 218 -7.22 -37.41 22.95
N TYR E 219 -7.87 -37.12 21.82
CA TYR E 219 -7.19 -37.14 20.53
C TYR E 219 -7.28 -35.83 19.79
N ALA E 220 -8.37 -35.06 19.94
CA ALA E 220 -8.53 -33.81 19.20
C ALA E 220 -7.42 -32.83 19.51
N GLU E 221 -6.76 -32.97 20.65
CA GLU E 221 -5.68 -32.09 21.02
C GLU E 221 -4.37 -32.44 20.33
N ASP E 222 -4.24 -33.66 19.80
CA ASP E 222 -2.97 -34.11 19.26
C ASP E 222 -2.58 -33.28 18.03
N PRO E 223 -1.33 -32.84 17.96
CA PRO E 223 -0.92 -32.01 16.81
C PRO E 223 -1.09 -32.72 15.47
N ASP E 224 -0.85 -34.03 15.44
CA ASP E 224 -0.83 -34.74 14.17
C ASP E 224 -2.20 -34.85 13.52
N LEU E 225 -3.27 -34.47 14.24
CA LEU E 225 -4.59 -34.53 13.66
C LEU E 225 -4.63 -33.64 12.42
N VAL E 226 -4.99 -34.23 11.29
CA VAL E 226 -5.05 -33.53 10.01
C VAL E 226 -6.40 -33.78 9.37
N VAL E 227 -6.76 -32.88 8.47
CA VAL E 227 -8.01 -32.95 7.74
C VAL E 227 -7.68 -33.42 6.33
N VAL E 228 -8.04 -34.65 6.02
CA VAL E 228 -7.87 -35.21 4.70
C VAL E 228 -9.05 -34.80 3.84
N CYS E 229 -8.77 -34.18 2.70
CA CYS E 229 -9.84 -33.75 1.82
C CYS E 229 -9.36 -33.70 0.38
N GLY E 230 -10.31 -33.75 -0.54
CA GLY E 230 -9.98 -33.69 -1.94
C GLY E 230 -9.60 -32.30 -2.38
N ARG E 231 -9.11 -32.22 -3.62
CA ARG E 231 -8.75 -30.93 -4.19
C ARG E 231 -9.92 -29.96 -4.10
N ASN E 232 -11.11 -30.42 -4.52
CA ASN E 232 -12.24 -29.52 -4.69
C ASN E 232 -12.72 -28.94 -3.37
N LEU E 233 -12.73 -29.73 -2.31
CA LEU E 233 -13.21 -29.22 -1.03
C LEU E 233 -12.32 -28.11 -0.52
N LEU E 234 -11.01 -28.32 -0.50
CA LEU E 234 -10.10 -27.28 -0.02
C LEU E 234 -10.13 -26.06 -0.93
N SER E 235 -10.19 -26.28 -2.25
CA SER E 235 -10.32 -25.16 -3.18
C SER E 235 -11.53 -24.31 -2.84
N ASP E 236 -12.69 -24.92 -2.69
CA ASP E 236 -13.89 -24.15 -2.42
C ASP E 236 -13.89 -23.53 -1.04
N LYS E 237 -13.10 -24.05 -0.10
CA LYS E 237 -12.97 -23.37 1.18
C LYS E 237 -12.29 -22.03 1.00
N TYR E 238 -11.14 -22.02 0.32
CA TYR E 238 -10.46 -20.76 0.11
C TYR E 238 -11.15 -19.88 -0.92
N PHE E 239 -12.11 -20.43 -1.67
CA PHE E 239 -12.70 -19.65 -2.76
C PHE E 239 -13.44 -18.42 -2.28
N PRO E 240 -14.32 -18.46 -1.28
CA PRO E 240 -14.99 -17.22 -0.86
C PRO E 240 -14.06 -16.18 -0.29
N LEU E 241 -12.84 -16.55 0.09
CA LEU E 241 -11.89 -15.55 0.54
C LEU E 241 -11.59 -14.53 -0.54
N VAL E 242 -11.44 -14.97 -1.77
CA VAL E 242 -11.12 -14.07 -2.88
C VAL E 242 -12.33 -13.73 -3.73
N ASN E 243 -13.38 -14.55 -3.74
CA ASN E 243 -14.54 -14.26 -4.57
C ASN E 243 -15.29 -13.04 -4.09
N ARG E 244 -15.42 -12.89 -2.78
CA ARG E 244 -16.14 -11.74 -2.24
C ARG E 244 -15.29 -10.49 -2.36
N ASP E 245 -15.94 -9.37 -2.69
CA ASP E 245 -15.25 -8.09 -2.79
C ASP E 245 -14.85 -7.62 -1.40
N ARG E 246 -13.57 -7.34 -1.21
CA ARG E 246 -13.07 -6.98 0.11
C ARG E 246 -12.03 -5.88 -0.01
N ASP E 247 -11.78 -5.22 1.12
CA ASP E 247 -10.79 -4.17 1.20
C ASP E 247 -9.39 -4.74 1.02
N PRO E 248 -8.44 -3.93 0.55
CA PRO E 248 -7.10 -4.44 0.26
C PRO E 248 -6.41 -5.10 1.45
N VAL E 249 -6.59 -4.58 2.67
CA VAL E 249 -6.01 -5.24 3.82
C VAL E 249 -6.54 -6.66 3.94
N GLN E 250 -7.85 -6.81 3.80
CA GLN E 250 -8.45 -8.14 3.84
C GLN E 250 -8.02 -8.99 2.66
N GLN E 251 -7.63 -8.38 1.53
CA GLN E 251 -7.10 -9.17 0.43
C GLN E 251 -5.72 -9.71 0.75
N ILE E 252 -4.88 -8.88 1.38
CA ILE E 252 -3.58 -9.38 1.86
C ILE E 252 -3.79 -10.47 2.90
N ALA E 253 -4.76 -10.28 3.78
CA ALA E 253 -5.06 -11.30 4.78
C ALA E 253 -5.52 -12.60 4.13
N ALA E 254 -6.37 -12.50 3.11
CA ALA E 254 -6.84 -13.71 2.43
C ALA E 254 -5.69 -14.41 1.72
N ASP E 255 -4.76 -13.64 1.15
CA ASP E 255 -3.55 -14.25 0.60
C ASP E 255 -2.81 -15.03 1.68
N LEU E 256 -2.64 -14.42 2.85
CA LEU E 256 -1.94 -15.11 3.94
C LEU E 256 -2.66 -16.39 4.34
N ILE E 257 -3.99 -16.35 4.44
CA ILE E 257 -4.72 -17.54 4.84
C ILE E 257 -4.57 -18.64 3.79
N ILE E 258 -4.69 -18.28 2.52
CA ILE E 258 -4.51 -19.28 1.46
C ILE E 258 -3.09 -19.82 1.47
N SER E 259 -2.12 -19.01 1.92
CA SER E 259 -0.76 -19.51 2.02
C SER E 259 -0.69 -20.77 2.89
N GLN E 260 -1.26 -20.72 4.08
CA GLN E 260 -1.28 -21.87 4.98
C GLN E 260 -2.55 -22.69 4.75
N LYS E 261 -2.37 -23.94 4.38
CA LYS E 261 -3.38 -24.86 3.89
C LYS E 261 -4.39 -25.28 4.95
N ARG E 262 -4.39 -24.70 6.16
CA ARG E 262 -5.18 -25.26 7.25
C ARG E 262 -6.67 -25.12 7.01
N ILE E 263 -7.43 -26.00 7.67
CA ILE E 263 -8.88 -25.94 7.74
C ILE E 263 -9.28 -25.87 9.20
N GLY E 264 -10.18 -24.96 9.53
CA GLY E 264 -10.49 -24.78 10.93
C GLY E 264 -9.24 -24.33 11.64
N ASN E 265 -8.64 -25.26 12.38
CA ASN E 265 -7.30 -25.05 12.90
C ASN E 265 -6.32 -26.08 12.34
N LEU E 266 -6.81 -27.26 12.01
CA LEU E 266 -5.95 -28.39 11.67
C LEU E 266 -5.24 -28.18 10.34
N PRO E 267 -4.03 -28.71 10.19
CA PRO E 267 -3.41 -28.78 8.86
C PRO E 267 -4.28 -29.61 7.94
N ALA E 268 -4.24 -29.29 6.66
CA ALA E 268 -5.01 -30.01 5.66
C ALA E 268 -4.08 -30.80 4.75
N ILE E 269 -4.53 -31.97 4.35
CA ILE E 269 -3.82 -32.83 3.42
C ILE E 269 -4.71 -33.01 2.21
N ARG E 270 -4.28 -32.47 1.08
CA ARG E 270 -4.98 -32.69 -0.16
C ARG E 270 -4.56 -34.04 -0.73
N VAL E 271 -5.54 -34.85 -1.10
CA VAL E 271 -5.27 -36.22 -1.50
C VAL E 271 -5.94 -36.53 -2.83
N PRO E 272 -5.21 -37.10 -3.79
CA PRO E 272 -5.85 -37.48 -5.05
C PRO E 272 -6.95 -38.50 -4.82
N TYR E 273 -8.02 -38.35 -5.60
CA TYR E 273 -9.09 -39.33 -5.73
C TYR E 273 -9.99 -39.41 -4.51
N PHE E 274 -9.88 -38.49 -3.58
CA PHE E 274 -10.84 -38.42 -2.48
C PHE E 274 -12.21 -38.04 -3.05
N PRO E 275 -13.29 -38.64 -2.57
CA PRO E 275 -14.62 -38.29 -3.10
C PRO E 275 -14.93 -36.83 -2.86
N ALA E 276 -15.62 -36.22 -3.81
CA ALA E 276 -16.02 -34.83 -3.67
C ALA E 276 -17.08 -34.72 -2.57
N ASN E 277 -17.15 -33.53 -1.98
CA ASN E 277 -18.11 -33.23 -0.93
C ASN E 277 -17.95 -34.16 0.27
N GLY E 278 -16.75 -34.67 0.46
CA GLY E 278 -16.45 -35.50 1.61
C GLY E 278 -15.23 -34.95 2.32
N LEU E 279 -15.10 -35.31 3.59
CA LEU E 279 -14.06 -34.72 4.43
C LEU E 279 -13.73 -35.68 5.56
N LEU E 280 -12.49 -36.16 5.59
CA LEU E 280 -12.03 -37.01 6.67
C LEU E 280 -11.21 -36.18 7.64
N VAL E 281 -11.32 -36.46 8.93
CA VAL E 281 -10.46 -35.89 9.95
C VAL E 281 -9.89 -37.03 10.76
N THR E 282 -8.57 -37.07 10.88
CA THR E 282 -7.91 -38.20 11.50
C THR E 282 -6.42 -37.88 11.60
N ARG E 283 -5.73 -38.67 12.40
CA ARG E 283 -4.29 -38.69 12.34
C ARG E 283 -3.89 -39.61 11.20
N LEU E 284 -2.89 -39.21 10.44
CA LEU E 284 -2.50 -40.03 9.29
C LEU E 284 -2.07 -41.41 9.73
N ASP E 285 -1.24 -41.50 10.77
CA ASP E 285 -0.81 -42.79 11.26
C ASP E 285 -1.97 -43.63 11.80
N ASN E 286 -3.13 -43.02 12.05
CA ASN E 286 -4.30 -43.83 12.37
C ASN E 286 -4.81 -44.59 11.16
N LEU E 287 -4.67 -44.01 9.96
CA LEU E 287 -4.94 -44.75 8.74
C LEU E 287 -3.83 -45.74 8.47
N SER E 288 -4.20 -46.93 7.99
CA SER E 288 -3.16 -47.91 7.69
C SER E 288 -3.72 -48.94 6.73
N ILE E 289 -2.80 -49.66 6.10
CA ILE E 289 -3.09 -50.76 5.21
C ILE E 289 -2.39 -52.00 5.75
N TYR E 290 -3.16 -53.06 5.92
CA TYR E 290 -2.62 -54.36 6.25
C TYR E 290 -2.45 -55.14 4.95
N TYR E 291 -1.22 -55.54 4.66
CA TYR E 291 -0.97 -56.44 3.55
C TYR E 291 -0.62 -57.80 4.12
N GLN E 292 -1.32 -58.83 3.66
CA GLN E 292 -1.06 -60.18 4.13
C GLN E 292 0.32 -60.60 3.68
N GLU E 293 1.23 -60.74 4.63
CA GLU E 293 2.60 -61.08 4.31
C GLU E 293 2.65 -62.38 3.53
N GLY E 294 3.44 -62.39 2.47
CA GLY E 294 3.52 -63.52 1.58
C GLY E 294 2.42 -63.60 0.54
N GLY E 295 1.47 -62.67 0.57
CA GLY E 295 0.42 -62.63 -0.42
C GLY E 295 0.76 -61.69 -1.56
N ARG E 296 2.02 -61.25 -1.58
CA ARG E 296 2.55 -60.44 -2.67
C ARG E 296 2.89 -61.37 -3.83
N ARG E 297 2.02 -61.42 -4.82
CA ARG E 297 2.13 -62.39 -5.89
C ARG E 297 2.55 -61.69 -7.18
N ARG E 298 3.75 -61.98 -7.64
CA ARG E 298 4.38 -61.30 -8.78
C ARG E 298 4.79 -62.37 -9.77
N THR E 299 4.12 -62.43 -10.92
CA THR E 299 4.39 -63.46 -11.92
C THR E 299 4.44 -62.86 -13.30
N ILE E 300 5.53 -63.08 -14.02
CA ILE E 300 5.71 -62.54 -15.37
C ILE E 300 5.97 -63.71 -16.30
N LEU E 301 5.17 -63.81 -17.37
CA LEU E 301 5.42 -64.82 -18.39
C LEU E 301 5.28 -64.24 -19.78
N ASP E 302 6.10 -64.77 -20.68
CA ASP E 302 6.02 -64.47 -22.11
C ASP E 302 4.93 -65.36 -22.69
N ASN E 303 3.68 -64.93 -22.55
CA ASN E 303 2.60 -65.74 -23.08
C ASN E 303 2.70 -65.67 -24.58
N ALA E 304 3.44 -66.62 -25.16
CA ALA E 304 3.70 -66.64 -26.59
C ALA E 304 2.58 -67.29 -27.37
N LYS E 305 1.66 -67.99 -26.71
CA LYS E 305 0.40 -68.31 -27.35
C LYS E 305 -0.31 -67.05 -27.82
N ARG E 306 -0.10 -65.94 -27.13
CA ARG E 306 -0.65 -64.65 -27.52
C ARG E 306 0.41 -63.63 -27.87
N ASP E 307 1.69 -63.97 -27.74
CA ASP E 307 2.80 -63.10 -28.13
C ASP E 307 2.82 -61.81 -27.32
N ARG E 308 2.55 -61.93 -26.02
CA ARG E 308 2.45 -60.75 -25.18
C ARG E 308 2.99 -61.08 -23.80
N ILE E 309 3.46 -60.04 -23.11
CA ILE E 309 3.99 -60.20 -21.76
C ILE E 309 2.86 -59.95 -20.77
N GLU E 310 2.54 -60.97 -19.98
CA GLU E 310 1.52 -60.85 -18.94
C GLU E 310 2.21 -60.71 -17.60
N ASN E 311 1.92 -59.62 -16.88
CA ASN E 311 2.49 -59.41 -15.56
C ASN E 311 1.34 -59.28 -14.59
N TYR E 312 1.34 -60.16 -13.60
CA TYR E 312 0.27 -60.31 -12.62
C TYR E 312 0.78 -59.88 -11.25
N GLU E 313 0.03 -58.99 -10.60
CA GLU E 313 0.35 -58.51 -9.26
C GLU E 313 -0.92 -58.60 -8.43
N SER E 314 -0.92 -59.55 -7.50
CA SER E 314 -2.00 -59.71 -6.55
C SER E 314 -1.53 -59.25 -5.18
N SER E 315 -2.39 -58.54 -4.46
CA SER E 315 -2.01 -58.02 -3.15
C SER E 315 -3.16 -58.23 -2.18
N ASN E 316 -2.90 -58.95 -1.11
CA ASN E 316 -3.92 -59.17 -0.08
C ASN E 316 -3.90 -57.96 0.85
N ASP E 317 -4.67 -56.95 0.47
CA ASP E 317 -4.74 -55.71 1.22
C ASP E 317 -6.07 -55.58 1.94
N ALA E 318 -6.02 -54.89 3.08
CA ALA E 318 -7.20 -54.47 3.82
C ALA E 318 -6.96 -53.07 4.32
N TYR E 319 -8.00 -52.25 4.37
CA TYR E 319 -7.88 -50.87 4.78
C TYR E 319 -8.57 -50.70 6.12
N VAL E 320 -7.82 -50.26 7.12
CA VAL E 320 -8.30 -50.26 8.49
C VAL E 320 -7.96 -48.94 9.16
N ILE E 321 -8.94 -48.36 9.83
CA ILE E 321 -8.66 -47.31 10.79
C ILE E 321 -8.20 -47.97 12.08
N GLU E 322 -6.99 -47.62 12.53
CA GLU E 322 -6.43 -48.31 13.69
C GLU E 322 -7.27 -48.08 14.94
N ASP E 323 -7.74 -46.85 15.13
CA ASP E 323 -8.57 -46.52 16.29
C ASP E 323 -9.58 -45.46 15.90
N LEU E 324 -10.85 -45.70 16.22
CA LEU E 324 -11.93 -44.82 15.79
C LEU E 324 -12.10 -43.58 16.66
N ALA E 325 -11.31 -43.44 17.72
CA ALA E 325 -11.41 -42.25 18.54
C ALA E 325 -10.95 -40.99 17.82
N CYS E 326 -10.23 -41.15 16.71
CA CYS E 326 -9.72 -40.01 15.96
C CYS E 326 -9.96 -40.21 14.47
N ALA E 327 -11.17 -40.59 14.11
CA ALA E 327 -11.53 -40.73 12.70
C ALA E 327 -12.99 -40.33 12.58
N ALA E 328 -13.23 -39.13 12.07
CA ALA E 328 -14.59 -38.67 11.83
C ALA E 328 -14.63 -38.08 10.44
N MET E 329 -15.83 -37.94 9.88
CA MET E 329 -15.91 -37.37 8.55
C MET E 329 -17.30 -36.83 8.27
N ALA E 330 -17.38 -36.04 7.22
CA ALA E 330 -18.61 -35.43 6.77
C ALA E 330 -18.80 -35.74 5.30
N GLU E 331 -20.05 -36.02 4.93
CA GLU E 331 -20.39 -36.40 3.57
C GLU E 331 -21.56 -35.53 3.10
N ASN E 332 -21.76 -35.51 1.78
CA ASN E 332 -22.81 -34.72 1.15
C ASN E 332 -22.70 -33.24 1.50
N ILE E 333 -21.46 -32.74 1.54
CA ILE E 333 -21.23 -31.35 1.92
C ILE E 333 -21.68 -30.42 0.80
N ALA E 334 -22.79 -29.72 1.01
CA ALA E 334 -23.27 -28.77 0.02
C ALA E 334 -22.53 -27.45 0.20
N LEU E 335 -21.60 -27.16 -0.72
CA LEU E 335 -20.76 -25.98 -0.63
C LEU E 335 -21.33 -24.78 -1.37
N ALA E 336 -22.66 -24.71 -1.48
CA ALA E 336 -23.28 -23.57 -2.15
C ALA E 336 -23.09 -22.31 -1.34
N ALA F 32 -25.00 -39.17 68.64
CA ALA F 32 -24.63 -37.84 69.12
C ALA F 32 -23.14 -37.55 68.93
N PRO F 33 -22.67 -37.46 67.67
CA PRO F 33 -21.23 -37.28 67.43
C PRO F 33 -20.83 -35.83 67.45
N SER F 34 -19.53 -35.56 67.36
CA SER F 34 -19.02 -34.19 67.40
C SER F 34 -18.01 -33.98 66.29
N VAL F 35 -17.95 -32.74 65.80
CA VAL F 35 -17.23 -32.42 64.57
C VAL F 35 -15.89 -31.77 64.89
N GLN F 36 -14.85 -32.24 64.24
CA GLN F 36 -13.51 -31.70 64.42
C GLN F 36 -13.39 -30.37 63.69
N GLN F 37 -12.91 -29.35 64.39
CA GLN F 37 -12.83 -28.00 63.85
C GLN F 37 -11.39 -27.53 63.73
N LYS F 38 -11.10 -26.86 62.62
CA LYS F 38 -9.78 -26.32 62.34
C LYS F 38 -9.92 -24.82 62.12
N LEU F 39 -9.01 -24.05 62.69
CA LEU F 39 -9.09 -22.60 62.68
C LEU F 39 -8.06 -22.04 61.73
N GLU F 40 -8.53 -21.43 60.65
CA GLU F 40 -7.69 -20.68 59.73
C GLU F 40 -8.25 -19.27 59.62
N THR F 41 -7.36 -18.28 59.58
CA THR F 41 -7.78 -16.90 59.59
C THR F 41 -8.31 -16.51 58.23
N LYS F 42 -9.56 -16.06 58.18
CA LYS F 42 -10.12 -15.54 56.95
C LYS F 42 -9.33 -14.31 56.53
N VAL F 43 -8.94 -14.26 55.26
CA VAL F 43 -8.05 -13.22 54.78
C VAL F 43 -8.87 -11.98 54.46
N GLN F 44 -8.32 -10.81 54.78
CA GLN F 44 -8.98 -9.55 54.53
C GLN F 44 -8.39 -8.88 53.29
N GLU F 45 -9.01 -7.77 52.89
CA GLU F 45 -8.52 -7.03 51.75
C GLU F 45 -7.08 -6.63 51.96
N SER F 46 -6.28 -6.74 50.91
CA SER F 46 -4.86 -6.44 51.03
C SER F 46 -4.65 -4.97 51.39
N SER F 47 -3.73 -4.72 52.30
CA SER F 47 -3.31 -3.37 52.64
C SER F 47 -1.86 -3.22 52.17
N ASP F 48 -1.73 -2.91 50.88
CA ASP F 48 -0.44 -2.64 50.28
C ASP F 48 -0.37 -1.28 49.61
N PHE F 49 -1.50 -0.76 49.14
CA PHE F 49 -1.62 0.67 48.88
C PHE F 49 -1.02 1.49 50.02
N LEU F 50 -1.21 1.04 51.25
CA LEU F 50 -0.75 1.77 52.42
C LEU F 50 0.78 1.76 52.53
N LYS F 51 1.46 0.87 51.81
CA LYS F 51 2.92 0.93 51.80
C LYS F 51 3.43 2.10 50.98
N SER F 52 2.59 2.69 50.12
CA SER F 52 2.97 3.82 49.30
C SER F 52 2.66 5.16 49.96
N ILE F 53 1.71 5.20 50.88
CA ILE F 53 1.43 6.42 51.62
C ILE F 53 2.66 6.81 52.42
N ASN F 54 2.83 8.11 52.63
CA ASN F 54 3.91 8.62 53.46
C ASN F 54 3.49 8.60 54.92
N PHE F 55 4.43 8.32 55.82
CA PHE F 55 4.20 8.36 57.26
C PHE F 55 5.20 9.31 57.90
N TYR F 56 4.74 10.47 58.35
CA TYR F 56 5.61 11.44 58.98
C TYR F 56 5.27 11.59 60.45
N GLY F 57 6.30 11.57 61.29
CA GLY F 57 6.17 11.72 62.72
C GLY F 57 6.19 13.15 63.19
N VAL F 58 5.10 13.87 62.98
CA VAL F 58 5.06 15.29 63.33
C VAL F 58 4.92 15.43 64.84
N PRO F 59 5.81 16.12 65.52
CA PRO F 59 5.70 16.32 66.96
C PRO F 59 4.82 17.49 67.38
N GLU F 60 3.61 17.54 66.82
CA GLU F 60 2.58 18.49 67.25
C GLU F 60 1.28 18.15 66.58
N GLN F 61 0.18 18.27 67.33
CA GLN F 61 -1.13 17.98 66.78
C GLN F 61 -1.45 18.85 65.57
N GLU F 62 -1.34 20.16 65.73
CA GLU F 62 -1.73 21.09 64.69
C GLU F 62 -0.50 21.50 63.90
N GLY F 63 -0.70 22.44 62.99
CA GLY F 63 0.41 22.97 62.22
C GLY F 63 0.00 23.26 60.79
N GLU F 64 0.86 24.03 60.13
CA GLU F 64 0.60 24.47 58.77
C GLU F 64 1.86 24.34 57.94
N LYS F 65 1.67 24.20 56.64
CA LYS F 65 2.72 24.41 55.66
C LYS F 65 2.25 25.50 54.72
N ILE F 66 3.08 26.51 54.51
CA ILE F 66 2.67 27.72 53.81
C ILE F 66 3.39 27.76 52.47
N GLY F 67 2.61 27.85 51.40
CA GLY F 67 3.16 27.94 50.07
C GLY F 67 3.45 29.40 49.72
N LEU F 68 4.67 29.62 49.23
CA LEU F 68 5.20 30.95 48.94
C LEU F 68 5.17 31.17 47.44
N GLY F 69 4.06 31.73 46.95
CA GLY F 69 3.91 32.02 45.54
C GLY F 69 4.06 33.49 45.24
N VAL F 70 3.78 33.82 43.98
CA VAL F 70 3.74 35.22 43.54
C VAL F 70 2.37 35.46 42.91
N SER F 71 1.89 36.69 43.03
CA SER F 71 0.53 37.01 42.61
C SER F 71 0.41 37.28 41.12
N GLY F 72 1.35 36.78 40.32
CA GLY F 72 1.26 36.88 38.89
C GLY F 72 2.38 37.69 38.28
N PRO F 73 2.08 38.40 37.20
CA PRO F 73 3.13 39.13 36.48
C PRO F 73 3.72 40.22 37.35
N VAL F 74 5.01 40.46 37.17
CA VAL F 74 5.70 41.47 37.95
C VAL F 74 6.36 42.50 37.06
N ALA F 75 6.70 42.11 35.83
CA ALA F 75 7.42 42.98 34.91
C ALA F 75 6.42 43.79 34.10
N SER F 76 6.66 45.09 34.03
CA SER F 76 5.80 45.98 33.26
C SER F 76 6.68 47.10 32.71
N THR F 77 6.04 48.14 32.17
CA THR F 77 6.78 49.27 31.62
C THR F 77 6.09 50.56 32.03
N THR F 78 6.90 51.58 32.27
CA THR F 78 6.38 52.89 32.63
C THR F 78 7.30 53.95 32.06
N ASP F 79 6.71 54.94 31.41
CA ASP F 79 7.47 56.09 30.91
C ASP F 79 7.66 57.06 32.07
N THR F 80 8.90 57.22 32.49
CA THR F 80 9.14 58.07 33.65
C THR F 80 9.20 59.52 33.30
N THR F 81 8.67 59.95 32.15
CA THR F 81 8.69 61.37 31.83
C THR F 81 7.87 62.16 32.85
N GLN F 82 6.61 61.76 33.08
CA GLN F 82 5.82 62.30 34.19
C GLN F 82 5.13 61.12 34.86
N GLN F 83 5.88 60.42 35.71
CA GLN F 83 5.39 59.27 36.45
C GLN F 83 6.54 58.72 37.29
N ASP F 84 6.26 57.76 38.15
CA ASP F 84 7.30 57.01 38.84
C ASP F 84 7.27 55.56 38.36
N ARG F 85 8.41 54.88 38.49
CA ARG F 85 8.42 53.44 38.30
C ARG F 85 7.81 52.78 39.52
N GLU F 86 6.50 52.97 39.66
CA GLU F 86 5.74 52.43 40.77
C GLU F 86 5.98 50.95 40.92
N THR F 87 6.64 50.57 42.01
CA THR F 87 6.98 49.19 42.27
C THR F 87 5.86 48.55 43.08
N SER F 88 5.47 47.34 42.70
CA SER F 88 4.36 46.64 43.31
C SER F 88 4.84 45.30 43.83
N ASP F 89 4.29 44.87 44.96
CA ASP F 89 4.63 43.57 45.53
C ASP F 89 3.56 42.56 45.12
N ILE F 90 4.02 41.37 44.74
CA ILE F 90 3.13 40.32 44.26
C ILE F 90 3.30 39.07 45.11
N SER F 91 4.41 39.01 45.85
CA SER F 91 4.68 37.86 46.70
C SER F 91 3.50 37.58 47.61
N THR F 92 2.90 36.42 47.43
CA THR F 92 1.79 35.98 48.24
C THR F 92 2.15 34.65 48.89
N MET F 93 1.42 34.29 49.94
CA MET F 93 1.68 33.04 50.61
C MET F 93 0.40 32.56 51.26
N ASP F 94 0.07 31.30 51.04
CA ASP F 94 -1.13 30.70 51.62
C ASP F 94 -0.80 29.31 52.14
N GLY F 95 -1.39 28.95 53.27
CA GLY F 95 -0.98 27.76 53.98
C GLY F 95 -2.09 26.78 54.19
N ARG F 96 -1.75 25.51 54.08
CA ARG F 96 -2.61 24.42 54.50
C ARG F 96 -2.36 24.12 55.98
N ARG F 97 -3.41 23.69 56.66
CA ARG F 97 -3.36 23.46 58.09
C ARG F 97 -3.61 21.98 58.34
N TYR F 98 -2.54 21.22 58.56
CA TYR F 98 -2.74 19.83 58.94
C TYR F 98 -3.23 19.80 60.38
N ARG F 99 -4.39 19.22 60.59
CA ARG F 99 -5.02 19.20 61.91
C ARG F 99 -5.14 17.75 62.35
N CYS F 100 -4.34 17.36 63.31
CA CYS F 100 -4.43 15.99 63.79
C CYS F 100 -5.56 15.86 64.80
N GLU F 101 -6.17 14.67 64.82
CA GLU F 101 -7.21 14.36 65.77
C GLU F 101 -7.03 12.94 66.27
N GLN F 102 -7.81 12.59 67.29
CA GLN F 102 -7.68 11.32 67.97
C GLN F 102 -8.68 10.33 67.39
N THR F 103 -8.17 9.21 66.89
CA THR F 103 -8.98 8.11 66.39
C THR F 103 -8.73 6.88 67.24
N ASN F 104 -9.80 6.23 67.69
CA ASN F 104 -9.69 5.14 68.65
C ASN F 104 -9.98 3.83 67.95
N SER F 105 -9.10 2.85 68.12
CA SER F 105 -9.36 1.47 67.73
C SER F 105 -9.55 0.66 69.00
N ASP F 106 -10.80 0.35 69.32
CA ASP F 106 -11.14 -0.26 70.59
C ASP F 106 -11.67 -1.66 70.37
N THR F 107 -11.02 -2.64 70.99
CA THR F 107 -11.46 -4.01 70.88
C THR F 107 -11.68 -4.57 72.27
N HIS F 108 -12.54 -5.57 72.36
CA HIS F 108 -12.80 -6.21 73.63
C HIS F 108 -13.22 -7.64 73.37
N ILE F 109 -12.59 -8.55 74.09
CA ILE F 109 -12.84 -9.98 73.96
C ILE F 109 -13.50 -10.43 75.25
N THR F 110 -14.76 -10.85 75.16
CA THR F 110 -15.45 -11.33 76.33
C THR F 110 -14.77 -12.59 76.84
N TYR F 111 -14.78 -12.78 78.15
CA TYR F 111 -14.21 -14.00 78.72
C TYR F 111 -14.91 -15.23 78.17
N GLN F 112 -16.21 -15.13 77.93
CA GLN F 112 -16.93 -16.26 77.35
C GLN F 112 -16.35 -16.66 76.00
N LYS F 113 -16.21 -15.68 75.10
CA LYS F 113 -15.65 -15.96 73.79
C LYS F 113 -14.18 -16.35 73.88
N LEU F 114 -13.45 -15.73 74.80
CA LEU F 114 -12.03 -16.07 74.94
C LEU F 114 -11.84 -17.47 75.44
N ASP F 115 -12.73 -17.96 76.31
CA ASP F 115 -12.54 -19.28 76.91
C ASP F 115 -13.26 -20.39 76.17
N ALA F 116 -14.37 -20.09 75.49
CA ALA F 116 -15.09 -21.15 74.80
C ALA F 116 -14.21 -21.82 73.76
N TRP F 117 -13.43 -21.04 73.01
CA TRP F 117 -12.52 -21.56 72.01
C TRP F 117 -11.09 -21.61 72.52
N ALA F 118 -10.91 -21.91 73.81
CA ALA F 118 -9.57 -22.03 74.34
C ALA F 118 -8.82 -23.25 73.82
N LYS F 119 -9.52 -24.19 73.18
CA LYS F 119 -8.83 -25.34 72.60
C LYS F 119 -7.91 -24.91 71.46
N PHE F 120 -8.12 -23.72 70.91
CA PHE F 120 -7.20 -23.16 69.93
C PHE F 120 -6.14 -22.38 70.69
N ALA F 121 -4.90 -22.89 70.66
CA ALA F 121 -3.83 -22.34 71.47
C ALA F 121 -3.43 -20.94 71.05
N ASP F 122 -3.98 -20.41 69.96
CA ASP F 122 -3.56 -19.10 69.46
C ASP F 122 -4.73 -18.24 69.04
N PHE F 123 -5.90 -18.44 69.65
CA PHE F 123 -7.06 -17.64 69.30
C PHE F 123 -6.79 -16.16 69.50
N GLN F 124 -6.13 -15.82 70.62
CA GLN F 124 -5.82 -14.42 70.91
C GLN F 124 -4.90 -13.83 69.83
N THR F 125 -3.86 -14.55 69.45
CA THR F 125 -2.92 -14.00 68.49
C THR F 125 -3.56 -13.79 67.14
N ARG F 126 -4.34 -14.76 66.67
CA ARG F 126 -4.97 -14.63 65.36
C ARG F 126 -5.93 -13.46 65.34
N ILE F 127 -6.72 -13.27 66.39
CA ILE F 127 -7.65 -12.16 66.36
C ILE F 127 -6.90 -10.83 66.47
N ARG F 128 -5.79 -10.80 67.23
CA ARG F 128 -5.00 -9.58 67.28
C ARG F 128 -4.44 -9.21 65.92
N ASP F 129 -3.92 -10.18 65.18
CA ASP F 129 -3.37 -9.85 63.86
C ASP F 129 -4.46 -9.39 62.91
N ALA F 130 -5.64 -10.01 62.98
CA ALA F 130 -6.75 -9.56 62.17
C ALA F 130 -7.14 -8.13 62.52
N ILE F 131 -7.09 -7.78 63.82
CA ILE F 131 -7.42 -6.42 64.22
C ILE F 131 -6.35 -5.44 63.75
N ILE F 132 -5.09 -5.85 63.75
CA ILE F 132 -4.03 -4.97 63.24
C ILE F 132 -4.24 -4.70 61.75
N LYS F 133 -4.56 -5.75 61.00
CA LYS F 133 -4.86 -5.55 59.58
C LYS F 133 -6.06 -4.65 59.41
N ARG F 134 -7.08 -4.81 60.25
CA ARG F 134 -8.23 -3.92 60.18
C ARG F 134 -7.85 -2.48 60.44
N GLN F 135 -6.90 -2.26 61.35
CA GLN F 135 -6.47 -0.90 61.64
C GLN F 135 -5.81 -0.26 60.44
N ALA F 136 -4.95 -1.02 59.75
CA ALA F 136 -4.36 -0.47 58.52
C ALA F 136 -5.43 -0.18 57.48
N LEU F 137 -6.35 -1.13 57.28
CA LEU F 137 -7.41 -0.92 56.31
C LEU F 137 -8.22 0.32 56.64
N ASP F 138 -8.44 0.61 57.92
CA ASP F 138 -9.26 1.76 58.25
C ASP F 138 -8.48 3.07 58.19
N ARG F 139 -7.17 3.04 58.35
CA ARG F 139 -6.34 4.18 57.96
C ARG F 139 -6.75 4.62 56.56
N ILE F 140 -6.59 3.73 55.59
CA ILE F 140 -6.95 4.06 54.21
C ILE F 140 -8.44 4.35 54.09
N MET F 141 -9.27 3.56 54.76
CA MET F 141 -10.71 3.67 54.64
C MET F 141 -11.20 5.03 55.08
N ILE F 142 -10.73 5.52 56.22
CA ILE F 142 -11.16 6.84 56.69
C ILE F 142 -10.47 7.93 55.88
N GLY F 143 -9.22 7.69 55.47
CA GLY F 143 -8.53 8.66 54.65
C GLY F 143 -9.22 8.95 53.34
N PHE F 144 -10.00 7.99 52.83
CA PHE F 144 -10.72 8.21 51.60
C PHE F 144 -12.20 8.48 51.80
N ASN F 145 -12.79 8.02 52.90
CA ASN F 145 -14.20 8.23 53.16
C ASN F 145 -14.48 9.35 54.14
N GLY F 146 -13.58 9.61 55.07
CA GLY F 146 -13.83 10.57 56.12
C GLY F 146 -14.22 11.93 55.61
N VAL F 147 -15.48 12.30 55.81
CA VAL F 147 -15.99 13.56 55.30
C VAL F 147 -15.98 14.66 56.34
N SER F 148 -15.96 14.33 57.63
CA SER F 148 -15.95 15.36 58.65
C SER F 148 -15.56 14.75 59.98
N ARG F 149 -14.58 15.36 60.63
CA ARG F 149 -14.26 15.00 62.00
C ARG F 149 -15.44 15.31 62.89
N ALA F 150 -15.96 14.31 63.56
CA ALA F 150 -17.15 14.46 64.38
C ALA F 150 -16.87 14.11 65.82
N ALA F 151 -17.64 14.70 66.73
CA ALA F 151 -17.47 14.42 68.15
C ALA F 151 -17.73 12.96 68.47
N THR F 152 -18.73 12.37 67.81
CA THR F 152 -19.06 10.96 68.00
C THR F 152 -19.11 10.26 66.66
N SER F 153 -18.51 9.08 66.58
CA SER F 153 -18.53 8.29 65.35
C SER F 153 -19.76 7.40 65.37
N ASP F 154 -20.88 7.95 64.92
CA ASP F 154 -22.15 7.25 64.88
C ASP F 154 -22.08 6.19 63.78
N ARG F 155 -21.50 5.04 64.12
CA ARG F 155 -21.25 4.02 63.13
C ARG F 155 -22.53 3.40 62.58
N VAL F 156 -23.64 3.49 63.31
CA VAL F 156 -24.91 3.04 62.75
C VAL F 156 -25.28 3.89 61.53
N ALA F 157 -25.10 5.19 61.62
CA ALA F 157 -25.36 6.09 60.50
C ALA F 157 -24.17 6.28 59.60
N ASN F 158 -22.99 5.78 59.96
CA ASN F 158 -21.77 5.95 59.19
C ASN F 158 -21.07 4.60 59.05
N PRO F 159 -21.64 3.68 58.29
CA PRO F 159 -21.01 2.36 58.15
C PRO F 159 -19.64 2.43 57.52
N MET F 160 -19.33 3.52 56.80
CA MET F 160 -18.04 3.69 56.16
C MET F 160 -17.09 4.56 56.98
N LEU F 161 -17.52 4.99 58.17
CA LEU F 161 -16.75 5.89 59.02
C LEU F 161 -16.52 7.25 58.37
N GLN F 162 -17.59 7.85 57.87
CA GLN F 162 -17.46 9.18 57.28
C GLN F 162 -17.20 10.25 58.33
N ASP F 163 -17.53 10.00 59.59
CA ASP F 163 -17.54 11.04 60.61
C ASP F 163 -16.42 10.85 61.63
N VAL F 164 -15.27 10.36 61.17
CA VAL F 164 -14.14 10.16 62.06
C VAL F 164 -13.01 11.14 61.79
N ASN F 165 -12.87 11.61 60.56
CA ASN F 165 -11.77 12.50 60.23
C ASN F 165 -12.16 13.26 58.95
N LYS F 166 -11.18 13.91 58.35
CA LYS F 166 -11.33 14.49 57.02
C LYS F 166 -10.17 13.93 56.20
N GLY F 167 -10.42 12.86 55.47
CA GLY F 167 -9.39 12.22 54.71
C GLY F 167 -8.89 13.11 53.59
N TRP F 168 -8.03 12.52 52.76
CA TRP F 168 -7.42 13.29 51.68
C TRP F 168 -8.49 13.86 50.76
N LEU F 169 -9.50 13.06 50.43
CA LEU F 169 -10.53 13.53 49.53
C LEU F 169 -11.34 14.66 50.15
N GLN F 170 -11.57 14.61 51.45
CA GLN F 170 -12.25 15.75 52.06
C GLN F 170 -11.39 16.99 52.01
N ASN F 171 -10.06 16.84 52.06
CA ASN F 171 -9.19 18.00 51.92
C ASN F 171 -9.39 18.67 50.57
N LEU F 172 -9.41 17.88 49.49
CA LEU F 172 -9.62 18.46 48.17
C LEU F 172 -11.00 19.06 48.04
N ARG F 173 -12.02 18.40 48.60
CA ARG F 173 -13.36 18.98 48.59
C ARG F 173 -13.39 20.28 49.36
N GLU F 174 -12.67 20.36 50.48
CA GLU F 174 -12.69 21.55 51.31
C GLU F 174 -11.58 22.51 50.96
N GLN F 175 -10.32 22.08 51.10
CA GLN F 175 -9.20 22.92 50.69
C GLN F 175 -9.09 22.88 49.18
N ALA F 176 -9.11 24.03 48.54
CA ALA F 176 -9.03 24.17 47.10
C ALA F 176 -10.14 23.39 46.39
N PRO F 177 -11.39 23.83 46.49
CA PRO F 177 -12.46 23.15 45.74
C PRO F 177 -12.42 23.39 44.24
N GLN F 178 -11.41 24.10 43.72
CA GLN F 178 -11.22 24.13 42.28
C GLN F 178 -10.45 22.91 41.79
N ARG F 179 -9.83 22.15 42.69
CA ARG F 179 -9.21 20.90 42.36
C ARG F 179 -10.18 19.74 42.34
N VAL F 180 -11.44 20.00 42.66
CA VAL F 180 -12.50 18.98 42.63
C VAL F 180 -13.63 19.50 41.77
N MET F 181 -14.05 18.71 40.80
CA MET F 181 -15.17 19.09 39.94
C MET F 181 -16.29 18.06 40.15
N LYS F 182 -17.19 18.40 41.08
CA LYS F 182 -18.29 17.53 41.46
C LYS F 182 -19.38 17.51 40.42
N GLU F 183 -19.40 18.49 39.53
CA GLU F 183 -20.39 18.59 38.47
C GLU F 183 -19.68 18.60 37.12
N GLY F 184 -20.23 17.86 36.17
CA GLY F 184 -19.68 17.78 34.84
C GLY F 184 -19.96 19.04 34.05
N LYS F 185 -20.18 18.87 32.76
CA LYS F 185 -20.49 20.01 31.90
C LYS F 185 -22.01 20.14 31.80
N ALA F 186 -22.59 20.97 32.67
CA ALA F 186 -24.02 21.28 32.67
C ALA F 186 -24.86 20.02 32.88
N ALA F 187 -24.72 19.45 34.08
CA ALA F 187 -25.51 18.30 34.49
C ALA F 187 -26.19 18.58 35.81
N ALA F 188 -26.82 17.57 36.41
CA ALA F 188 -27.58 17.74 37.65
C ALA F 188 -26.72 17.38 38.86
N GLY F 189 -25.71 18.23 39.10
CA GLY F 189 -24.82 18.02 40.22
C GLY F 189 -24.14 16.66 40.22
N LYS F 190 -23.71 16.21 39.06
CA LYS F 190 -23.11 14.89 38.89
C LYS F 190 -22.27 14.91 37.62
N ILE F 191 -21.77 13.75 37.23
CA ILE F 191 -21.03 13.58 35.99
C ILE F 191 -21.64 12.39 35.27
N THR F 192 -22.07 12.60 34.03
CA THR F 192 -22.60 11.51 33.24
C THR F 192 -21.48 10.91 32.40
N VAL F 193 -21.85 9.95 31.56
CA VAL F 193 -20.93 9.30 30.65
C VAL F 193 -21.63 9.15 29.30
N GLY F 194 -20.96 8.46 28.38
CA GLY F 194 -21.40 8.40 27.00
C GLY F 194 -22.68 7.65 26.73
N GLY F 195 -23.40 7.28 27.78
CA GLY F 195 -24.69 6.65 27.58
C GLY F 195 -25.67 7.59 26.87
N ALA F 196 -25.71 8.84 27.31
CA ALA F 196 -26.58 9.85 26.73
C ALA F 196 -25.75 11.05 26.32
N GLY F 197 -25.94 11.51 25.08
CA GLY F 197 -25.20 12.67 24.61
C GLY F 197 -23.72 12.40 24.58
N ALA F 198 -22.93 13.45 24.80
CA ALA F 198 -21.48 13.33 24.88
C ALA F 198 -21.01 14.23 26.03
N ASP F 199 -20.97 13.65 27.24
CA ASP F 199 -20.50 14.35 28.43
C ASP F 199 -19.40 13.50 29.05
N TYR F 200 -18.19 13.73 28.56
CA TYR F 200 -16.97 13.03 28.96
C TYR F 200 -16.98 11.56 28.56
N GLY F 201 -17.84 11.19 27.63
CA GLY F 201 -17.84 9.89 26.99
C GLY F 201 -17.53 8.72 27.92
N ASN F 202 -16.56 7.89 27.53
CA ASN F 202 -16.10 6.85 28.42
C ASN F 202 -15.21 7.44 29.52
N LEU F 203 -15.00 6.65 30.56
CA LEU F 203 -14.31 7.14 31.75
C LEU F 203 -12.91 7.65 31.43
N ASP F 204 -12.27 7.11 30.39
CA ASP F 204 -10.93 7.58 30.04
C ASP F 204 -10.95 9.03 29.58
N ALA F 205 -12.01 9.45 28.89
CA ALA F 205 -12.12 10.85 28.53
C ALA F 205 -12.22 11.73 29.76
N LEU F 206 -13.00 11.29 30.75
CA LEU F 206 -13.11 12.04 32.00
C LEU F 206 -11.76 12.14 32.69
N VAL F 207 -11.02 11.03 32.75
CA VAL F 207 -9.72 11.08 33.39
C VAL F 207 -8.79 12.02 32.66
N TYR F 208 -8.87 12.03 31.33
CA TYR F 208 -8.02 12.94 30.56
C TYR F 208 -8.35 14.40 30.85
N ASP F 209 -9.65 14.74 30.87
CA ASP F 209 -10.02 16.12 31.18
C ASP F 209 -9.59 16.51 32.58
N ILE F 210 -9.78 15.62 33.55
CA ILE F 210 -9.39 15.91 34.92
C ILE F 210 -7.90 16.15 35.01
N THR F 211 -7.12 15.33 34.32
CA THR F 211 -5.67 15.47 34.36
C THR F 211 -5.21 16.77 33.71
N ASN F 212 -5.80 17.15 32.59
CA ASN F 212 -5.27 18.24 31.79
C ASN F 212 -6.01 19.56 32.00
N HIS F 213 -6.94 19.63 32.94
CA HIS F 213 -7.63 20.88 33.19
C HIS F 213 -7.59 21.24 34.67
N LEU F 214 -7.50 20.25 35.53
CA LEU F 214 -7.50 20.47 36.97
C LEU F 214 -6.14 20.25 37.60
N VAL F 215 -5.47 19.15 37.28
CA VAL F 215 -4.11 18.94 37.74
C VAL F 215 -3.24 20.07 37.20
N GLU F 216 -2.24 20.46 37.99
CA GLU F 216 -1.33 21.51 37.57
C GLU F 216 -0.71 21.17 36.23
N PRO F 217 -0.64 22.16 35.35
CA PRO F 217 -0.24 21.91 33.97
C PRO F 217 1.19 21.39 33.89
N TRP F 218 2.01 21.67 34.89
CA TRP F 218 3.39 21.20 34.83
C TRP F 218 3.57 19.81 35.44
N TYR F 219 2.70 19.40 36.35
CA TYR F 219 2.68 18.04 36.87
C TYR F 219 1.77 17.11 36.10
N ALA F 220 1.08 17.61 35.07
CA ALA F 220 0.15 16.76 34.33
C ALA F 220 0.85 15.59 33.64
N GLU F 221 2.17 15.66 33.48
CA GLU F 221 2.91 14.59 32.83
C GLU F 221 3.98 13.98 33.73
N ASP F 222 3.83 14.05 35.03
CA ASP F 222 4.73 13.33 35.90
C ASP F 222 4.47 11.85 35.69
N PRO F 223 5.46 11.05 35.31
CA PRO F 223 5.19 9.63 35.00
C PRO F 223 4.58 8.87 36.16
N ASP F 224 4.77 9.32 37.39
CA ASP F 224 4.18 8.68 38.54
C ASP F 224 2.77 9.18 38.85
N LEU F 225 2.22 10.05 38.01
CA LEU F 225 0.85 10.47 38.22
C LEU F 225 -0.07 9.29 37.99
N VAL F 226 -0.61 8.74 39.07
CA VAL F 226 -1.47 7.57 38.99
C VAL F 226 -2.88 7.96 39.33
N VAL F 227 -3.83 7.21 38.78
CA VAL F 227 -5.25 7.45 39.00
C VAL F 227 -5.70 6.48 40.08
N VAL F 228 -6.08 7.01 41.22
CA VAL F 228 -6.56 6.22 42.34
C VAL F 228 -8.08 6.12 42.22
N CYS F 229 -8.58 4.90 42.08
CA CYS F 229 -10.01 4.68 42.00
C CYS F 229 -10.32 3.27 42.49
N GLY F 230 -11.55 3.08 42.95
CA GLY F 230 -11.93 1.80 43.49
C GLY F 230 -11.92 0.71 42.45
N ARG F 231 -11.67 -0.52 42.92
CA ARG F 231 -11.62 -1.67 42.02
C ARG F 231 -12.90 -1.78 41.21
N ASN F 232 -14.05 -1.58 41.85
CA ASN F 232 -15.33 -1.73 41.17
C ASN F 232 -15.47 -0.76 40.01
N LEU F 233 -14.91 0.44 40.13
CA LEU F 233 -15.05 1.41 39.04
C LEU F 233 -14.29 0.96 37.80
N LEU F 234 -13.05 0.48 37.98
CA LEU F 234 -12.30 -0.03 36.84
C LEU F 234 -13.03 -1.20 36.20
N SER F 235 -13.61 -2.08 37.01
CA SER F 235 -14.36 -3.20 36.45
C SER F 235 -15.49 -2.72 35.56
N ASP F 236 -16.23 -1.71 36.02
CA ASP F 236 -17.38 -1.22 35.26
C ASP F 236 -16.98 -0.44 34.02
N LYS F 237 -15.75 0.09 33.97
CA LYS F 237 -15.34 0.76 32.74
C LYS F 237 -14.73 -0.22 31.74
N TYR F 238 -14.07 -1.27 32.21
CA TYR F 238 -13.53 -2.26 31.31
C TYR F 238 -14.57 -3.29 30.90
N PHE F 239 -15.75 -3.26 31.52
CA PHE F 239 -16.80 -4.20 31.13
C PHE F 239 -17.23 -4.03 29.68
N PRO F 240 -17.51 -2.81 29.19
CA PRO F 240 -17.93 -2.71 27.78
C PRO F 240 -16.95 -3.29 26.79
N LEU F 241 -15.67 -3.34 27.13
CA LEU F 241 -14.70 -3.91 26.20
C LEU F 241 -15.00 -5.36 25.86
N VAL F 242 -15.72 -6.07 26.72
CA VAL F 242 -16.04 -7.47 26.47
C VAL F 242 -17.53 -7.73 26.32
N ASN F 243 -18.38 -6.73 26.49
CA ASN F 243 -19.81 -6.98 26.50
C ASN F 243 -20.49 -6.67 25.18
N ARG F 244 -20.00 -5.69 24.43
CA ARG F 244 -20.74 -5.20 23.28
C ARG F 244 -20.49 -6.01 22.01
N ASP F 245 -20.00 -7.24 22.13
CA ASP F 245 -19.90 -8.18 21.01
C ASP F 245 -19.07 -7.59 19.87
N ARG F 246 -17.79 -7.36 20.17
CA ARG F 246 -16.87 -6.80 19.19
C ARG F 246 -16.19 -7.92 18.41
N ASP F 247 -15.61 -7.54 17.28
CA ASP F 247 -15.00 -8.50 16.37
C ASP F 247 -13.76 -9.13 17.01
N PRO F 248 -13.38 -10.34 16.56
CA PRO F 248 -12.29 -11.07 17.24
C PRO F 248 -10.99 -10.31 17.37
N VAL F 249 -10.58 -9.56 16.34
CA VAL F 249 -9.36 -8.78 16.48
C VAL F 249 -9.55 -7.68 17.51
N GLN F 250 -10.76 -7.10 17.56
CA GLN F 250 -11.05 -6.17 18.63
C GLN F 250 -11.07 -6.87 19.98
N GLN F 251 -11.38 -8.17 20.00
CA GLN F 251 -11.35 -8.90 21.26
C GLN F 251 -9.94 -9.04 21.80
N ILE F 252 -8.98 -9.39 20.93
CA ILE F 252 -7.61 -9.50 21.41
C ILE F 252 -7.09 -8.14 21.84
N ALA F 253 -7.48 -7.08 21.13
CA ALA F 253 -7.11 -5.73 21.57
C ALA F 253 -7.71 -5.42 22.94
N ALA F 254 -8.96 -5.82 23.16
CA ALA F 254 -9.61 -5.58 24.43
C ALA F 254 -8.87 -6.29 25.56
N ASP F 255 -8.47 -7.54 25.32
CA ASP F 255 -7.70 -8.27 26.33
C ASP F 255 -6.41 -7.55 26.65
N LEU F 256 -5.75 -7.02 25.62
CA LEU F 256 -4.51 -6.27 25.85
C LEU F 256 -4.75 -5.06 26.74
N ILE F 257 -5.83 -4.33 26.48
CA ILE F 257 -6.15 -3.16 27.31
C ILE F 257 -6.45 -3.58 28.73
N ILE F 258 -7.26 -4.62 28.91
CA ILE F 258 -7.58 -5.05 30.26
C ILE F 258 -6.32 -5.49 30.98
N SER F 259 -5.34 -6.01 30.24
CA SER F 259 -4.05 -6.33 30.85
C SER F 259 -3.36 -5.08 31.39
N GLN F 260 -3.41 -3.98 30.64
CA GLN F 260 -2.89 -2.71 31.12
C GLN F 260 -3.88 -2.10 32.09
N LYS F 261 -3.52 -2.04 33.37
CA LYS F 261 -4.38 -1.34 34.32
C LYS F 261 -4.47 0.14 34.03
N ARG F 262 -3.73 0.64 33.05
CA ARG F 262 -3.70 2.08 32.78
C ARG F 262 -5.06 2.58 32.37
N ILE F 263 -5.47 3.68 32.98
CA ILE F 263 -6.73 4.34 32.70
C ILE F 263 -6.43 5.70 32.10
N GLY F 264 -7.35 6.20 31.28
CA GLY F 264 -7.06 7.42 30.57
C GLY F 264 -5.81 7.19 29.77
N ASN F 265 -4.71 7.75 30.24
CA ASN F 265 -3.38 7.33 29.82
C ASN F 265 -2.48 7.07 31.02
N LEU F 266 -3.06 6.90 32.21
CA LEU F 266 -2.34 6.88 33.48
C LEU F 266 -2.53 5.55 34.19
N PRO F 267 -1.52 5.04 34.87
CA PRO F 267 -1.70 3.83 35.67
C PRO F 267 -2.80 4.03 36.70
N ALA F 268 -3.60 2.99 36.90
CA ALA F 268 -4.71 3.04 37.83
C ALA F 268 -4.38 2.19 39.04
N ILE F 269 -4.60 2.76 40.22
CA ILE F 269 -4.33 2.07 41.48
C ILE F 269 -5.64 1.57 42.04
N ARG F 270 -5.82 0.25 42.06
CA ARG F 270 -7.00 -0.37 42.64
C ARG F 270 -6.84 -0.27 44.15
N VAL F 271 -7.78 0.42 44.80
CA VAL F 271 -7.69 0.63 46.24
C VAL F 271 -9.00 0.24 46.89
N PRO F 272 -8.98 -0.50 48.01
CA PRO F 272 -10.22 -0.90 48.65
C PRO F 272 -10.91 0.28 49.32
N TYR F 273 -12.22 0.13 49.50
CA TYR F 273 -13.04 1.05 50.27
C TYR F 273 -13.12 2.44 49.67
N PHE F 274 -12.65 2.60 48.43
CA PHE F 274 -12.76 3.88 47.76
C PHE F 274 -14.23 4.24 47.53
N PRO F 275 -14.56 5.53 47.52
CA PRO F 275 -15.96 5.91 47.32
C PRO F 275 -16.48 5.40 45.99
N ALA F 276 -17.75 5.01 45.98
CA ALA F 276 -18.39 4.68 44.73
C ALA F 276 -18.54 5.94 43.89
N ASN F 277 -18.42 5.78 42.58
CA ASN F 277 -18.57 6.89 41.65
C ASN F 277 -17.65 8.05 42.01
N GLY F 278 -16.39 7.72 42.26
CA GLY F 278 -15.38 8.73 42.53
C GLY F 278 -14.08 8.31 41.88
N LEU F 279 -13.20 9.28 41.71
CA LEU F 279 -11.94 9.03 41.01
C LEU F 279 -10.93 10.10 41.40
N LEU F 280 -9.88 9.70 42.09
CA LEU F 280 -8.82 10.62 42.48
C LEU F 280 -7.67 10.45 41.50
N VAL F 281 -6.92 11.51 41.26
CA VAL F 281 -5.67 11.41 40.51
C VAL F 281 -4.62 12.24 41.24
N THR F 282 -3.49 11.61 41.53
CA THR F 282 -2.37 12.24 42.23
C THR F 282 -1.22 11.26 42.28
N ARG F 283 -0.01 11.80 42.25
CA ARG F 283 1.15 10.97 42.55
C ARG F 283 1.04 10.51 43.99
N LEU F 284 1.32 9.23 44.22
CA LEU F 284 1.06 8.65 45.53
C LEU F 284 2.02 9.14 46.59
N ASP F 285 2.85 10.12 46.29
CA ASP F 285 3.64 10.75 47.33
C ASP F 285 3.07 12.10 47.77
N ASN F 286 2.00 12.58 47.14
CA ASN F 286 1.22 13.65 47.75
C ASN F 286 0.61 13.19 49.06
N LEU F 287 0.14 11.94 49.10
CA LEU F 287 -0.70 11.48 50.18
C LEU F 287 0.16 11.10 51.38
N SER F 288 0.02 11.84 52.46
CA SER F 288 0.80 11.63 53.65
C SER F 288 -0.14 11.49 54.84
N ILE F 289 0.26 10.66 55.78
CA ILE F 289 -0.40 10.56 57.07
C ILE F 289 0.57 11.09 58.10
N TYR F 290 0.24 12.23 58.68
CA TYR F 290 1.04 12.78 59.75
C TYR F 290 0.51 12.19 61.04
N TYR F 291 1.23 11.23 61.60
CA TYR F 291 0.90 10.71 62.90
C TYR F 291 1.76 11.43 63.92
N GLN F 292 1.20 11.66 65.10
CA GLN F 292 1.95 12.37 66.12
C GLN F 292 2.85 11.40 66.86
N GLU F 293 4.14 11.72 66.94
CA GLU F 293 5.04 10.92 67.75
C GLU F 293 4.56 10.94 69.20
N GLY F 294 4.56 9.77 69.83
CA GLY F 294 4.05 9.66 71.17
C GLY F 294 2.55 9.76 71.28
N GLY F 295 1.85 9.90 70.17
CA GLY F 295 0.40 9.91 70.13
C GLY F 295 -0.22 8.55 69.97
N ARG F 296 0.56 7.48 70.04
CA ARG F 296 0.06 6.12 69.89
C ARG F 296 -0.18 5.56 71.29
N ARG F 297 -1.45 5.51 71.69
CA ARG F 297 -1.84 5.12 73.04
C ARG F 297 -2.22 3.65 73.02
N ARG F 298 -1.38 2.82 73.62
CA ARG F 298 -1.53 1.37 73.62
C ARG F 298 -1.88 0.93 75.04
N THR F 299 -3.17 0.93 75.34
CA THR F 299 -3.64 0.66 76.70
C THR F 299 -4.29 -0.72 76.73
N ILE F 300 -3.61 -1.66 77.38
CA ILE F 300 -4.14 -3.00 77.55
C ILE F 300 -4.89 -3.03 78.88
N LEU F 301 -6.21 -2.94 78.82
CA LEU F 301 -7.03 -2.85 80.01
C LEU F 301 -7.64 -4.22 80.27
N ASP F 302 -7.12 -4.93 81.26
CA ASP F 302 -7.65 -6.25 81.62
C ASP F 302 -8.90 -6.10 82.47
N ASN F 303 -9.90 -5.46 81.87
CA ASN F 303 -11.15 -5.18 82.56
C ASN F 303 -11.78 -6.47 83.05
N ALA F 304 -12.13 -6.50 84.33
CA ALA F 304 -12.89 -7.59 84.89
C ALA F 304 -14.28 -7.16 85.33
N LYS F 305 -14.54 -5.85 85.41
CA LYS F 305 -15.89 -5.40 85.71
C LYS F 305 -16.90 -5.98 84.74
N ARG F 306 -16.65 -5.80 83.45
CA ARG F 306 -17.51 -6.34 82.41
C ARG F 306 -17.06 -7.70 81.93
N ASP F 307 -16.00 -8.24 82.54
CA ASP F 307 -15.43 -9.52 82.13
C ASP F 307 -15.07 -9.51 80.65
N ARG F 308 -14.23 -8.56 80.28
CA ARG F 308 -13.83 -8.38 78.89
C ARG F 308 -12.38 -7.94 78.86
N ILE F 309 -11.51 -8.70 78.22
CA ILE F 309 -10.15 -8.22 78.05
C ILE F 309 -10.17 -7.15 76.95
N GLU F 310 -9.77 -5.94 77.29
CA GLU F 310 -9.90 -4.79 76.42
C GLU F 310 -8.54 -4.30 75.96
N ASN F 311 -8.52 -3.72 74.77
CA ASN F 311 -7.28 -3.21 74.21
C ASN F 311 -7.61 -1.94 73.46
N TYR F 312 -6.98 -0.82 73.83
CA TYR F 312 -7.20 0.47 73.22
C TYR F 312 -5.97 0.86 72.42
N GLU F 313 -6.15 1.17 71.14
CA GLU F 313 -5.09 1.70 70.30
C GLU F 313 -5.61 3.05 69.82
N SER F 314 -5.27 4.09 70.55
CA SER F 314 -5.78 5.42 70.25
C SER F 314 -4.66 6.28 69.68
N SER F 315 -4.78 6.63 68.40
CA SER F 315 -3.70 7.25 67.66
C SER F 315 -4.11 8.65 67.22
N ASN F 316 -3.17 9.57 67.28
CA ASN F 316 -3.36 10.94 66.82
C ASN F 316 -2.73 11.08 65.45
N ASP F 317 -3.53 11.48 64.46
CA ASP F 317 -3.05 11.51 63.08
C ASP F 317 -3.85 12.51 62.27
N ALA F 318 -3.34 12.79 61.08
CA ALA F 318 -4.01 13.66 60.12
C ALA F 318 -3.71 13.17 58.72
N TYR F 319 -4.63 13.45 57.80
CA TYR F 319 -4.52 13.05 56.41
C TYR F 319 -4.22 14.30 55.58
N VAL F 320 -3.04 14.34 54.97
CA VAL F 320 -2.55 15.55 54.35
C VAL F 320 -2.14 15.25 52.91
N ILE F 321 -2.62 16.07 51.99
CA ILE F 321 -2.11 16.05 50.63
C ILE F 321 -0.99 17.08 50.55
N GLU F 322 0.16 16.64 50.04
CA GLU F 322 1.32 17.53 50.04
C GLU F 322 1.08 18.76 49.18
N ASP F 323 0.68 18.56 47.93
CA ASP F 323 0.46 19.65 47.00
C ASP F 323 -0.97 19.55 46.48
N LEU F 324 -1.80 20.52 46.82
CA LEU F 324 -3.14 20.51 46.27
C LEU F 324 -3.13 20.72 44.76
N ALA F 325 -2.05 21.26 44.21
CA ALA F 325 -1.97 21.43 42.77
C ALA F 325 -1.83 20.10 42.05
N CYS F 326 -1.41 19.06 42.75
CA CYS F 326 -1.10 17.80 42.10
C CYS F 326 -2.08 16.71 42.50
N ALA F 327 -3.35 17.06 42.58
CA ALA F 327 -4.38 16.09 42.96
C ALA F 327 -5.72 16.63 42.53
N ALA F 328 -6.45 15.85 41.75
CA ALA F 328 -7.76 16.27 41.30
C ALA F 328 -8.76 15.14 41.49
N MET F 329 -9.93 15.48 42.00
CA MET F 329 -10.94 14.51 42.35
C MET F 329 -12.19 14.74 41.51
N ALA F 330 -12.67 13.69 40.86
CA ALA F 330 -13.89 13.73 40.07
C ALA F 330 -14.89 12.84 40.78
N GLU F 331 -15.97 13.44 41.25
CA GLU F 331 -16.94 12.75 42.08
C GLU F 331 -18.29 12.70 41.38
N ASN F 332 -19.18 11.88 41.93
CA ASN F 332 -20.56 11.80 41.47
C ASN F 332 -20.65 11.26 40.04
N ILE F 333 -19.76 10.33 39.70
CA ILE F 333 -19.77 9.75 38.36
C ILE F 333 -21.03 8.93 38.16
N ALA F 334 -21.69 9.13 37.01
CA ALA F 334 -22.92 8.41 36.73
C ALA F 334 -22.67 7.29 35.74
N LEU F 335 -21.54 6.61 35.90
CA LEU F 335 -21.18 5.49 35.03
C LEU F 335 -22.23 4.39 35.01
N VAL G 31 -16.05 -74.49 6.88
CA VAL G 31 -14.97 -74.27 7.84
C VAL G 31 -14.20 -73.01 7.49
N ALA G 32 -14.34 -71.99 8.31
CA ALA G 32 -13.65 -70.76 8.08
C ALA G 32 -12.47 -70.62 9.04
N PRO G 33 -11.41 -69.94 8.63
CA PRO G 33 -10.28 -69.74 9.54
C PRO G 33 -10.70 -68.96 10.77
N SER G 34 -10.01 -69.24 11.88
CA SER G 34 -10.24 -68.49 13.11
C SER G 34 -9.78 -67.06 12.95
N VAL G 35 -10.69 -66.12 13.17
CA VAL G 35 -10.37 -64.70 13.08
C VAL G 35 -9.40 -64.36 14.20
N GLN G 36 -8.15 -64.08 13.84
CA GLN G 36 -7.15 -63.68 14.82
C GLN G 36 -7.65 -62.46 15.60
N GLN G 37 -7.50 -62.52 16.91
CA GLN G 37 -7.97 -61.45 17.78
C GLN G 37 -6.88 -61.01 18.75
N LYS G 38 -6.73 -59.70 18.89
CA LYS G 38 -5.78 -59.10 19.81
C LYS G 38 -6.52 -58.08 20.65
N LEU G 39 -6.06 -57.89 21.88
CA LEU G 39 -6.80 -57.11 22.87
C LEU G 39 -6.08 -55.79 23.12
N GLU G 40 -6.69 -54.69 22.71
CA GLU G 40 -6.20 -53.36 23.01
C GLU G 40 -7.26 -52.64 23.83
N THR G 41 -6.85 -52.08 24.97
CA THR G 41 -7.80 -51.37 25.81
C THR G 41 -8.27 -50.10 25.14
N LYS G 42 -9.59 -49.89 25.10
CA LYS G 42 -10.10 -48.61 24.64
C LYS G 42 -9.68 -47.54 25.63
N VAL G 43 -9.11 -46.45 25.12
CA VAL G 43 -8.43 -45.50 25.99
C VAL G 43 -9.45 -44.68 26.74
N GLN G 44 -9.38 -44.70 28.06
CA GLN G 44 -10.22 -43.85 28.87
C GLN G 44 -9.80 -42.40 28.72
N GLU G 45 -10.73 -41.49 29.01
CA GLU G 45 -10.40 -40.08 28.98
C GLU G 45 -9.29 -39.80 29.98
N SER G 46 -8.42 -38.84 29.64
CA SER G 46 -7.15 -38.67 30.34
C SER G 46 -7.34 -38.50 31.83
N SER G 47 -8.22 -37.58 32.23
CA SER G 47 -8.43 -37.26 33.64
C SER G 47 -7.13 -36.89 34.33
N ASP G 48 -6.30 -36.10 33.64
CA ASP G 48 -5.13 -35.52 34.28
C ASP G 48 -5.52 -34.50 35.34
N PHE G 49 -6.78 -34.08 35.30
CA PHE G 49 -7.29 -33.01 36.14
C PHE G 49 -7.02 -33.27 37.61
N LEU G 50 -7.10 -34.53 38.05
CA LEU G 50 -6.94 -34.85 39.46
C LEU G 50 -5.52 -34.65 39.96
N LYS G 51 -4.53 -34.63 39.07
CA LYS G 51 -3.16 -34.44 39.55
C LYS G 51 -2.95 -33.05 40.11
N SER G 52 -3.89 -32.14 39.85
CA SER G 52 -3.84 -30.80 40.43
C SER G 52 -4.74 -30.64 41.64
N ILE G 53 -5.87 -31.36 41.68
CA ILE G 53 -6.76 -31.29 42.83
C ILE G 53 -6.07 -31.85 44.06
N ASN G 54 -6.39 -31.29 45.22
CA ASN G 54 -5.75 -31.72 46.45
C ASN G 54 -6.40 -32.99 47.00
N PHE G 55 -5.57 -33.88 47.55
CA PHE G 55 -6.03 -35.07 48.26
C PHE G 55 -5.47 -35.05 49.68
N TYR G 56 -6.33 -35.32 50.66
CA TYR G 56 -5.92 -35.50 52.03
C TYR G 56 -6.65 -36.69 52.63
N GLY G 57 -5.96 -37.37 53.54
CA GLY G 57 -6.53 -38.42 54.33
C GLY G 57 -7.05 -37.93 55.67
N VAL G 58 -8.19 -37.26 55.67
CA VAL G 58 -8.75 -36.80 56.94
C VAL G 58 -9.20 -38.03 57.71
N PRO G 59 -8.69 -38.27 58.90
CA PRO G 59 -9.06 -39.47 59.67
C PRO G 59 -10.36 -39.31 60.47
N GLU G 60 -11.39 -38.79 59.81
CA GLU G 60 -12.66 -38.56 60.48
C GLU G 60 -13.72 -38.24 59.45
N GLN G 61 -14.90 -38.86 59.60
CA GLN G 61 -15.96 -38.67 58.62
C GLN G 61 -16.47 -37.23 58.61
N GLU G 62 -16.32 -36.51 59.71
CA GLU G 62 -16.81 -35.15 59.81
C GLU G 62 -15.66 -34.16 59.69
N GLY G 63 -16.01 -32.89 59.69
CA GLY G 63 -15.00 -31.85 59.61
C GLY G 63 -15.67 -30.51 59.41
N GLU G 64 -15.06 -29.49 60.03
CA GLU G 64 -15.58 -28.14 59.92
C GLU G 64 -14.41 -27.18 59.98
N LYS G 65 -14.32 -26.31 58.99
CA LYS G 65 -13.28 -25.29 58.94
C LYS G 65 -13.84 -23.99 59.52
N ILE G 66 -13.12 -23.41 60.46
CA ILE G 66 -13.54 -22.18 61.14
C ILE G 66 -12.82 -21.01 60.49
N GLY G 67 -13.57 -20.21 59.74
CA GLY G 67 -13.04 -18.99 59.17
C GLY G 67 -13.12 -17.86 60.17
N LEU G 68 -11.97 -17.27 60.47
CA LEU G 68 -11.86 -16.22 61.48
C LEU G 68 -11.64 -14.88 60.79
N GLY G 69 -12.48 -13.89 61.11
CA GLY G 69 -12.34 -12.59 60.51
C GLY G 69 -12.92 -11.53 61.43
N VAL G 70 -13.19 -10.37 60.83
CA VAL G 70 -13.80 -9.26 61.55
C VAL G 70 -15.04 -8.81 60.81
N SER G 71 -16.00 -8.31 61.59
CA SER G 71 -17.28 -7.88 61.02
C SER G 71 -17.09 -6.70 60.08
N GLY G 72 -16.25 -5.74 60.45
CA GLY G 72 -16.06 -4.56 59.64
C GLY G 72 -15.20 -3.51 60.31
N PRO G 73 -15.66 -2.26 60.28
CA PRO G 73 -14.86 -1.17 60.83
C PRO G 73 -14.56 -1.37 62.31
N VAL G 74 -13.38 -0.95 62.71
CA VAL G 74 -12.96 -1.03 64.11
C VAL G 74 -12.82 0.34 64.73
N ALA G 75 -12.39 1.34 63.97
CA ALA G 75 -12.08 2.64 64.52
C ALA G 75 -13.35 3.44 64.76
N SER G 76 -13.31 4.26 65.82
CA SER G 76 -14.46 5.10 66.17
C SER G 76 -13.98 6.18 67.12
N THR G 77 -14.30 7.43 66.83
CA THR G 77 -13.91 8.52 67.69
C THR G 77 -15.11 9.00 68.50
N THR G 78 -14.85 9.32 69.77
CA THR G 78 -15.91 9.72 70.69
C THR G 78 -15.48 10.95 71.46
N ASP G 79 -16.48 11.73 71.88
CA ASP G 79 -16.28 12.91 72.73
C ASP G 79 -16.27 12.44 74.18
N THR G 80 -15.07 12.12 74.67
CA THR G 80 -14.94 11.53 75.99
C THR G 80 -15.31 12.49 77.11
N THR G 81 -15.49 13.78 76.82
CA THR G 81 -15.93 14.73 77.83
C THR G 81 -17.23 14.32 78.49
N GLN G 82 -18.09 13.60 77.77
CA GLN G 82 -19.39 13.23 78.32
C GLN G 82 -19.77 11.79 78.00
N GLN G 83 -18.83 10.98 77.52
CA GLN G 83 -19.14 9.61 77.16
C GLN G 83 -17.90 8.76 77.29
N ASP G 84 -18.09 7.55 77.80
CA ASP G 84 -17.03 6.57 77.84
C ASP G 84 -16.90 5.90 76.48
N ARG G 85 -15.68 5.45 76.17
CA ARG G 85 -15.44 4.78 74.90
C ARG G 85 -16.15 3.44 74.88
N GLU G 86 -17.15 3.30 74.01
CA GLU G 86 -17.85 2.03 73.86
C GLU G 86 -17.01 1.14 72.95
N THR G 87 -16.15 0.34 73.57
CA THR G 87 -15.34 -0.59 72.80
C THR G 87 -16.25 -1.62 72.13
N SER G 88 -15.90 -2.00 70.90
CA SER G 88 -16.73 -2.86 70.09
C SER G 88 -15.95 -4.11 69.72
N ASP G 89 -16.59 -5.28 69.86
CA ASP G 89 -15.99 -6.54 69.46
C ASP G 89 -16.37 -6.82 68.01
N ILE G 90 -15.37 -6.76 67.12
CA ILE G 90 -15.60 -7.02 65.71
C ILE G 90 -15.19 -8.42 65.31
N SER G 91 -14.64 -9.21 66.23
CA SER G 91 -14.24 -10.58 65.91
C SER G 91 -15.44 -11.42 65.54
N THR G 92 -15.35 -12.12 64.41
CA THR G 92 -16.40 -13.03 63.98
C THR G 92 -15.75 -14.30 63.44
N MET G 93 -16.47 -15.40 63.53
CA MET G 93 -16.01 -16.67 62.98
C MET G 93 -17.20 -17.45 62.42
N ASP G 94 -16.96 -18.12 61.30
CA ASP G 94 -17.96 -18.95 60.64
C ASP G 94 -17.42 -20.38 60.51
N GLY G 95 -18.33 -21.31 60.32
CA GLY G 95 -17.96 -22.72 60.22
C GLY G 95 -18.42 -23.31 58.91
N ARG G 96 -17.55 -24.13 58.33
CA ARG G 96 -17.86 -24.86 57.10
C ARG G 96 -17.69 -26.35 57.39
N ARG G 97 -18.81 -27.07 57.48
CA ARG G 97 -18.75 -28.50 57.70
C ARG G 97 -18.59 -29.24 56.38
N TYR G 98 -18.21 -30.51 56.48
CA TYR G 98 -18.27 -31.39 55.33
C TYR G 98 -18.44 -32.82 55.79
N ARG G 99 -19.46 -33.48 55.26
CA ARG G 99 -19.78 -34.86 55.56
C ARG G 99 -19.03 -35.74 54.56
N CYS G 100 -18.14 -36.59 55.06
CA CYS G 100 -17.40 -37.49 54.17
C CYS G 100 -18.22 -38.76 53.92
N GLU G 101 -19.32 -38.58 53.19
CA GLU G 101 -20.25 -39.68 52.99
C GLU G 101 -19.60 -40.81 52.18
N GLN G 102 -20.37 -41.87 51.98
CA GLN G 102 -19.86 -43.12 51.44
C GLN G 102 -20.17 -43.23 49.96
N THR G 103 -19.21 -42.87 49.11
CA THR G 103 -19.26 -43.16 47.70
C THR G 103 -19.12 -44.67 47.53
N ASN G 104 -19.85 -45.23 46.57
CA ASN G 104 -20.02 -46.67 46.45
C ASN G 104 -19.82 -47.08 45.01
N SER G 105 -18.67 -47.70 44.70
CA SER G 105 -18.37 -48.22 43.38
C SER G 105 -18.36 -49.73 43.43
N ASP G 106 -19.31 -50.35 42.74
CA ASP G 106 -19.58 -51.78 42.90
C ASP G 106 -19.60 -52.47 41.55
N THR G 107 -18.54 -53.21 41.24
CA THR G 107 -18.38 -53.84 39.94
C THR G 107 -18.42 -55.35 40.10
N HIS G 108 -18.78 -56.05 39.03
CA HIS G 108 -18.70 -57.51 39.04
C HIS G 108 -18.34 -57.99 37.65
N ILE G 109 -17.48 -58.99 37.58
CA ILE G 109 -17.10 -59.59 36.30
C ILE G 109 -17.56 -61.03 36.26
N THR G 110 -18.47 -61.35 35.34
CA THR G 110 -19.00 -62.70 35.26
C THR G 110 -17.90 -63.66 34.87
N TYR G 111 -17.86 -64.81 35.54
CA TYR G 111 -16.83 -65.79 35.20
C TYR G 111 -17.00 -66.35 33.81
N GLN G 112 -18.23 -66.43 33.30
CA GLN G 112 -18.38 -66.83 31.91
C GLN G 112 -17.71 -65.83 30.98
N LYS G 113 -17.88 -64.54 31.25
CA LYS G 113 -17.21 -63.52 30.45
C LYS G 113 -15.73 -63.45 30.81
N LEU G 114 -15.35 -63.88 32.01
CA LEU G 114 -13.95 -63.82 32.40
C LEU G 114 -13.17 -64.95 31.77
N ASP G 115 -13.79 -66.11 31.59
CA ASP G 115 -13.06 -67.26 31.09
C ASP G 115 -13.27 -67.46 29.60
N ALA G 116 -14.42 -67.06 29.08
CA ALA G 116 -14.63 -67.20 27.64
C ALA G 116 -13.58 -66.45 26.86
N TRP G 117 -12.94 -65.46 27.49
CA TRP G 117 -11.85 -64.67 26.93
C TRP G 117 -10.51 -65.01 27.55
N ALA G 118 -10.38 -66.23 28.08
CA ALA G 118 -9.18 -66.58 28.83
C ALA G 118 -7.91 -66.58 28.01
N LYS G 119 -8.01 -66.65 26.68
CA LYS G 119 -6.79 -66.72 25.87
C LYS G 119 -5.95 -65.47 26.03
N PHE G 120 -6.56 -64.36 26.44
CA PHE G 120 -5.81 -63.14 26.72
C PHE G 120 -5.30 -63.18 28.16
N ALA G 121 -3.97 -63.13 28.31
CA ALA G 121 -3.38 -63.31 29.63
C ALA G 121 -3.58 -62.09 30.52
N ASP G 122 -3.63 -60.89 29.95
CA ASP G 122 -3.82 -59.67 30.72
C ASP G 122 -5.25 -59.18 30.71
N PHE G 123 -6.23 -60.06 30.53
CA PHE G 123 -7.61 -59.61 30.47
C PHE G 123 -8.06 -59.05 31.81
N GLN G 124 -7.74 -59.75 32.91
CA GLN G 124 -8.13 -59.25 34.22
C GLN G 124 -7.44 -57.93 34.54
N THR G 125 -6.15 -57.83 34.24
CA THR G 125 -5.43 -56.60 34.55
C THR G 125 -6.01 -55.42 33.79
N ARG G 126 -6.33 -55.61 32.52
CA ARG G 126 -6.90 -54.51 31.75
C ARG G 126 -8.27 -54.12 32.27
N ILE G 127 -9.07 -55.09 32.72
CA ILE G 127 -10.36 -54.75 33.28
C ILE G 127 -10.20 -53.92 34.54
N ARG G 128 -9.26 -54.30 35.41
CA ARG G 128 -9.03 -53.50 36.61
C ARG G 128 -8.49 -52.13 36.25
N ASP G 129 -7.60 -52.05 35.27
CA ASP G 129 -7.09 -50.75 34.86
C ASP G 129 -8.20 -49.87 34.30
N ALA G 130 -9.07 -50.45 33.46
CA ALA G 130 -10.19 -49.68 32.94
C ALA G 130 -11.08 -49.21 34.06
N ILE G 131 -11.34 -50.07 35.04
CA ILE G 131 -12.21 -49.69 36.14
C ILE G 131 -11.58 -48.62 37.01
N ILE G 132 -10.27 -48.68 37.25
CA ILE G 132 -9.65 -47.65 38.10
C ILE G 132 -9.59 -46.30 37.39
N LYS G 133 -9.32 -46.30 36.08
CA LYS G 133 -9.37 -45.04 35.36
C LYS G 133 -10.79 -44.48 35.38
N ARG G 134 -11.78 -45.33 35.18
CA ARG G 134 -13.16 -44.87 35.27
C ARG G 134 -13.48 -44.42 36.68
N GLN G 135 -12.82 -45.01 37.68
CA GLN G 135 -13.04 -44.60 39.06
C GLN G 135 -12.58 -43.16 39.26
N ALA G 136 -11.36 -42.86 38.85
CA ALA G 136 -10.86 -41.49 38.98
C ALA G 136 -11.73 -40.52 38.18
N LEU G 137 -12.06 -40.91 36.95
CA LEU G 137 -12.92 -40.07 36.12
C LEU G 137 -14.28 -39.85 36.77
N ASP G 138 -14.83 -40.87 37.42
CA ASP G 138 -16.13 -40.72 38.04
C ASP G 138 -16.03 -39.85 39.29
N ARG G 139 -14.86 -39.80 39.92
CA ARG G 139 -14.69 -38.83 41.00
C ARG G 139 -14.84 -37.41 40.48
N ILE G 140 -14.21 -37.10 39.35
CA ILE G 140 -14.45 -35.80 38.71
C ILE G 140 -15.93 -35.63 38.38
N MET G 141 -16.51 -36.67 37.79
CA MET G 141 -17.88 -36.60 37.31
C MET G 141 -18.85 -36.33 38.44
N ILE G 142 -18.65 -36.99 39.58
CA ILE G 142 -19.48 -36.77 40.76
C ILE G 142 -19.22 -35.37 41.33
N GLY G 143 -17.94 -35.01 41.46
CA GLY G 143 -17.60 -33.73 42.07
C GLY G 143 -18.14 -32.54 41.32
N PHE G 144 -18.48 -32.70 40.06
CA PHE G 144 -19.08 -31.59 39.34
C PHE G 144 -20.58 -31.73 39.15
N ASN G 145 -21.10 -32.95 39.04
CA ASN G 145 -22.52 -33.12 38.83
C ASN G 145 -23.30 -33.22 40.12
N GLY G 146 -22.79 -33.98 41.09
CA GLY G 146 -23.49 -34.31 42.30
C GLY G 146 -24.20 -33.13 42.94
N VAL G 147 -25.51 -33.23 43.05
CA VAL G 147 -26.32 -32.13 43.54
C VAL G 147 -27.09 -32.54 44.79
N SER G 148 -27.35 -33.84 44.93
CA SER G 148 -28.13 -34.34 46.05
C SER G 148 -27.52 -35.64 46.54
N ARG G 149 -27.54 -35.84 47.85
CA ARG G 149 -27.06 -37.07 48.47
C ARG G 149 -28.28 -37.93 48.79
N ALA G 150 -28.62 -38.81 47.86
CA ALA G 150 -29.78 -39.68 48.04
C ALA G 150 -29.38 -40.95 48.76
N ALA G 151 -30.32 -41.49 49.54
CA ALA G 151 -30.06 -42.74 50.25
C ALA G 151 -29.83 -43.88 49.28
N THR G 152 -30.61 -43.92 48.19
CA THR G 152 -30.44 -44.92 47.14
C THR G 152 -30.25 -44.21 45.81
N SER G 153 -29.24 -44.64 45.06
CA SER G 153 -28.88 -43.99 43.80
C SER G 153 -29.73 -44.56 42.69
N ASP G 154 -30.59 -43.72 42.10
CA ASP G 154 -31.37 -44.11 40.92
C ASP G 154 -30.55 -43.80 39.68
N ARG G 155 -30.05 -44.84 39.02
CA ARG G 155 -29.29 -44.62 37.80
C ARG G 155 -30.17 -44.10 36.67
N VAL G 156 -31.40 -44.60 36.55
CA VAL G 156 -32.26 -44.20 35.45
C VAL G 156 -32.58 -42.72 35.53
N ALA G 157 -32.95 -42.23 36.72
CA ALA G 157 -33.33 -40.84 36.86
C ALA G 157 -32.12 -39.91 36.88
N ASN G 158 -30.96 -40.41 37.30
CA ASN G 158 -29.76 -39.58 37.44
C ASN G 158 -28.60 -40.26 36.74
N PRO G 159 -28.61 -40.27 35.40
CA PRO G 159 -27.52 -40.90 34.65
C PRO G 159 -26.18 -40.24 34.87
N MET G 160 -26.17 -39.00 35.35
CA MET G 160 -24.94 -38.24 35.50
C MET G 160 -24.33 -38.35 36.89
N LEU G 161 -24.84 -39.25 37.73
CA LEU G 161 -24.39 -39.40 39.12
C LEU G 161 -24.63 -38.11 39.89
N GLN G 162 -25.89 -37.71 39.96
CA GLN G 162 -26.26 -36.49 40.65
C GLN G 162 -26.93 -36.74 41.99
N ASP G 163 -27.40 -37.96 42.25
CA ASP G 163 -28.01 -38.34 43.51
C ASP G 163 -27.00 -38.97 44.46
N VAL G 164 -25.75 -38.56 44.38
CA VAL G 164 -24.65 -39.09 45.19
C VAL G 164 -23.92 -37.94 45.85
N ASN G 165 -22.79 -38.24 46.49
CA ASN G 165 -22.04 -37.28 47.30
C ASN G 165 -22.02 -35.90 46.67
N LYS G 166 -22.14 -34.88 47.52
CA LYS G 166 -22.29 -33.51 47.05
C LYS G 166 -21.04 -33.06 46.31
N GLY G 167 -21.24 -32.46 45.15
CA GLY G 167 -20.12 -31.96 44.38
C GLY G 167 -19.70 -30.56 44.80
N TRP G 168 -18.58 -30.13 44.22
CA TRP G 168 -18.06 -28.80 44.50
C TRP G 168 -19.08 -27.73 44.16
N LEU G 169 -19.66 -27.82 42.96
CA LEU G 169 -20.63 -26.81 42.55
C LEU G 169 -21.81 -26.79 43.51
N GLN G 170 -22.16 -27.93 44.07
CA GLN G 170 -23.24 -27.93 45.05
C GLN G 170 -22.82 -27.23 46.34
N ASN G 171 -21.55 -27.36 46.71
CA ASN G 171 -21.08 -26.63 47.89
C ASN G 171 -21.24 -25.12 47.68
N LEU G 172 -20.92 -24.62 46.50
CA LEU G 172 -21.16 -23.21 46.24
C LEU G 172 -22.65 -22.87 46.33
N ARG G 173 -23.50 -23.73 45.79
CA ARG G 173 -24.93 -23.47 45.88
C ARG G 173 -25.42 -23.47 47.32
N GLU G 174 -24.72 -24.16 48.21
CA GLU G 174 -25.19 -24.25 49.59
C GLU G 174 -24.43 -23.32 50.53
N GLN G 175 -23.11 -23.23 50.43
CA GLN G 175 -22.33 -22.31 51.23
C GLN G 175 -21.80 -21.18 50.35
N ALA G 176 -22.03 -19.95 50.78
CA ALA G 176 -21.82 -18.73 50.02
C ALA G 176 -22.68 -18.73 48.75
N PRO G 177 -24.01 -18.69 48.89
CA PRO G 177 -24.87 -18.66 47.70
C PRO G 177 -24.92 -17.31 47.01
N GLN G 178 -24.17 -16.31 47.48
CA GLN G 178 -23.98 -15.13 46.66
C GLN G 178 -22.85 -15.31 45.66
N ARG G 179 -22.06 -16.37 45.80
CA ARG G 179 -21.07 -16.72 44.79
C ARG G 179 -21.70 -17.25 43.52
N VAL G 180 -22.95 -17.69 43.59
CA VAL G 180 -23.60 -18.39 42.49
C VAL G 180 -24.48 -17.39 41.75
N MET G 181 -24.13 -17.10 40.51
CA MET G 181 -24.97 -16.24 39.68
C MET G 181 -26.09 -17.10 39.11
N LYS G 182 -27.14 -17.27 39.92
CA LYS G 182 -28.26 -18.09 39.49
C LYS G 182 -29.01 -17.44 38.33
N GLU G 183 -29.26 -16.14 38.41
CA GLU G 183 -29.98 -15.43 37.36
C GLU G 183 -29.23 -14.16 37.01
N GLY G 184 -29.48 -13.67 35.80
CA GLY G 184 -28.85 -12.48 35.30
C GLY G 184 -29.78 -11.28 35.27
N LYS G 185 -29.42 -10.31 34.44
CA LYS G 185 -30.16 -9.05 34.35
C LYS G 185 -31.62 -9.30 34.04
N ALA G 186 -32.49 -9.08 35.02
CA ALA G 186 -33.94 -9.27 34.90
C ALA G 186 -34.27 -10.61 34.26
N ALA G 187 -33.36 -11.58 34.37
CA ALA G 187 -33.47 -12.83 33.65
C ALA G 187 -34.42 -13.78 34.36
N ALA G 188 -35.16 -14.56 33.57
CA ALA G 188 -36.16 -15.48 34.10
C ALA G 188 -35.45 -16.76 34.59
N GLY G 189 -34.71 -16.60 35.68
CA GLY G 189 -34.01 -17.72 36.27
C GLY G 189 -32.94 -18.31 35.37
N LYS G 190 -32.22 -17.47 34.66
CA LYS G 190 -31.12 -17.92 33.81
C LYS G 190 -30.22 -16.72 33.54
N ILE G 191 -29.24 -16.93 32.67
CA ILE G 191 -28.37 -15.85 32.20
C ILE G 191 -28.28 -15.97 30.69
N THR G 192 -28.71 -14.92 29.99
CA THR G 192 -28.61 -14.96 28.54
C THR G 192 -27.23 -14.50 28.11
N VAL G 193 -27.07 -14.26 26.82
CA VAL G 193 -25.87 -13.71 26.25
C VAL G 193 -26.26 -12.63 25.25
N GLY G 194 -25.25 -12.09 24.55
CA GLY G 194 -25.42 -10.91 23.73
C GLY G 194 -26.45 -10.97 22.62
N GLY G 195 -27.14 -12.10 22.48
CA GLY G 195 -28.10 -12.26 21.40
C GLY G 195 -29.20 -11.22 21.38
N ALA G 196 -29.81 -10.95 22.52
CA ALA G 196 -30.95 -10.05 22.60
C ALA G 196 -30.73 -9.02 23.71
N GLY G 197 -31.16 -7.79 23.44
CA GLY G 197 -31.05 -6.72 24.41
C GLY G 197 -29.63 -6.49 24.88
N ALA G 198 -29.41 -6.66 26.18
CA ALA G 198 -28.08 -6.46 26.76
C ALA G 198 -28.00 -7.31 28.03
N ASP G 199 -27.25 -8.41 27.97
CA ASP G 199 -27.02 -9.20 29.17
C ASP G 199 -25.72 -9.98 28.99
N TYR G 200 -24.65 -9.49 29.61
CA TYR G 200 -23.38 -10.19 29.71
C TYR G 200 -22.76 -10.55 28.38
N GLY G 201 -23.23 -9.96 27.28
CA GLY G 201 -22.55 -10.08 26.00
C GLY G 201 -22.04 -11.46 25.65
N ASN G 202 -20.72 -11.61 25.56
CA ASN G 202 -20.09 -12.90 25.37
C ASN G 202 -19.67 -13.48 26.72
N LEU G 203 -19.29 -14.76 26.70
CA LEU G 203 -18.89 -15.41 27.95
C LEU G 203 -17.68 -14.76 28.57
N ASP G 204 -16.81 -14.16 27.77
CA ASP G 204 -15.71 -13.37 28.32
C ASP G 204 -16.25 -12.32 29.28
N ALA G 205 -17.34 -11.66 28.91
CA ALA G 205 -17.94 -10.66 29.79
C ALA G 205 -18.52 -11.30 31.04
N LEU G 206 -19.18 -12.45 30.91
CA LEU G 206 -19.74 -13.10 32.08
C LEU G 206 -18.64 -13.50 33.06
N VAL G 207 -17.56 -14.08 32.55
CA VAL G 207 -16.43 -14.43 33.41
C VAL G 207 -15.82 -13.18 34.01
N TYR G 208 -15.73 -12.11 33.23
CA TYR G 208 -15.12 -10.89 33.74
C TYR G 208 -15.90 -10.34 34.92
N ASP G 209 -17.23 -10.32 34.81
CA ASP G 209 -18.06 -9.87 35.92
C ASP G 209 -18.00 -10.85 37.09
N ILE G 210 -17.98 -12.15 36.81
CA ILE G 210 -17.86 -13.11 37.89
C ILE G 210 -16.56 -12.90 38.65
N THR G 211 -15.47 -12.66 37.93
CA THR G 211 -14.19 -12.41 38.57
C THR G 211 -14.20 -11.10 39.36
N ASN G 212 -14.82 -10.06 38.81
CA ASN G 212 -14.75 -8.75 39.44
C ASN G 212 -15.92 -8.44 40.37
N HIS G 213 -16.92 -9.31 40.44
CA HIS G 213 -18.06 -9.04 41.32
C HIS G 213 -18.43 -10.21 42.22
N LEU G 214 -18.06 -11.43 41.89
CA LEU G 214 -18.34 -12.59 42.73
C LEU G 214 -17.13 -13.19 43.39
N VAL G 215 -15.96 -12.67 43.15
CA VAL G 215 -14.75 -13.18 43.77
C VAL G 215 -14.23 -12.15 44.75
N GLU G 216 -13.59 -12.63 45.82
CA GLU G 216 -12.93 -11.74 46.77
C GLU G 216 -11.89 -10.90 46.05
N PRO G 217 -11.82 -9.62 46.42
CA PRO G 217 -11.06 -8.66 45.64
C PRO G 217 -9.59 -9.02 45.54
N TRP G 218 -9.03 -9.67 46.57
CA TRP G 218 -7.61 -9.98 46.60
C TRP G 218 -7.26 -11.22 45.81
N TYR G 219 -8.24 -11.89 45.21
CA TYR G 219 -7.97 -12.99 44.32
C TYR G 219 -8.31 -12.72 42.86
N ALA G 220 -9.05 -11.65 42.57
CA ALA G 220 -9.37 -11.36 41.18
C ALA G 220 -8.13 -11.11 40.34
N GLU G 221 -7.04 -10.68 40.98
CA GLU G 221 -5.78 -10.46 40.28
C GLU G 221 -4.90 -11.70 40.29
N ASP G 222 -5.39 -12.81 40.82
CA ASP G 222 -4.55 -13.98 40.99
C ASP G 222 -4.13 -14.51 39.63
N PRO G 223 -2.86 -14.85 39.45
CA PRO G 223 -2.41 -15.31 38.14
C PRO G 223 -2.66 -16.80 37.92
N ASP G 224 -3.55 -17.37 38.72
CA ASP G 224 -3.80 -18.80 38.66
C ASP G 224 -5.28 -19.14 38.56
N LEU G 225 -6.18 -18.16 38.64
CA LEU G 225 -7.60 -18.47 38.45
C LEU G 225 -7.80 -19.16 37.12
N VAL G 226 -8.63 -20.20 37.12
CA VAL G 226 -8.96 -20.88 35.89
C VAL G 226 -10.46 -20.99 35.77
N VAL G 227 -10.93 -21.07 34.55
CA VAL G 227 -12.33 -21.25 34.25
C VAL G 227 -12.57 -22.71 33.91
N VAL G 228 -13.19 -23.43 34.83
CA VAL G 228 -13.53 -24.83 34.64
C VAL G 228 -14.87 -24.89 33.94
N CYS G 229 -14.92 -25.59 32.81
CA CYS G 229 -16.18 -25.72 32.10
C CYS G 229 -16.10 -26.93 31.19
N GLY G 230 -17.26 -27.36 30.72
CA GLY G 230 -17.30 -28.50 29.82
C GLY G 230 -16.87 -28.13 28.42
N ARG G 231 -16.54 -29.17 27.65
CA ARG G 231 -16.18 -28.95 26.25
C ARG G 231 -17.29 -28.25 25.50
N ASN G 232 -18.54 -28.52 25.85
CA ASN G 232 -19.66 -27.95 25.14
C ASN G 232 -19.67 -26.43 25.26
N LEU G 233 -19.45 -25.91 26.47
CA LEU G 233 -19.53 -24.46 26.66
C LEU G 233 -18.46 -23.74 25.87
N LEU G 234 -17.20 -24.15 26.03
CA LEU G 234 -16.11 -23.47 25.34
C LEU G 234 -16.24 -23.64 23.83
N SER G 235 -16.70 -24.81 23.39
CA SER G 235 -16.91 -25.02 21.96
C SER G 235 -17.98 -24.07 21.42
N ASP G 236 -19.06 -23.89 22.15
CA ASP G 236 -20.07 -22.94 21.72
C ASP G 236 -19.58 -21.50 21.80
N LYS G 237 -18.64 -21.21 22.69
CA LYS G 237 -18.02 -19.90 22.69
C LYS G 237 -17.24 -19.65 21.41
N TYR G 238 -16.39 -20.60 21.03
CA TYR G 238 -15.54 -20.41 19.86
C TYR G 238 -16.23 -20.73 18.55
N PHE G 239 -17.40 -21.36 18.58
CA PHE G 239 -18.12 -21.65 17.34
C PHE G 239 -18.41 -20.38 16.55
N PRO G 240 -19.01 -19.33 17.10
CA PRO G 240 -19.27 -18.13 16.29
C PRO G 240 -18.00 -17.47 15.78
N LEU G 241 -16.84 -17.77 16.37
CA LEU G 241 -15.61 -17.21 15.84
C LEU G 241 -15.28 -17.76 14.47
N VAL G 242 -15.83 -18.92 14.09
CA VAL G 242 -15.55 -19.50 12.79
C VAL G 242 -16.84 -19.81 12.06
N ASN G 243 -17.94 -19.23 12.48
CA ASN G 243 -19.19 -19.52 11.81
C ASN G 243 -19.90 -18.29 11.29
N ARG G 244 -19.80 -17.17 11.97
CA ARG G 244 -20.61 -16.03 11.56
C ARG G 244 -20.04 -15.29 10.37
N ASP G 245 -19.14 -15.93 9.62
CA ASP G 245 -18.62 -15.39 8.37
C ASP G 245 -17.91 -14.06 8.59
N ARG G 246 -16.84 -14.10 9.37
CA ARG G 246 -16.05 -12.90 9.64
C ARG G 246 -15.17 -12.54 8.45
N ASP G 247 -14.57 -11.37 8.52
CA ASP G 247 -13.60 -10.95 7.52
C ASP G 247 -12.29 -11.69 7.73
N PRO G 248 -11.46 -11.78 6.69
CA PRO G 248 -10.20 -12.54 6.81
C PRO G 248 -9.29 -12.08 7.94
N VAL G 249 -9.23 -10.78 8.23
CA VAL G 249 -8.42 -10.32 9.35
C VAL G 249 -8.98 -10.87 10.65
N GLN G 250 -10.30 -10.74 10.84
CA GLN G 250 -10.92 -11.36 11.99
C GLN G 250 -10.81 -12.87 11.95
N GLN G 251 -10.65 -13.48 10.78
CA GLN G 251 -10.43 -14.93 10.74
C GLN G 251 -9.06 -15.29 11.29
N ILE G 252 -8.03 -14.52 10.94
CA ILE G 252 -6.72 -14.75 11.55
C ILE G 252 -6.81 -14.52 13.06
N ALA G 253 -7.52 -13.47 13.47
CA ALA G 253 -7.69 -13.20 14.90
C ALA G 253 -8.43 -14.33 15.60
N ALA G 254 -9.44 -14.91 14.93
CA ALA G 254 -10.15 -16.04 15.50
C ALA G 254 -9.21 -17.22 15.70
N ASP G 255 -8.33 -17.46 14.73
CA ASP G 255 -7.32 -18.50 14.90
C ASP G 255 -6.54 -18.30 16.18
N LEU G 256 -6.08 -17.07 16.40
CA LEU G 256 -5.31 -16.77 17.59
C LEU G 256 -6.13 -17.00 18.85
N ILE G 257 -7.37 -16.52 18.87
CA ILE G 257 -8.14 -16.58 20.10
C ILE G 257 -8.45 -18.03 20.46
N ILE G 258 -8.72 -18.88 19.46
CA ILE G 258 -9.00 -20.28 19.80
C ILE G 258 -7.72 -21.06 20.03
N SER G 259 -6.56 -20.55 19.60
CA SER G 259 -5.32 -21.19 20.01
C SER G 259 -5.07 -20.99 21.50
N GLN G 260 -5.52 -19.87 22.05
CA GLN G 260 -5.41 -19.58 23.48
C GLN G 260 -6.78 -19.86 24.09
N LYS G 261 -6.98 -21.10 24.53
CA LYS G 261 -8.30 -21.54 25.00
C LYS G 261 -8.83 -20.71 26.15
N ARG G 262 -8.01 -19.85 26.73
CA ARG G 262 -8.41 -19.10 27.93
C ARG G 262 -9.65 -18.25 27.68
N ILE G 263 -10.54 -18.22 28.67
CA ILE G 263 -11.76 -17.42 28.64
C ILE G 263 -11.50 -16.16 29.42
N GLY G 264 -12.13 -15.05 29.00
CA GLY G 264 -11.87 -13.79 29.67
C GLY G 264 -10.40 -13.49 29.55
N ASN G 265 -9.67 -13.65 30.64
CA ASN G 265 -8.23 -13.76 30.60
C ASN G 265 -7.76 -15.00 31.35
N LEU G 266 -8.68 -15.81 31.82
CA LEU G 266 -8.39 -16.95 32.68
C LEU G 266 -8.18 -18.19 31.83
N PRO G 267 -7.12 -18.96 32.07
CA PRO G 267 -6.91 -20.19 31.30
C PRO G 267 -8.12 -21.11 31.41
N ALA G 268 -8.53 -21.65 30.27
CA ALA G 268 -9.71 -22.50 30.23
C ALA G 268 -9.34 -23.96 30.43
N ILE G 269 -10.16 -24.67 31.19
CA ILE G 269 -9.98 -26.09 31.46
C ILE G 269 -11.28 -26.80 31.11
N ARG G 270 -11.23 -27.68 30.12
CA ARG G 270 -12.38 -28.48 29.73
C ARG G 270 -12.26 -29.84 30.42
N VAL G 271 -13.15 -30.10 31.38
CA VAL G 271 -13.15 -31.35 32.12
C VAL G 271 -14.38 -32.15 31.72
N PRO G 272 -14.31 -33.48 31.74
CA PRO G 272 -15.45 -34.29 31.30
C PRO G 272 -16.63 -34.20 32.26
N TYR G 273 -17.82 -34.24 31.67
CA TYR G 273 -19.11 -34.29 32.37
C TYR G 273 -19.35 -33.10 33.29
N PHE G 274 -18.66 -32.00 33.06
CA PHE G 274 -19.03 -30.77 33.75
C PHE G 274 -20.46 -30.39 33.34
N PRO G 275 -21.31 -30.01 34.29
CA PRO G 275 -22.72 -29.81 33.97
C PRO G 275 -22.92 -28.78 32.87
N ALA G 276 -23.95 -29.02 32.07
CA ALA G 276 -24.16 -28.20 30.87
C ALA G 276 -24.46 -26.76 31.24
N ASN G 277 -23.95 -25.84 30.42
CA ASN G 277 -24.16 -24.41 30.61
C ASN G 277 -23.71 -23.96 31.99
N GLY G 278 -22.61 -24.53 32.45
CA GLY G 278 -22.06 -24.18 33.75
C GLY G 278 -20.65 -23.66 33.58
N LEU G 279 -20.19 -22.96 34.62
CA LEU G 279 -18.89 -22.30 34.53
C LEU G 279 -18.40 -22.05 35.94
N LEU G 280 -17.18 -22.46 36.25
CA LEU G 280 -16.65 -22.39 37.61
C LEU G 280 -15.35 -21.61 37.59
N VAL G 281 -15.39 -20.35 37.99
CA VAL G 281 -14.19 -19.54 38.10
C VAL G 281 -13.56 -19.83 39.46
N THR G 282 -12.43 -20.52 39.46
CA THR G 282 -11.72 -20.79 40.70
C THR G 282 -10.33 -21.31 40.39
N ARG G 283 -9.45 -21.20 41.37
CA ARG G 283 -8.16 -21.86 41.27
C ARG G 283 -8.36 -23.36 41.39
N LEU G 284 -7.36 -24.14 40.97
CA LEU G 284 -7.48 -25.58 41.15
C LEU G 284 -6.99 -26.01 42.52
N ASP G 285 -6.01 -25.31 43.09
CA ASP G 285 -5.61 -25.62 44.45
C ASP G 285 -6.77 -25.44 45.41
N ASN G 286 -7.72 -24.59 45.05
CA ASN G 286 -8.86 -24.26 45.89
C ASN G 286 -9.85 -25.40 46.00
N LEU G 287 -9.67 -26.48 45.23
CA LEU G 287 -10.55 -27.62 45.28
C LEU G 287 -9.84 -28.81 45.92
N SER G 288 -10.51 -29.46 46.85
CA SER G 288 -9.90 -30.58 47.53
C SER G 288 -10.92 -31.70 47.64
N ILE G 289 -10.41 -32.93 47.58
CA ILE G 289 -11.19 -34.12 47.84
C ILE G 289 -10.65 -34.69 49.13
N TYR G 290 -11.29 -34.35 50.24
CA TYR G 290 -10.88 -34.85 51.54
C TYR G 290 -11.51 -36.23 51.70
N TYR G 291 -10.70 -37.27 51.60
CA TYR G 291 -11.23 -38.60 51.77
C TYR G 291 -10.89 -39.11 53.16
N GLN G 292 -11.79 -39.90 53.71
CA GLN G 292 -11.62 -40.39 55.08
C GLN G 292 -10.61 -41.51 55.08
N GLU G 293 -9.53 -41.33 55.83
CA GLU G 293 -8.49 -42.34 55.90
C GLU G 293 -9.06 -43.65 56.45
N GLY G 294 -8.66 -44.75 55.83
CA GLY G 294 -9.16 -46.06 56.22
C GLY G 294 -10.59 -46.34 55.87
N GLY G 295 -11.36 -45.32 55.48
CA GLY G 295 -12.71 -45.56 55.03
C GLY G 295 -12.81 -46.07 53.62
N ARG G 296 -11.69 -46.27 52.94
CA ARG G 296 -11.66 -46.82 51.58
C ARG G 296 -11.55 -48.32 51.68
N ARG G 297 -12.62 -49.03 51.33
CA ARG G 297 -12.66 -50.45 51.55
C ARG G 297 -12.82 -51.21 50.25
N ARG G 298 -11.99 -52.25 50.09
CA ARG G 298 -11.94 -53.07 48.88
C ARG G 298 -12.24 -54.51 49.24
N THR G 299 -13.43 -54.96 48.88
CA THR G 299 -13.90 -56.31 49.17
C THR G 299 -13.82 -57.14 47.90
N ILE G 300 -13.12 -58.27 47.97
CA ILE G 300 -13.09 -59.24 46.88
C ILE G 300 -14.00 -60.39 47.29
N LEU G 301 -15.17 -60.45 46.67
CA LEU G 301 -16.13 -61.50 46.98
C LEU G 301 -16.28 -62.41 45.76
N ASP G 302 -15.88 -63.67 45.89
CA ASP G 302 -15.97 -64.60 44.78
C ASP G 302 -17.37 -65.19 44.79
N ASN G 303 -18.32 -64.39 44.31
CA ASN G 303 -19.72 -64.76 44.43
C ASN G 303 -20.04 -65.89 43.46
N ALA G 304 -19.77 -67.12 43.90
CA ALA G 304 -20.09 -68.29 43.10
C ALA G 304 -21.58 -68.52 42.96
N LYS G 305 -22.39 -67.99 43.88
CA LYS G 305 -23.84 -68.11 43.77
C LYS G 305 -24.35 -67.46 42.48
N ARG G 306 -23.62 -66.50 41.94
CA ARG G 306 -23.95 -65.93 40.64
C ARG G 306 -22.83 -66.15 39.62
N ASP G 307 -21.86 -67.00 39.94
CA ASP G 307 -20.76 -67.35 39.04
C ASP G 307 -20.01 -66.11 38.56
N ARG G 308 -19.75 -65.19 39.47
CA ARG G 308 -19.14 -63.93 39.08
C ARG G 308 -18.20 -63.44 40.17
N ILE G 309 -17.15 -62.74 39.77
CA ILE G 309 -16.18 -62.19 40.70
C ILE G 309 -16.57 -60.75 40.98
N GLU G 310 -16.89 -60.44 42.23
CA GLU G 310 -17.37 -59.13 42.61
C GLU G 310 -16.29 -58.33 43.31
N ASN G 311 -16.29 -57.03 43.04
CA ASN G 311 -15.50 -56.07 43.81
C ASN G 311 -16.44 -55.02 44.36
N TYR G 312 -16.21 -54.66 45.62
CA TYR G 312 -16.92 -53.57 46.26
C TYR G 312 -15.90 -52.52 46.67
N GLU G 313 -16.25 -51.25 46.50
CA GLU G 313 -15.36 -50.13 46.79
C GLU G 313 -16.18 -49.07 47.50
N SER G 314 -16.07 -49.05 48.82
CA SER G 314 -16.72 -48.01 49.62
C SER G 314 -15.69 -46.93 49.91
N SER G 315 -15.80 -45.81 49.23
CA SER G 315 -14.88 -44.71 49.41
C SER G 315 -15.62 -43.56 50.09
N ASN G 316 -15.15 -43.15 51.24
CA ASN G 316 -15.76 -42.04 51.98
C ASN G 316 -14.96 -40.79 51.67
N ASP G 317 -15.43 -40.04 50.68
CA ASP G 317 -14.82 -38.78 50.28
C ASP G 317 -15.86 -37.69 50.17
N ALA G 318 -15.44 -36.46 50.41
CA ALA G 318 -16.29 -35.29 50.31
C ALA G 318 -15.57 -34.25 49.46
N TYR G 319 -16.35 -33.50 48.71
CA TYR G 319 -15.82 -32.49 47.80
C TYR G 319 -15.92 -31.14 48.48
N VAL G 320 -14.78 -30.57 48.84
CA VAL G 320 -14.69 -29.39 49.67
C VAL G 320 -13.94 -28.31 48.91
N ILE G 321 -14.53 -27.13 48.83
CA ILE G 321 -13.87 -25.98 48.22
C ILE G 321 -13.17 -25.24 49.35
N GLU G 322 -11.85 -25.44 49.50
CA GLU G 322 -11.16 -25.04 50.70
C GLU G 322 -11.29 -23.56 51.01
N ASP G 323 -11.82 -22.76 50.09
CA ASP G 323 -11.99 -21.33 50.33
C ASP G 323 -13.02 -20.80 49.34
N LEU G 324 -14.11 -20.26 49.85
CA LEU G 324 -15.17 -19.74 49.00
C LEU G 324 -14.90 -18.32 48.53
N ALA G 325 -13.79 -17.72 48.96
CA ALA G 325 -13.45 -16.38 48.48
C ALA G 325 -13.15 -16.40 46.99
N CYS G 326 -12.44 -17.41 46.52
CA CYS G 326 -11.97 -17.46 45.14
C CYS G 326 -12.63 -18.59 44.36
N ALA G 327 -13.93 -18.76 44.53
CA ALA G 327 -14.67 -19.80 43.82
C ALA G 327 -16.07 -19.25 43.55
N ALA G 328 -16.25 -18.69 42.37
CA ALA G 328 -17.57 -18.23 41.96
C ALA G 328 -18.00 -19.05 40.76
N MET G 329 -19.28 -19.00 40.44
CA MET G 329 -19.75 -19.80 39.32
C MET G 329 -21.09 -19.27 38.85
N ALA G 330 -21.47 -19.70 37.66
CA ALA G 330 -22.74 -19.36 37.05
C ALA G 330 -23.38 -20.62 36.47
N GLU G 331 -24.71 -20.65 36.54
CA GLU G 331 -25.49 -21.77 36.06
C GLU G 331 -26.57 -21.24 35.12
N ASN G 332 -27.05 -22.13 34.26
CA ASN G 332 -28.14 -21.81 33.34
C ASN G 332 -27.75 -20.65 32.41
N ILE G 333 -26.72 -20.90 31.63
CA ILE G 333 -26.32 -19.99 30.58
C ILE G 333 -27.08 -20.35 29.31
N ALA G 334 -27.80 -19.38 28.74
CA ALA G 334 -28.64 -19.68 27.59
C ALA G 334 -27.82 -19.99 26.35
N LEU G 335 -26.76 -19.21 26.11
CA LEU G 335 -25.90 -19.35 24.93
C LEU G 335 -26.72 -19.17 23.64
N ALA G 336 -27.58 -18.16 23.63
CA ALA G 336 -28.34 -17.80 22.43
C ALA G 336 -28.82 -16.36 22.52
#